data_3FNU
#
_entry.id   3FNU
#
_cell.length_a   166.100
_cell.length_b   166.100
_cell.length_c   276.900
_cell.angle_alpha   90.00
_cell.angle_beta   90.00
_cell.angle_gamma   90.00
#
_symmetry.space_group_name_H-M   'I 41 2 2'
#
loop_
_entity.id
_entity.type
_entity.pdbx_description
1 polymer 'HAP protein'
2 non-polymer (4R)-3-[(2S,3S)-3-{[(2,6-dimethylphenoxy)acetyl]amino}-2-hydroxy-4-phenylbutanoyl]-N-[(1S,2R)-2-hydroxy-2,3-dihydro-1H-inden-1-yl]-5,5-dimethyl-1,3-thiazolidine-4-carboxamide
3 water water
#
_entity_poly.entity_id   1
_entity_poly.type   'polypeptide(L)'
_entity_poly.pdbx_seq_one_letter_code
;SYLGSEFDNVELKDLANVLSFGEAKLGDNGQKFNFLFHTASSNVWVPSIKCTSESCESKNHYDSSKSKTYEKDDTPVKLT
SKAGTISGIFSKDLVTIGKLSVPYKFIEMTEIVGFEPFYSESDVDGVFGLGWKDLSIGSIDPYIVELKTQNKIEQAVYSI
YLPPENKNKGYLTIGGIEERFFDGPLNYEKLNHDLMWQVDLDVHFGNVSSKKANVILDSATSVITVPTEFFNQFVESASV
FKVPFLSLYVTTCGNTKLPTLEYRSPNKVYTLEPKQYLEPLENIFSALCMLNIVPIDLEKNTFVLGDPFMRKYFTVYDYD
NHTVGFALAKNL
;
_entity_poly.pdbx_strand_id   A,B,C,D
#
# COMPACT_ATOMS: atom_id res chain seq x y z
N GLU A 6 -29.70 -51.87 23.24
CA GLU A 6 -28.34 -50.73 23.81
C GLU A 6 -28.76 -49.34 23.28
N PHE A 7 -27.80 -48.53 22.82
CA PHE A 7 -28.17 -47.24 22.21
C PHE A 7 -27.78 -47.12 20.75
N ASP A 8 -28.49 -46.25 20.04
CA ASP A 8 -28.32 -46.11 18.61
C ASP A 8 -27.02 -45.42 18.20
N ASN A 9 -26.31 -46.05 17.27
CA ASN A 9 -25.01 -45.59 16.80
C ASN A 9 -25.04 -44.94 15.44
N VAL A 10 -23.92 -44.34 15.07
CA VAL A 10 -23.58 -44.07 13.68
C VAL A 10 -22.07 -43.94 13.60
N GLU A 11 -21.46 -44.75 12.74
CA GLU A 11 -20.03 -44.69 12.56
C GLU A 11 -19.57 -43.34 12.05
N LEU A 12 -18.56 -42.79 12.69
CA LEU A 12 -17.95 -41.58 12.21
C LEU A 12 -16.75 -41.96 11.34
N LYS A 13 -16.80 -41.45 10.11
CA LYS A 13 -15.80 -41.67 9.07
C LYS A 13 -14.87 -40.47 9.06
N ASP A 14 -13.60 -40.68 8.72
CA ASP A 14 -12.60 -39.60 8.70
C ASP A 14 -12.44 -39.03 7.30
N LEU A 15 -12.40 -37.70 7.17
CA LEU A 15 -12.15 -37.08 5.86
C LEU A 15 -10.92 -36.20 5.75
N ALA A 16 -11.02 -34.91 6.06
CA ALA A 16 -9.82 -34.05 6.00
C ALA A 16 -9.27 -33.91 7.41
N ASN A 17 -8.88 -35.04 7.98
CA ASN A 17 -8.46 -35.14 9.38
C ASN A 17 -9.48 -34.68 10.45
N VAL A 18 -10.71 -34.42 10.02
CA VAL A 18 -11.80 -34.24 10.96
C VAL A 18 -12.62 -35.51 10.96
N LEU A 19 -12.82 -36.08 12.13
CA LEU A 19 -13.54 -37.34 12.24
C LEU A 19 -14.97 -37.10 12.75
N SER A 20 -15.87 -36.68 11.87
CA SER A 20 -17.30 -36.63 12.23
C SER A 20 -18.25 -36.65 11.01
N PHE A 21 -17.87 -37.44 10.03
CA PHE A 21 -18.74 -37.70 8.88
C PHE A 21 -19.47 -39.02 9.04
N GLY A 22 -20.77 -38.99 8.85
CA GLY A 22 -21.58 -40.18 8.99
C GLY A 22 -22.80 -40.18 8.11
N GLU A 23 -23.51 -41.31 8.12
CA GLU A 23 -24.67 -41.54 7.26
C GLU A 23 -26.00 -41.40 8.01
N ALA A 24 -26.93 -40.66 7.43
CA ALA A 24 -28.31 -40.66 7.90
C ALA A 24 -29.24 -40.77 6.69
N LYS A 25 -30.52 -41.04 6.92
CA LYS A 25 -31.47 -41.30 5.81
C LYS A 25 -32.71 -40.41 5.83
N LEU A 26 -33.09 -39.88 4.67
CA LEU A 26 -34.31 -39.05 4.57
C LEU A 26 -35.40 -39.69 3.71
N GLY A 27 -36.65 -39.44 4.08
CA GLY A 27 -37.81 -39.94 3.33
C GLY A 27 -38.28 -41.34 3.71
N ASP A 28 -39.47 -41.72 3.25
CA ASP A 28 -40.01 -43.06 3.53
C ASP A 28 -39.30 -44.17 2.76
N ASN A 29 -38.71 -43.80 1.63
CA ASN A 29 -37.89 -44.69 0.80
C ASN A 29 -36.42 -44.75 1.23
N GLY A 30 -36.08 -44.06 2.32
CA GLY A 30 -34.76 -44.12 2.91
C GLY A 30 -33.58 -43.76 2.01
N GLN A 31 -33.60 -42.55 1.45
CA GLN A 31 -32.48 -42.03 0.67
C GLN A 31 -31.31 -41.73 1.61
N LYS A 32 -30.14 -42.34 1.34
CA LYS A 32 -28.94 -42.12 2.16
C LYS A 32 -28.21 -40.81 1.86
N PHE A 33 -27.54 -40.25 2.86
CA PHE A 33 -26.73 -39.04 2.69
C PHE A 33 -25.51 -39.05 3.58
N ASN A 34 -24.38 -38.59 3.04
CA ASN A 34 -23.19 -38.38 3.87
C ASN A 34 -23.25 -37.02 4.53
N PHE A 35 -23.10 -37.01 5.85
CA PHE A 35 -23.29 -35.80 6.63
C PHE A 35 -22.06 -35.44 7.47
N LEU A 36 -21.79 -34.14 7.58
CA LEU A 36 -20.96 -33.66 8.66
C LEU A 36 -21.87 -33.45 9.85
N PHE A 37 -21.71 -34.27 10.89
CA PHE A 37 -22.41 -34.04 12.15
C PHE A 37 -21.70 -32.93 12.91
N HIS A 38 -22.37 -31.79 13.04
CA HIS A 38 -21.75 -30.55 13.47
C HIS A 38 -22.41 -30.12 14.76
N THR A 39 -21.62 -30.12 15.82
CA THR A 39 -22.16 -29.71 17.12
C THR A 39 -22.22 -28.19 17.25
N ALA A 40 -21.73 -27.47 16.26
CA ALA A 40 -21.70 -26.02 16.36
C ALA A 40 -22.66 -25.33 15.42
N SER A 41 -23.65 -26.07 14.90
CA SER A 41 -24.74 -25.50 14.10
C SER A 41 -26.04 -26.27 14.28
N SER A 42 -27.16 -25.71 13.81
CA SER A 42 -28.47 -26.24 14.20
C SER A 42 -29.51 -26.41 13.08
N ASN A 43 -29.06 -26.73 11.87
CA ASN A 43 -30.00 -27.13 10.84
C ASN A 43 -29.46 -28.34 10.10
N VAL A 44 -30.33 -29.05 9.38
CA VAL A 44 -29.80 -30.08 8.49
C VAL A 44 -30.01 -29.69 7.03
N TRP A 45 -28.94 -29.82 6.27
CA TRP A 45 -28.87 -29.30 4.91
C TRP A 45 -28.59 -30.46 3.99
N VAL A 46 -29.24 -30.44 2.84
CA VAL A 46 -29.17 -31.55 1.91
C VAL A 46 -29.35 -31.02 0.49
N PRO A 47 -28.67 -31.64 -0.49
CA PRO A 47 -28.84 -31.19 -1.88
C PRO A 47 -30.19 -31.63 -2.44
N SER A 48 -30.93 -30.69 -3.00
CA SER A 48 -32.19 -30.99 -3.65
C SER A 48 -31.93 -31.62 -5.02
N ILE A 49 -32.96 -32.25 -5.58
CA ILE A 49 -32.93 -32.71 -6.96
C ILE A 49 -32.95 -31.53 -7.95
N LYS A 50 -33.49 -30.38 -7.55
CA LYS A 50 -33.53 -29.21 -8.43
C LYS A 50 -32.20 -28.43 -8.52
N CYS A 51 -31.23 -28.79 -7.67
CA CYS A 51 -29.94 -28.08 -7.61
C CYS A 51 -29.14 -28.22 -8.90
N THR A 52 -28.96 -27.09 -9.56
CA THR A 52 -28.32 -27.03 -10.87
C THR A 52 -26.87 -26.56 -10.79
N SER A 53 -26.32 -26.51 -9.59
CA SER A 53 -24.94 -26.06 -9.40
C SER A 53 -23.95 -27.18 -9.68
N GLU A 54 -22.87 -26.81 -10.39
CA GLU A 54 -21.78 -27.73 -10.74
C GLU A 54 -21.31 -28.54 -9.53
N SER A 55 -21.41 -27.92 -8.36
CA SER A 55 -20.93 -28.51 -7.11
C SER A 55 -21.80 -29.69 -6.64
N CYS A 56 -23.12 -29.55 -6.79
CA CYS A 56 -24.10 -30.60 -6.46
C CYS A 56 -23.96 -31.85 -7.33
N GLU A 57 -23.36 -31.69 -8.50
CA GLU A 57 -23.42 -32.65 -9.58
C GLU A 57 -23.15 -34.12 -9.18
N SER A 58 -22.20 -34.32 -8.27
CA SER A 58 -21.74 -35.68 -7.91
C SER A 58 -22.10 -36.07 -6.47
N LYS A 59 -23.07 -35.35 -5.91
CA LYS A 59 -23.55 -35.59 -4.55
C LYS A 59 -24.83 -36.38 -4.63
N ASN A 60 -25.33 -36.81 -3.47
CA ASN A 60 -26.65 -37.41 -3.38
C ASN A 60 -27.70 -36.32 -3.32
N HIS A 61 -28.81 -36.51 -4.02
CA HIS A 61 -29.89 -35.53 -3.99
C HIS A 61 -31.13 -36.07 -3.28
N TYR A 62 -31.98 -35.17 -2.82
CA TYR A 62 -33.24 -35.51 -2.19
C TYR A 62 -34.39 -35.20 -3.14
N ASP A 63 -35.21 -36.21 -3.44
CA ASP A 63 -36.33 -36.06 -4.36
C ASP A 63 -37.66 -36.19 -3.63
N SER A 64 -38.27 -35.04 -3.32
CA SER A 64 -39.52 -35.02 -2.55
C SER A 64 -40.66 -35.77 -3.23
N SER A 65 -40.59 -35.87 -4.56
CA SER A 65 -41.63 -36.54 -5.32
C SER A 65 -41.58 -38.06 -5.16
N LYS A 66 -40.50 -38.58 -4.60
CA LYS A 66 -40.34 -40.02 -4.48
C LYS A 66 -40.51 -40.55 -3.04
N SER A 67 -40.78 -39.64 -2.11
CA SER A 67 -41.08 -40.02 -0.72
C SER A 67 -42.53 -39.72 -0.36
N LYS A 68 -43.24 -40.77 0.07
CA LYS A 68 -44.65 -40.68 0.46
C LYS A 68 -44.92 -39.75 1.66
N THR A 69 -43.91 -39.55 2.51
CA THR A 69 -44.09 -38.80 3.77
C THR A 69 -43.61 -37.34 3.73
N TYR A 70 -43.28 -36.87 2.54
CA TYR A 70 -42.93 -35.46 2.31
C TYR A 70 -44.09 -34.54 2.64
N GLU A 71 -43.81 -33.48 3.40
CA GLU A 71 -44.77 -32.39 3.64
C GLU A 71 -44.20 -31.07 3.16
N LYS A 72 -44.92 -30.41 2.25
CA LYS A 72 -44.51 -29.11 1.73
C LYS A 72 -44.38 -28.07 2.85
N ASP A 73 -43.36 -27.23 2.72
CA ASP A 73 -43.09 -26.12 3.62
C ASP A 73 -42.78 -24.93 2.74
N ASP A 74 -41.58 -24.94 2.14
CA ASP A 74 -41.14 -24.00 1.10
C ASP A 74 -40.71 -22.61 1.54
N THR A 75 -40.55 -22.41 2.85
CA THR A 75 -39.91 -21.20 3.38
C THR A 75 -38.52 -21.12 2.75
N PRO A 76 -38.21 -19.99 2.10
CA PRO A 76 -36.90 -19.83 1.47
C PRO A 76 -35.77 -19.55 2.47
N VAL A 77 -34.54 -19.96 2.12
CA VAL A 77 -33.34 -19.59 2.85
C VAL A 77 -32.18 -19.22 1.92
N LYS A 78 -31.40 -18.22 2.31
CA LYS A 78 -30.20 -17.82 1.58
C LYS A 78 -29.12 -17.40 2.56
N LEU A 79 -28.39 -18.38 3.06
CA LEU A 79 -27.22 -18.18 3.90
C LEU A 79 -26.02 -17.72 3.03
N THR A 80 -25.42 -16.57 3.37
CA THR A 80 -24.29 -16.07 2.57
C THR A 80 -23.10 -15.50 3.36
N SER A 81 -21.93 -16.09 3.15
CA SER A 81 -20.66 -15.61 3.73
C SER A 81 -19.74 -15.11 2.61
N LYS A 82 -18.50 -14.77 2.94
CA LYS A 82 -17.48 -14.52 1.90
C LYS A 82 -17.10 -15.85 1.25
N ALA A 83 -17.06 -16.90 2.08
CA ALA A 83 -16.65 -18.26 1.70
C ALA A 83 -17.49 -18.88 0.59
N GLY A 84 -18.79 -18.63 0.62
CA GLY A 84 -19.69 -19.17 -0.38
C GLY A 84 -21.11 -18.75 -0.08
N THR A 85 -21.98 -18.99 -1.05
CA THR A 85 -23.41 -18.72 -0.90
C THR A 85 -24.20 -20.00 -1.13
N ILE A 86 -25.30 -20.14 -0.42
CA ILE A 86 -26.10 -21.34 -0.53
C ILE A 86 -27.57 -20.99 -0.27
N SER A 87 -28.45 -21.48 -1.13
CA SER A 87 -29.83 -21.11 -1.03
C SER A 87 -30.73 -22.29 -1.34
N GLY A 88 -31.86 -22.36 -0.66
CA GLY A 88 -32.79 -23.44 -0.84
C GLY A 88 -34.10 -23.20 -0.12
N ILE A 89 -34.85 -24.28 0.09
CA ILE A 89 -36.16 -24.20 0.75
C ILE A 89 -36.28 -25.27 1.84
N PHE A 90 -37.19 -25.04 2.77
CA PHE A 90 -37.49 -26.01 3.83
C PHE A 90 -38.45 -27.12 3.38
N SER A 91 -38.22 -28.31 3.89
CA SER A 91 -39.13 -29.43 3.69
C SER A 91 -39.28 -30.19 4.99
N LYS A 92 -40.41 -30.85 5.16
CA LYS A 92 -40.58 -31.74 6.31
C LYS A 92 -40.63 -33.16 5.77
N ASP A 93 -39.79 -34.02 6.33
CA ASP A 93 -39.84 -35.45 6.01
C ASP A 93 -39.22 -36.27 7.14
N LEU A 94 -39.27 -37.60 6.98
CA LEU A 94 -38.63 -38.54 7.87
C LEU A 94 -37.12 -38.36 7.83
N VAL A 95 -36.52 -38.20 9.01
CA VAL A 95 -35.07 -38.17 9.14
C VAL A 95 -34.65 -39.29 10.09
N THR A 96 -33.78 -40.17 9.60
CA THR A 96 -33.52 -41.46 10.23
C THR A 96 -32.05 -41.72 10.53
N ILE A 97 -31.76 -42.05 11.79
CA ILE A 97 -30.44 -42.54 12.20
C ILE A 97 -30.61 -43.86 12.95
N GLY A 98 -30.25 -44.95 12.28
CA GLY A 98 -30.44 -46.28 12.83
C GLY A 98 -31.92 -46.60 12.97
N LYS A 99 -32.33 -47.02 14.17
CA LYS A 99 -33.74 -47.32 14.48
C LYS A 99 -34.59 -46.08 14.76
N LEU A 100 -34.00 -44.88 14.66
CA LEU A 100 -34.68 -43.68 15.09
C LEU A 100 -35.21 -42.89 13.89
N SER A 101 -36.49 -42.54 13.91
CA SER A 101 -37.17 -41.87 12.80
C SER A 101 -38.20 -40.85 13.30
N VAL A 102 -38.14 -39.63 12.78
CA VAL A 102 -39.17 -38.66 13.11
C VAL A 102 -39.25 -37.59 12.00
N PRO A 103 -40.49 -37.18 11.66
CA PRO A 103 -40.63 -36.03 10.80
C PRO A 103 -39.80 -34.85 11.32
N TYR A 104 -38.96 -34.30 10.46
CA TYR A 104 -38.12 -33.18 10.83
C TYR A 104 -38.08 -32.18 9.67
N LYS A 105 -37.92 -30.91 9.99
CA LYS A 105 -37.76 -29.89 8.95
C LYS A 105 -36.29 -29.70 8.61
N PHE A 106 -35.96 -29.78 7.33
CA PHE A 106 -34.56 -29.59 6.89
C PHE A 106 -34.54 -28.62 5.70
N ILE A 107 -33.35 -28.34 5.17
CA ILE A 107 -33.21 -27.42 4.06
C ILE A 107 -32.73 -28.13 2.81
N GLU A 108 -33.60 -28.16 1.81
CA GLU A 108 -33.29 -28.66 0.48
C GLU A 108 -32.49 -27.59 -0.23
N MET A 109 -31.24 -27.88 -0.60
CA MET A 109 -30.40 -26.86 -1.24
C MET A 109 -30.63 -26.78 -2.74
N THR A 110 -31.05 -25.61 -3.19
CA THR A 110 -31.36 -25.32 -4.57
C THR A 110 -30.13 -24.84 -5.36
N GLU A 111 -29.27 -24.08 -4.68
CA GLU A 111 -28.13 -23.46 -5.31
C GLU A 111 -27.01 -23.38 -4.27
N ILE A 112 -25.79 -23.76 -4.68
CA ILE A 112 -24.64 -23.69 -3.80
C ILE A 112 -23.38 -23.35 -4.59
N VAL A 113 -22.74 -22.25 -4.20
CA VAL A 113 -21.55 -21.74 -4.88
C VAL A 113 -20.50 -21.57 -3.82
N GLY A 114 -19.27 -21.97 -4.11
CA GLY A 114 -18.14 -21.76 -3.19
C GLY A 114 -17.89 -22.91 -2.24
N PHE A 115 -17.29 -22.58 -1.10
CA PHE A 115 -16.86 -23.57 -0.12
C PHE A 115 -15.82 -24.59 -0.68
N GLU A 116 -15.01 -24.11 -1.62
CA GLU A 116 -14.01 -24.93 -2.29
C GLU A 116 -12.66 -24.88 -1.57
N PRO A 117 -11.85 -25.96 -1.69
CA PRO A 117 -12.21 -27.22 -2.33
C PRO A 117 -12.85 -28.26 -1.39
N PHE A 118 -12.91 -27.94 -0.09
CA PHE A 118 -13.52 -28.80 0.92
C PHE A 118 -14.66 -29.64 0.33
N TYR A 119 -15.70 -28.95 -0.14
CA TYR A 119 -17.00 -29.57 -0.48
C TYR A 119 -16.98 -30.54 -1.66
N SER A 120 -16.67 -30.05 -2.85
CA SER A 120 -16.75 -30.89 -4.05
C SER A 120 -15.69 -32.00 -4.07
N GLU A 121 -14.60 -31.82 -3.35
CA GLU A 121 -13.55 -32.82 -3.37
C GLU A 121 -13.82 -34.02 -2.43
N SER A 122 -14.23 -33.76 -1.20
CA SER A 122 -14.67 -34.85 -0.31
C SER A 122 -15.98 -35.45 -0.81
N ASP A 123 -16.57 -36.36 -0.05
CA ASP A 123 -17.81 -37.01 -0.49
C ASP A 123 -18.99 -36.75 0.46
N VAL A 124 -18.83 -35.78 1.36
CA VAL A 124 -19.92 -35.28 2.17
C VAL A 124 -20.98 -34.58 1.29
N ASP A 125 -22.26 -34.84 1.58
CA ASP A 125 -23.38 -34.26 0.84
C ASP A 125 -23.86 -32.96 1.50
N GLY A 126 -24.04 -33.02 2.82
CA GLY A 126 -24.46 -31.84 3.57
C GLY A 126 -24.13 -31.93 5.06
N VAL A 127 -24.59 -30.97 5.84
CA VAL A 127 -24.30 -30.99 7.26
C VAL A 127 -25.55 -31.21 8.08
N PHE A 128 -25.38 -31.96 9.16
CA PHE A 128 -26.44 -32.29 10.08
C PHE A 128 -26.08 -31.61 11.40
N GLY A 129 -26.67 -30.45 11.68
CA GLY A 129 -26.42 -29.74 12.94
C GLY A 129 -26.91 -30.50 14.18
N LEU A 130 -26.24 -30.29 15.31
CA LEU A 130 -26.70 -30.87 16.58
C LEU A 130 -26.54 -29.88 17.70
N GLY A 131 -26.69 -28.60 17.36
CA GLY A 131 -26.69 -27.53 18.34
C GLY A 131 -28.07 -27.18 18.86
N TRP A 132 -28.14 -26.04 19.53
CA TRP A 132 -29.34 -25.59 20.25
C TRP A 132 -30.32 -24.77 19.38
N LYS A 133 -31.60 -24.83 19.76
CA LYS A 133 -32.70 -24.20 19.04
C LYS A 133 -32.38 -22.76 18.64
N ASP A 134 -31.94 -21.95 19.60
CA ASP A 134 -31.67 -20.53 19.35
C ASP A 134 -30.55 -20.23 18.33
N LEU A 135 -29.92 -21.28 17.81
CA LEU A 135 -28.84 -21.12 16.86
C LEU A 135 -29.29 -21.48 15.45
N SER A 136 -30.51 -21.97 15.31
CA SER A 136 -31.01 -22.47 14.02
C SER A 136 -31.61 -21.37 13.13
N ILE A 137 -31.71 -21.63 11.83
CA ILE A 137 -32.59 -20.85 10.98
C ILE A 137 -33.99 -21.44 11.10
N GLY A 138 -34.98 -20.58 11.35
CA GLY A 138 -36.36 -21.01 11.48
C GLY A 138 -36.79 -21.29 12.91
N SER A 139 -35.85 -21.28 13.85
CA SER A 139 -36.14 -21.53 15.26
C SER A 139 -36.85 -22.89 15.42
N ILE A 140 -36.08 -23.94 15.19
CA ILE A 140 -36.58 -25.30 15.06
C ILE A 140 -35.94 -26.16 16.14
N ASP A 141 -36.75 -26.75 17.02
CA ASP A 141 -36.22 -27.71 18.03
C ASP A 141 -35.21 -28.70 17.43
N PRO A 142 -34.07 -28.90 18.11
CA PRO A 142 -33.05 -29.83 17.63
C PRO A 142 -33.58 -31.25 17.40
N TYR A 143 -32.99 -31.95 16.43
CA TYR A 143 -33.42 -33.30 16.07
C TYR A 143 -33.58 -34.24 17.27
N ILE A 144 -32.53 -34.36 18.08
CA ILE A 144 -32.58 -35.20 19.27
C ILE A 144 -33.67 -34.76 20.25
N VAL A 145 -33.85 -33.46 20.42
CA VAL A 145 -34.96 -32.95 21.24
C VAL A 145 -36.35 -33.37 20.68
N GLU A 146 -36.47 -33.37 19.35
CA GLU A 146 -37.70 -33.80 18.69
C GLU A 146 -37.90 -35.31 18.87
N LEU A 147 -36.80 -36.06 18.77
CA LEU A 147 -36.81 -37.50 19.00
C LEU A 147 -37.42 -37.84 20.36
N LYS A 148 -37.10 -37.01 21.35
CA LYS A 148 -37.59 -37.18 22.73
C LYS A 148 -39.09 -36.85 22.82
N THR A 149 -39.46 -35.70 22.28
CA THR A 149 -40.85 -35.26 22.25
C THR A 149 -41.75 -36.32 21.63
N GLN A 150 -41.22 -37.07 20.67
CA GLN A 150 -41.98 -38.13 20.00
C GLN A 150 -41.85 -39.50 20.69
N ASN A 151 -41.39 -39.51 21.94
CA ASN A 151 -41.27 -40.75 22.73
C ASN A 151 -40.49 -41.86 22.03
N LYS A 152 -39.50 -41.47 21.24
CA LYS A 152 -38.65 -42.41 20.53
C LYS A 152 -37.38 -42.74 21.31
N ILE A 153 -36.93 -41.78 22.12
CA ILE A 153 -35.79 -41.96 23.05
C ILE A 153 -36.11 -41.42 24.45
N GLU A 154 -35.43 -41.95 25.46
CA GLU A 154 -35.72 -41.60 26.85
C GLU A 154 -35.10 -40.30 27.34
N GLN A 155 -33.83 -40.04 27.01
CA GLN A 155 -33.27 -38.73 27.30
C GLN A 155 -32.80 -38.08 26.03
N ALA A 156 -33.02 -36.76 25.91
CA ALA A 156 -32.38 -35.99 24.85
C ALA A 156 -30.93 -35.82 25.21
N VAL A 157 -30.13 -36.82 24.88
CA VAL A 157 -28.71 -36.81 25.16
C VAL A 157 -27.99 -37.55 24.03
N TYR A 158 -26.74 -37.15 23.76
CA TYR A 158 -25.92 -37.83 22.80
C TYR A 158 -24.45 -37.73 23.14
N SER A 159 -23.66 -38.67 22.63
CA SER A 159 -22.24 -38.66 22.93
C SER A 159 -21.41 -38.84 21.68
N ILE A 160 -20.19 -38.33 21.70
CA ILE A 160 -19.28 -38.49 20.57
C ILE A 160 -18.02 -39.16 21.11
N TYR A 161 -17.69 -40.32 20.54
CA TYR A 161 -16.46 -41.00 20.90
C TYR A 161 -15.51 -40.93 19.72
N LEU A 162 -14.27 -40.57 20.00
CA LEU A 162 -13.23 -40.58 18.97
C LEU A 162 -12.07 -41.41 19.48
N PRO A 163 -11.56 -42.34 18.67
CA PRO A 163 -10.50 -43.25 19.15
C PRO A 163 -9.19 -42.53 19.48
N PRO A 164 -8.68 -42.70 20.72
CA PRO A 164 -7.32 -42.29 21.06
C PRO A 164 -6.32 -42.61 19.96
N GLU A 165 -6.40 -43.81 19.39
CA GLU A 165 -5.49 -44.18 18.30
C GLU A 165 -6.02 -43.97 16.88
N ASN A 166 -6.34 -42.71 16.58
CA ASN A 166 -6.51 -42.19 15.20
C ASN A 166 -7.16 -43.09 14.11
N LYS A 167 -6.40 -44.06 13.60
CA LYS A 167 -6.79 -44.93 12.44
C LYS A 167 -8.23 -45.46 12.46
N ASN A 168 -8.75 -45.75 13.65
CA ASN A 168 -10.04 -46.41 13.87
C ASN A 168 -11.25 -45.52 13.52
N LYS A 169 -12.45 -46.08 13.70
CA LYS A 169 -13.73 -45.37 13.50
C LYS A 169 -14.25 -44.76 14.79
N GLY A 170 -15.08 -43.73 14.68
CA GLY A 170 -15.68 -43.10 15.85
C GLY A 170 -17.17 -43.34 15.90
N TYR A 171 -17.82 -42.85 16.94
CA TYR A 171 -19.24 -43.09 17.13
C TYR A 171 -20.01 -41.90 17.67
N LEU A 172 -21.18 -41.67 17.07
CA LEU A 172 -22.19 -40.78 17.60
C LEU A 172 -23.32 -41.64 18.19
N THR A 173 -23.57 -41.49 19.49
CA THR A 173 -24.55 -42.32 20.18
C THR A 173 -25.71 -41.44 20.67
N ILE A 174 -26.94 -41.90 20.50
CA ILE A 174 -28.12 -41.09 20.81
C ILE A 174 -29.04 -41.73 21.85
N GLY A 175 -29.31 -40.99 22.93
CA GLY A 175 -30.32 -41.38 23.91
C GLY A 175 -29.83 -42.06 25.18
N GLY A 176 -28.53 -42.26 25.28
CA GLY A 176 -27.97 -42.89 26.47
C GLY A 176 -26.46 -42.80 26.50
N ILE A 177 -25.90 -43.05 27.68
CA ILE A 177 -24.48 -43.01 27.83
C ILE A 177 -23.99 -44.44 27.84
N GLU A 178 -23.09 -44.75 26.92
CA GLU A 178 -22.60 -46.11 26.72
C GLU A 178 -21.28 -46.29 27.48
N GLU A 179 -21.34 -47.06 28.55
CA GLU A 179 -20.21 -47.18 29.49
C GLU A 179 -18.86 -47.65 28.91
N ARG A 180 -18.89 -48.33 27.77
CA ARG A 180 -17.71 -48.96 27.17
C ARG A 180 -16.70 -47.95 26.62
N PHE A 181 -17.17 -46.75 26.28
CA PHE A 181 -16.37 -45.75 25.59
C PHE A 181 -15.32 -45.03 26.46
N PHE A 182 -15.51 -45.05 27.78
CA PHE A 182 -14.67 -44.24 28.66
C PHE A 182 -14.25 -44.93 29.95
N ASP A 183 -13.22 -44.34 30.58
CA ASP A 183 -12.73 -44.73 31.89
C ASP A 183 -13.00 -43.66 32.94
N GLY A 184 -13.10 -44.12 34.19
CA GLY A 184 -13.25 -43.21 35.33
C GLY A 184 -14.58 -42.51 35.35
N PRO A 185 -14.66 -41.42 36.12
CA PRO A 185 -15.91 -40.70 36.35
C PRO A 185 -16.24 -39.74 35.20
N LEU A 186 -17.52 -39.43 35.04
CA LEU A 186 -17.97 -38.58 33.97
C LEU A 186 -18.34 -37.22 34.55
N ASN A 187 -17.51 -36.20 34.29
CA ASN A 187 -17.72 -34.86 34.85
C ASN A 187 -18.62 -33.98 33.98
N TYR A 188 -19.51 -33.23 34.63
CA TYR A 188 -20.38 -32.29 33.90
C TYR A 188 -20.06 -30.82 34.12
N GLU A 189 -20.30 -30.04 33.08
CA GLU A 189 -20.08 -28.60 33.12
C GLU A 189 -21.28 -27.89 32.57
N LYS A 190 -21.64 -26.79 33.23
CA LYS A 190 -22.75 -25.96 32.83
C LYS A 190 -22.43 -25.16 31.57
N LEU A 191 -23.34 -25.21 30.61
CA LEU A 191 -23.28 -24.36 29.43
C LEU A 191 -23.46 -22.92 29.85
N ASN A 192 -22.66 -22.01 29.28
CA ASN A 192 -22.81 -20.58 29.57
C ASN A 192 -23.89 -19.90 28.74
N HIS A 193 -24.29 -20.58 27.65
CA HIS A 193 -25.36 -20.15 26.77
C HIS A 193 -25.95 -21.41 26.13
N ASP A 194 -27.22 -21.40 25.80
CA ASP A 194 -27.80 -22.48 25.01
C ASP A 194 -27.74 -22.06 23.55
N LEU A 195 -26.53 -22.01 23.01
CA LEU A 195 -26.34 -21.74 21.59
C LEU A 195 -25.59 -22.90 20.96
N MET A 196 -24.27 -22.80 20.97
CA MET A 196 -23.40 -23.91 20.69
C MET A 196 -23.21 -24.66 22.02
N TRP A 197 -22.46 -25.76 22.00
CA TRP A 197 -22.11 -26.43 23.24
C TRP A 197 -20.88 -25.77 23.81
N GLN A 198 -21.12 -24.77 24.64
CA GLN A 198 -20.08 -23.87 25.14
C GLN A 198 -20.09 -23.71 26.65
N VAL A 199 -18.90 -23.59 27.21
CA VAL A 199 -18.70 -23.69 28.65
C VAL A 199 -17.69 -22.65 29.13
N ASP A 200 -17.86 -22.14 30.36
CA ASP A 200 -16.88 -21.24 30.96
C ASP A 200 -15.74 -22.02 31.60
N LEU A 201 -14.51 -21.73 31.22
CA LEU A 201 -13.32 -22.34 31.82
C LEU A 201 -12.20 -21.33 31.96
N ASP A 202 -11.25 -21.61 32.86
CA ASP A 202 -9.99 -20.88 32.96
C ASP A 202 -8.93 -21.67 32.23
N VAL A 203 -8.29 -21.06 31.25
CA VAL A 203 -7.33 -21.76 30.42
C VAL A 203 -5.91 -21.22 30.60
N HIS A 204 -5.02 -22.11 31.05
CA HIS A 204 -3.59 -21.83 31.23
C HIS A 204 -2.77 -22.63 30.20
N PHE A 205 -1.95 -21.94 29.41
CA PHE A 205 -0.96 -22.63 28.59
C PHE A 205 0.41 -22.59 29.27
N GLY A 206 1.25 -21.63 28.87
CA GLY A 206 2.51 -21.46 29.59
C GLY A 206 2.25 -20.84 30.94
N ASN A 207 2.87 -19.68 31.15
CA ASN A 207 2.46 -18.75 32.19
C ASN A 207 1.36 -17.86 31.60
N VAL A 208 1.19 -17.95 30.28
CA VAL A 208 0.10 -17.28 29.58
C VAL A 208 -1.20 -18.01 29.91
N SER A 209 -2.21 -17.24 30.34
CA SER A 209 -3.52 -17.75 30.75
C SER A 209 -4.65 -16.75 30.52
N SER A 210 -5.88 -17.28 30.46
CA SER A 210 -7.08 -16.48 30.27
C SER A 210 -8.21 -17.02 31.15
N LYS A 211 -8.68 -16.20 32.09
CA LYS A 211 -9.75 -16.62 33.01
C LYS A 211 -11.16 -16.37 32.46
N LYS A 212 -12.10 -17.25 32.80
CA LYS A 212 -13.49 -17.22 32.32
C LYS A 212 -13.56 -17.09 30.81
N ALA A 213 -12.83 -17.98 30.15
CA ALA A 213 -12.85 -18.07 28.72
C ALA A 213 -14.09 -18.82 28.28
N ASN A 214 -14.70 -18.36 27.19
CA ASN A 214 -15.78 -19.05 26.53
C ASN A 214 -15.20 -20.16 25.68
N VAL A 215 -15.32 -21.42 26.10
CA VAL A 215 -14.78 -22.51 25.28
C VAL A 215 -15.83 -23.43 24.64
N ILE A 216 -15.69 -23.57 23.32
CA ILE A 216 -16.69 -24.20 22.45
C ILE A 216 -16.23 -25.57 21.96
N LEU A 217 -17.13 -26.55 22.12
CA LEU A 217 -16.92 -27.88 21.56
C LEU A 217 -17.40 -27.94 20.11
N ASP A 218 -16.50 -28.34 19.21
CA ASP A 218 -16.77 -28.38 17.77
C ASP A 218 -16.07 -29.57 17.10
N SER A 219 -16.88 -30.51 16.64
CA SER A 219 -16.38 -31.73 15.98
C SER A 219 -15.84 -31.47 14.58
N ALA A 220 -16.33 -30.42 13.92
CA ALA A 220 -15.90 -30.08 12.56
C ALA A 220 -14.51 -29.47 12.48
N THR A 221 -13.87 -29.28 13.63
CA THR A 221 -12.56 -28.66 13.73
C THR A 221 -11.54 -29.74 13.98
N SER A 222 -10.45 -29.72 13.22
CA SER A 222 -9.42 -30.74 13.36
C SER A 222 -8.28 -30.28 14.27
N VAL A 223 -8.51 -29.22 15.03
CA VAL A 223 -7.43 -28.40 15.56
C VAL A 223 -7.83 -27.78 16.92
N ILE A 224 -6.90 -27.14 17.62
CA ILE A 224 -7.23 -26.43 18.86
C ILE A 224 -7.15 -24.96 18.57
N THR A 225 -8.18 -24.20 18.94
CA THR A 225 -8.23 -22.78 18.64
C THR A 225 -7.94 -21.91 19.85
N VAL A 226 -7.30 -20.77 19.60
CA VAL A 226 -6.87 -19.89 20.66
C VAL A 226 -6.83 -18.45 20.13
N PRO A 227 -7.34 -17.48 20.91
CA PRO A 227 -7.27 -16.07 20.52
C PRO A 227 -5.87 -15.64 20.10
N THR A 228 -5.79 -14.75 19.11
CA THR A 228 -4.52 -14.30 18.52
C THR A 228 -3.50 -13.83 19.55
N GLU A 229 -3.89 -12.84 20.36
CA GLU A 229 -3.05 -12.35 21.45
C GLU A 229 -2.50 -13.50 22.33
N PHE A 230 -3.38 -14.43 22.71
CA PHE A 230 -3.03 -15.59 23.53
C PHE A 230 -2.01 -16.48 22.82
N PHE A 231 -2.24 -16.74 21.53
CA PHE A 231 -1.35 -17.59 20.73
C PHE A 231 0.05 -17.02 20.60
N ASN A 232 0.13 -15.71 20.36
CA ASN A 232 1.41 -15.08 20.21
C ASN A 232 2.25 -15.22 21.47
N GLN A 233 1.64 -14.97 22.63
CA GLN A 233 2.32 -15.10 23.89
C GLN A 233 2.84 -16.50 24.05
N PHE A 234 1.97 -17.47 23.76
CA PHE A 234 2.31 -18.89 23.87
C PHE A 234 3.54 -19.29 23.07
N VAL A 235 3.61 -18.85 21.81
CA VAL A 235 4.66 -19.28 20.90
C VAL A 235 5.98 -18.55 21.18
N GLU A 236 5.90 -17.23 21.36
CA GLU A 236 7.07 -16.43 21.79
C GLU A 236 7.74 -17.10 22.97
N SER A 237 9.03 -17.41 22.81
CA SER A 237 9.78 -18.14 23.83
C SER A 237 9.10 -19.48 24.28
N ALA A 238 8.62 -20.24 23.31
CA ALA A 238 8.25 -21.65 23.52
C ALA A 238 9.02 -22.50 22.52
N SER A 239 9.97 -21.88 21.84
CA SER A 239 10.76 -22.55 20.82
C SER A 239 9.88 -23.32 19.83
N VAL A 240 8.85 -22.64 19.33
CA VAL A 240 8.07 -23.10 18.19
C VAL A 240 8.38 -22.17 17.01
N PHE A 241 8.46 -22.72 15.80
CA PHE A 241 8.93 -21.93 14.65
C PHE A 241 7.99 -21.81 13.46
N LYS A 242 7.74 -20.56 13.07
CA LYS A 242 6.94 -20.20 11.91
C LYS A 242 7.87 -20.26 10.70
N VAL A 243 7.35 -20.70 9.56
CA VAL A 243 8.22 -20.99 8.42
C VAL A 243 7.62 -20.72 7.03
N PRO A 244 6.31 -20.94 6.91
CA PRO A 244 5.70 -21.63 5.79
C PRO A 244 5.44 -20.90 4.49
N PHE A 245 4.97 -21.69 3.53
CA PHE A 245 3.97 -21.31 2.56
C PHE A 245 2.68 -20.96 3.35
N LEU A 246 2.22 -21.91 4.20
CA LEU A 246 0.89 -21.82 4.81
C LEU A 246 0.79 -22.26 6.28
N SER A 247 1.36 -21.47 7.20
CA SER A 247 1.11 -21.56 8.68
C SER A 247 1.89 -22.61 9.51
N LEU A 248 1.19 -23.70 9.84
CA LEU A 248 1.73 -24.86 10.63
C LEU A 248 1.43 -24.92 12.19
N TYR A 249 2.38 -24.68 13.13
CA TYR A 249 3.81 -24.34 12.95
C TYR A 249 4.66 -25.60 13.21
N VAL A 250 5.96 -25.46 13.35
CA VAL A 250 6.80 -26.65 13.56
C VAL A 250 7.66 -26.62 14.82
N THR A 251 7.89 -27.80 15.39
CA THR A 251 8.75 -27.99 16.56
C THR A 251 9.32 -29.41 16.61
N THR A 252 10.21 -29.67 17.56
CA THR A 252 10.70 -31.02 17.85
C THR A 252 9.59 -31.84 18.50
N CYS A 253 9.50 -33.13 18.18
CA CYS A 253 8.49 -33.99 18.78
C CYS A 253 8.79 -34.24 20.26
N GLY A 254 10.07 -34.46 20.58
CA GLY A 254 10.52 -34.68 21.94
C GLY A 254 10.88 -33.41 22.69
N ASN A 255 10.24 -32.30 22.33
CA ASN A 255 10.53 -30.98 22.92
C ASN A 255 10.04 -30.86 24.36
N THR A 256 11.00 -30.91 25.29
CA THR A 256 10.71 -30.75 26.71
C THR A 256 10.79 -29.28 27.11
N LYS A 257 10.01 -28.46 26.43
CA LYS A 257 9.83 -27.07 26.78
C LYS A 257 8.34 -26.82 26.79
N LEU A 258 7.68 -27.31 25.73
CA LEU A 258 6.25 -27.17 25.53
C LEU A 258 5.47 -27.57 26.76
N PRO A 259 4.51 -26.73 27.19
CA PRO A 259 3.71 -26.94 28.39
C PRO A 259 2.49 -27.84 28.16
N THR A 260 1.89 -28.28 29.26
CA THR A 260 0.59 -28.92 29.21
C THR A 260 -0.51 -27.88 29.16
N LEU A 261 -1.56 -28.19 28.40
CA LEU A 261 -2.66 -27.27 28.24
C LEU A 261 -3.65 -27.61 29.33
N GLU A 262 -4.01 -26.60 30.13
CA GLU A 262 -4.96 -26.80 31.24
C GLU A 262 -6.25 -26.04 30.96
N TYR A 263 -7.37 -26.76 31.07
CA TYR A 263 -8.69 -26.16 31.01
C TYR A 263 -9.36 -26.46 32.33
N ARG A 264 -9.39 -25.48 33.23
CA ARG A 264 -9.91 -25.71 34.54
C ARG A 264 -11.33 -25.18 34.73
N SER A 265 -12.16 -26.03 35.33
CA SER A 265 -13.50 -25.70 35.80
C SER A 265 -13.44 -25.70 37.32
N PRO A 266 -14.52 -25.27 38.01
CA PRO A 266 -14.44 -25.28 39.47
C PRO A 266 -14.27 -26.68 40.11
N ASN A 267 -14.46 -27.75 39.32
CA ASN A 267 -14.30 -29.13 39.81
C ASN A 267 -13.12 -29.92 39.26
N LYS A 268 -12.92 -29.83 37.96
CA LYS A 268 -11.98 -30.71 37.28
C LYS A 268 -11.11 -29.88 36.35
N VAL A 269 -9.83 -30.25 36.26
CA VAL A 269 -8.95 -29.66 35.26
C VAL A 269 -8.77 -30.64 34.07
N TYR A 270 -9.02 -30.16 32.84
CA TYR A 270 -8.86 -30.95 31.62
C TYR A 270 -7.53 -30.64 30.98
N THR A 271 -6.69 -31.66 30.81
CA THR A 271 -5.35 -31.47 30.27
C THR A 271 -5.13 -32.04 28.88
N LEU A 272 -4.19 -31.41 28.17
CA LEU A 272 -3.71 -31.83 26.87
C LEU A 272 -2.18 -31.81 26.87
N GLU A 273 -1.59 -33.00 26.79
CA GLU A 273 -0.14 -33.18 26.73
C GLU A 273 0.40 -32.86 25.33
N PRO A 274 1.69 -32.40 25.24
CA PRO A 274 2.30 -32.23 23.94
C PRO A 274 2.05 -33.41 23.01
N LYS A 275 2.13 -34.64 23.51
CA LYS A 275 1.84 -35.82 22.70
C LYS A 275 0.49 -35.75 21.97
N GLN A 276 -0.49 -35.10 22.57
CA GLN A 276 -1.85 -35.08 22.03
C GLN A 276 -2.16 -33.87 21.16
N TYR A 277 -1.30 -32.87 21.18
CA TYR A 277 -1.49 -31.70 20.32
C TYR A 277 -0.35 -31.45 19.34
N LEU A 278 0.49 -32.47 19.13
CA LEU A 278 1.53 -32.45 18.11
C LEU A 278 1.28 -33.58 17.11
N GLU A 279 1.64 -33.34 15.86
CA GLU A 279 1.42 -34.31 14.78
C GLU A 279 2.68 -34.62 13.98
N PRO A 280 3.04 -35.92 13.92
CA PRO A 280 4.24 -36.32 13.18
C PRO A 280 4.21 -35.86 11.73
N LEU A 281 5.29 -35.23 11.29
CA LEU A 281 5.46 -34.85 9.89
C LEU A 281 6.21 -35.90 9.08
N GLU A 282 7.08 -36.65 9.72
CA GLU A 282 7.99 -37.54 9.00
C GLU A 282 7.58 -38.98 9.06
N ASN A 283 8.16 -39.76 8.16
CA ASN A 283 8.13 -41.20 8.26
C ASN A 283 9.56 -41.74 8.37
N ILE A 284 10.48 -41.22 7.54
CA ILE A 284 11.93 -41.36 7.75
C ILE A 284 12.37 -40.24 8.68
N PHE A 285 13.15 -40.56 9.71
CA PHE A 285 13.33 -39.74 10.93
C PHE A 285 12.66 -40.46 12.14
N SER A 286 11.71 -39.88 12.91
CA SER A 286 11.15 -38.54 12.80
C SER A 286 11.22 -37.84 14.15
N ALA A 287 12.02 -36.77 14.24
CA ALA A 287 12.04 -35.92 15.43
C ALA A 287 11.12 -34.73 15.28
N LEU A 288 10.46 -34.65 14.12
CA LEU A 288 9.82 -33.40 13.70
C LEU A 288 8.30 -33.39 13.65
N CYS A 289 7.72 -32.35 14.24
CA CYS A 289 6.30 -32.32 14.58
C CYS A 289 5.61 -31.03 14.21
N MET A 290 4.32 -31.17 13.91
CA MET A 290 3.43 -30.07 13.53
C MET A 290 2.53 -29.72 14.71
N LEU A 291 2.49 -28.45 15.08
CA LEU A 291 1.68 -27.96 16.19
C LEU A 291 0.21 -27.81 15.77
N ASN A 292 -0.69 -28.51 16.45
CA ASN A 292 -2.13 -28.52 16.15
C ASN A 292 -2.91 -27.41 16.83
N ILE A 293 -2.29 -26.27 17.06
CA ILE A 293 -2.96 -25.18 17.75
C ILE A 293 -2.86 -23.99 16.83
N VAL A 294 -3.97 -23.32 16.59
CA VAL A 294 -4.01 -22.27 15.58
C VAL A 294 -4.55 -20.96 16.16
N PRO A 295 -3.98 -19.81 15.75
CA PRO A 295 -4.54 -18.52 16.16
C PRO A 295 -5.80 -18.16 15.37
N ILE A 296 -6.93 -18.09 16.05
CA ILE A 296 -8.20 -17.73 15.43
C ILE A 296 -9.05 -16.91 16.40
N ASP A 297 -9.47 -15.74 15.94
CA ASP A 297 -10.32 -14.85 16.73
C ASP A 297 -11.76 -14.96 16.28
N LEU A 298 -12.58 -15.64 17.09
CA LEU A 298 -14.00 -15.76 16.79
C LEU A 298 -14.73 -14.63 17.46
N GLU A 299 -14.60 -14.57 18.77
CA GLU A 299 -15.41 -13.71 19.60
C GLU A 299 -14.58 -13.42 20.84
N LYS A 300 -14.69 -12.22 21.37
CA LYS A 300 -14.01 -11.85 22.61
C LYS A 300 -13.86 -13.07 23.53
N ASN A 301 -12.61 -13.47 23.75
CA ASN A 301 -12.22 -14.58 24.65
C ASN A 301 -12.66 -15.99 24.29
N THR A 302 -12.66 -16.36 23.02
CA THR A 302 -13.21 -17.65 22.62
C THR A 302 -12.18 -18.69 22.17
N PHE A 303 -12.23 -19.84 22.81
CA PHE A 303 -11.40 -20.97 22.44
C PHE A 303 -12.26 -22.09 21.87
N VAL A 304 -11.74 -22.76 20.83
CA VAL A 304 -12.38 -23.95 20.27
C VAL A 304 -11.62 -25.24 20.60
N LEU A 305 -12.32 -26.22 21.15
CA LEU A 305 -11.77 -27.58 21.32
C LEU A 305 -12.28 -28.48 20.20
N GLY A 306 -11.37 -28.90 19.31
CA GLY A 306 -11.69 -29.80 18.20
C GLY A 306 -11.17 -31.19 18.47
N ASP A 307 -10.95 -31.97 17.40
CA ASP A 307 -10.53 -33.37 17.52
C ASP A 307 -9.39 -33.70 18.50
N PRO A 308 -8.25 -32.99 18.42
CA PRO A 308 -7.15 -33.29 19.36
C PRO A 308 -7.61 -33.46 20.80
N PHE A 309 -8.57 -32.64 21.24
CA PHE A 309 -9.11 -32.71 22.58
C PHE A 309 -10.12 -33.85 22.69
N MET A 310 -11.03 -33.93 21.71
CA MET A 310 -12.07 -34.94 21.74
C MET A 310 -11.55 -36.37 21.56
N ARG A 311 -10.27 -36.50 21.29
CA ARG A 311 -9.67 -37.81 21.08
C ARG A 311 -9.13 -38.35 22.40
N LYS A 312 -8.97 -37.44 23.35
CA LYS A 312 -8.60 -37.81 24.69
C LYS A 312 -9.88 -37.96 25.51
N TYR A 313 -10.77 -36.99 25.40
CA TYR A 313 -11.96 -36.95 26.20
C TYR A 313 -13.20 -37.37 25.41
N PHE A 314 -13.91 -38.35 25.93
CA PHE A 314 -15.21 -38.77 25.42
C PHE A 314 -16.15 -37.73 25.96
N THR A 315 -17.04 -37.22 25.11
CA THR A 315 -17.88 -36.06 25.46
C THR A 315 -19.36 -36.36 25.33
N VAL A 316 -20.10 -35.98 26.37
CA VAL A 316 -21.55 -36.17 26.42
C VAL A 316 -22.32 -34.85 26.25
N TYR A 317 -23.31 -34.82 25.36
CA TYR A 317 -24.06 -33.59 25.12
C TYR A 317 -25.47 -33.75 25.62
N ASP A 318 -25.81 -33.08 26.71
CA ASP A 318 -27.06 -33.32 27.43
C ASP A 318 -28.03 -32.14 27.30
N TYR A 319 -29.04 -32.30 26.44
CA TYR A 319 -30.03 -31.27 26.19
C TYR A 319 -30.93 -31.02 27.40
N ASP A 320 -31.21 -32.08 28.15
CA ASP A 320 -32.11 -32.02 29.31
C ASP A 320 -31.57 -31.17 30.44
N ASN A 321 -30.28 -31.32 30.72
CA ASN A 321 -29.68 -30.67 31.88
C ASN A 321 -28.87 -29.43 31.55
N HIS A 322 -28.74 -29.15 30.25
CA HIS A 322 -27.94 -28.04 29.76
C HIS A 322 -26.53 -28.20 30.30
N THR A 323 -25.92 -29.34 30.02
CA THR A 323 -24.56 -29.64 30.43
C THR A 323 -23.77 -30.42 29.37
N VAL A 324 -22.44 -30.40 29.52
CA VAL A 324 -21.53 -31.19 28.70
C VAL A 324 -20.77 -32.14 29.62
N GLY A 325 -20.75 -33.42 29.27
CA GLY A 325 -20.01 -34.43 30.04
C GLY A 325 -18.64 -34.70 29.43
N PHE A 326 -17.65 -34.94 30.29
CA PHE A 326 -16.29 -35.27 29.87
C PHE A 326 -15.80 -36.51 30.61
N ALA A 327 -15.11 -37.41 29.89
CA ALA A 327 -14.44 -38.59 30.48
C ALA A 327 -13.25 -39.03 29.64
N LEU A 328 -12.23 -39.62 30.28
CA LEU A 328 -11.09 -40.16 29.55
C LEU A 328 -11.52 -41.32 28.65
N ALA A 329 -11.32 -41.19 27.34
CA ALA A 329 -11.70 -42.22 26.39
C ALA A 329 -10.91 -43.54 26.50
N LYS A 330 -11.65 -44.67 26.44
CA LYS A 330 -11.09 -46.05 26.44
C LYS A 330 -10.51 -46.47 25.10
N ASN A 331 -10.23 -47.77 24.96
CA ASN A 331 -9.62 -48.32 23.75
C ASN A 331 -8.34 -47.60 23.33
N GLU B 6 15.25 3.05 -21.53
CA GLU B 6 15.20 1.55 -21.35
C GLU B 6 13.79 1.00 -21.60
N PHE B 7 13.38 -0.02 -20.84
CA PHE B 7 12.02 -0.54 -21.00
C PHE B 7 11.19 -0.47 -19.73
N ASP B 8 9.89 -0.38 -19.92
CA ASP B 8 8.96 -0.20 -18.81
C ASP B 8 8.86 -1.39 -17.86
N ASN B 9 8.94 -1.11 -16.56
CA ASN B 9 8.92 -2.13 -15.52
C ASN B 9 7.66 -2.11 -14.71
N VAL B 10 7.49 -3.16 -13.92
CA VAL B 10 6.60 -3.14 -12.78
C VAL B 10 7.14 -4.16 -11.78
N GLU B 11 7.43 -3.70 -10.57
CA GLU B 11 7.87 -4.59 -9.50
C GLU B 11 6.84 -5.68 -9.22
N LEU B 12 7.33 -6.91 -9.14
CA LEU B 12 6.50 -8.00 -8.73
C LEU B 12 6.72 -8.24 -7.24
N LYS B 13 5.61 -8.21 -6.52
CA LYS B 13 5.54 -8.36 -5.09
C LYS B 13 5.16 -9.81 -4.80
N ASP B 14 5.66 -10.36 -3.71
CA ASP B 14 5.34 -11.75 -3.33
C ASP B 14 4.17 -11.84 -2.34
N LEU B 15 3.25 -12.76 -2.56
CA LEU B 15 2.13 -12.95 -1.64
C LEU B 15 2.01 -14.35 -0.97
N ALA B 16 1.34 -15.31 -1.62
CA ALA B 16 1.27 -16.65 -1.02
C ALA B 16 2.29 -17.54 -1.70
N ASN B 17 3.54 -17.07 -1.65
CA ASN B 17 4.65 -17.72 -2.33
C ASN B 17 4.57 -17.77 -3.86
N VAL B 18 3.63 -17.01 -4.41
CA VAL B 18 3.60 -16.75 -5.83
C VAL B 18 4.07 -15.32 -6.07
N LEU B 19 5.08 -15.16 -6.91
CA LEU B 19 5.69 -13.87 -7.11
C LEU B 19 5.24 -13.27 -8.42
N SER B 20 4.03 -12.71 -8.46
CA SER B 20 3.59 -11.98 -9.63
C SER B 20 2.46 -10.96 -9.38
N PHE B 21 2.50 -10.34 -8.22
CA PHE B 21 1.57 -9.26 -7.92
C PHE B 21 2.21 -7.89 -8.13
N GLY B 22 1.52 -7.03 -8.86
CA GLY B 22 2.04 -5.70 -9.09
C GLY B 22 0.95 -4.68 -9.26
N GLU B 23 1.39 -3.42 -9.43
CA GLU B 23 0.49 -2.28 -9.52
C GLU B 23 0.28 -1.84 -10.98
N ALA B 24 -0.97 -1.58 -11.34
CA ALA B 24 -1.32 -0.85 -12.56
C ALA B 24 -2.39 0.17 -12.24
N LYS B 25 -2.66 1.09 -13.15
CA LYS B 25 -3.56 2.23 -12.87
C LYS B 25 -4.66 2.36 -13.93
N LEU B 26 -5.90 2.59 -13.50
CA LEU B 26 -6.99 2.82 -14.44
C LEU B 26 -7.54 4.23 -14.36
N GLY B 27 -7.98 4.78 -15.50
CA GLY B 27 -8.67 6.06 -15.56
C GLY B 27 -7.75 7.24 -15.78
N ASP B 28 -8.32 8.40 -16.10
CA ASP B 28 -7.51 9.60 -16.33
C ASP B 28 -6.95 10.14 -15.02
N ASN B 29 -7.66 9.87 -13.92
CA ASN B 29 -7.25 10.27 -12.57
C ASN B 29 -6.31 9.27 -11.89
N GLY B 30 -5.93 8.22 -12.62
CA GLY B 30 -4.93 7.24 -12.19
C GLY B 30 -5.20 6.51 -10.88
N GLN B 31 -6.36 5.84 -10.80
CA GLN B 31 -6.70 4.98 -9.66
C GLN B 31 -5.79 3.74 -9.69
N LYS B 32 -5.05 3.52 -8.61
CA LYS B 32 -4.14 2.38 -8.49
C LYS B 32 -4.89 1.08 -8.13
N PHE B 33 -4.35 -0.05 -8.57
CA PHE B 33 -4.90 -1.37 -8.24
C PHE B 33 -3.82 -2.43 -8.09
N ASN B 34 -3.93 -3.27 -7.07
CA ASN B 34 -3.08 -4.45 -6.96
C ASN B 34 -3.58 -5.60 -7.82
N PHE B 35 -2.71 -6.12 -8.67
CA PHE B 35 -3.14 -7.08 -9.66
C PHE B 35 -2.33 -8.35 -9.57
N LEU B 36 -2.96 -9.48 -9.86
CA LEU B 36 -2.20 -10.67 -10.23
C LEU B 36 -1.95 -10.63 -11.74
N PHE B 37 -0.69 -10.51 -12.13
CA PHE B 37 -0.37 -10.54 -13.56
C PHE B 37 -0.32 -11.98 -13.98
N HIS B 38 -1.25 -12.38 -14.83
CA HIS B 38 -1.54 -13.79 -15.05
C HIS B 38 -1.32 -14.10 -16.51
N THR B 39 -0.25 -14.85 -16.79
CA THR B 39 0.07 -15.23 -18.15
C THR B 39 -0.87 -16.31 -18.67
N ALA B 40 -1.72 -16.87 -17.81
CA ALA B 40 -2.60 -17.97 -18.26
C ALA B 40 -4.08 -17.58 -18.41
N SER B 41 -4.35 -16.28 -18.44
CA SER B 41 -5.68 -15.77 -18.74
C SER B 41 -5.63 -14.41 -19.48
N SER B 42 -6.75 -13.98 -20.05
CA SER B 42 -6.72 -12.89 -21.01
C SER B 42 -7.75 -11.77 -20.84
N ASN B 43 -8.08 -11.43 -19.60
CA ASN B 43 -8.91 -10.28 -19.35
C ASN B 43 -8.37 -9.55 -18.14
N VAL B 44 -8.74 -8.28 -17.99
CA VAL B 44 -8.40 -7.61 -16.74
C VAL B 44 -9.67 -7.31 -15.89
N TRP B 45 -9.58 -7.69 -14.62
CA TRP B 45 -10.71 -7.65 -13.74
C TRP B 45 -10.43 -6.71 -12.61
N VAL B 46 -11.43 -5.93 -12.25
CA VAL B 46 -11.28 -4.91 -11.24
C VAL B 46 -12.59 -4.76 -10.46
N PRO B 47 -12.52 -4.49 -9.14
CA PRO B 47 -13.76 -4.28 -8.37
C PRO B 47 -14.41 -2.94 -8.71
N SER B 48 -15.68 -2.97 -9.08
CA SER B 48 -16.43 -1.75 -9.32
C SER B 48 -16.80 -1.07 -8.00
N ILE B 49 -17.20 0.21 -8.09
CA ILE B 49 -17.73 0.93 -6.95
C ILE B 49 -19.12 0.41 -6.54
N LYS B 50 -19.86 -0.19 -7.48
CA LYS B 50 -21.20 -0.74 -7.19
C LYS B 50 -21.17 -2.10 -6.47
N CYS B 51 -20.00 -2.74 -6.40
CA CYS B 51 -19.85 -4.07 -5.78
C CYS B 51 -20.20 -4.10 -4.30
N THR B 52 -21.29 -4.80 -3.99
CA THR B 52 -21.87 -4.83 -2.66
C THR B 52 -21.52 -6.10 -1.91
N SER B 53 -20.54 -6.85 -2.42
CA SER B 53 -20.10 -8.10 -1.82
C SER B 53 -19.16 -7.84 -0.66
N GLU B 54 -19.36 -8.57 0.44
CA GLU B 54 -18.50 -8.52 1.63
C GLU B 54 -17.00 -8.61 1.28
N SER B 55 -16.70 -9.37 0.23
CA SER B 55 -15.35 -9.59 -0.23
C SER B 55 -14.64 -8.34 -0.80
N CYS B 56 -15.37 -7.56 -1.60
CA CYS B 56 -14.89 -6.29 -2.20
C CYS B 56 -14.60 -5.20 -1.17
N GLU B 57 -15.15 -5.38 0.04
CA GLU B 57 -15.26 -4.31 1.05
C GLU B 57 -13.97 -3.56 1.37
N SER B 58 -12.85 -4.27 1.37
CA SER B 58 -11.56 -3.68 1.73
C SER B 58 -10.56 -3.64 0.57
N LYS B 59 -11.09 -3.73 -0.66
CA LYS B 59 -10.30 -3.67 -1.86
C LYS B 59 -10.37 -2.26 -2.46
N ASN B 60 -9.61 -2.02 -3.52
CA ASN B 60 -9.72 -0.77 -4.27
C ASN B 60 -10.85 -0.88 -5.26
N HIS B 61 -11.63 0.18 -5.40
CA HIS B 61 -12.73 0.16 -6.38
C HIS B 61 -12.50 1.11 -7.55
N TYR B 62 -13.16 0.83 -8.66
CA TYR B 62 -13.11 1.68 -9.84
C TYR B 62 -14.41 2.49 -10.00
N ASP B 63 -14.27 3.81 -10.00
CA ASP B 63 -15.41 4.70 -10.13
C ASP B 63 -15.41 5.39 -11.49
N SER B 64 -16.22 4.87 -12.41
CA SER B 64 -16.31 5.41 -13.77
C SER B 64 -16.76 6.87 -13.81
N SER B 65 -17.46 7.31 -12.77
CA SER B 65 -17.97 8.67 -12.74
C SER B 65 -16.88 9.69 -12.44
N LYS B 66 -15.72 9.23 -11.97
CA LYS B 66 -14.64 10.14 -11.60
C LYS B 66 -13.47 10.19 -12.59
N SER B 67 -13.57 9.41 -13.66
CA SER B 67 -12.59 9.44 -14.74
C SER B 67 -13.18 10.02 -16.01
N LYS B 68 -12.58 11.11 -16.50
CA LYS B 68 -12.99 11.80 -17.73
C LYS B 68 -12.94 10.96 -19.00
N THR B 69 -12.14 9.89 -19.01
CA THR B 69 -11.89 9.09 -20.23
C THR B 69 -12.66 7.75 -20.26
N TYR B 70 -13.57 7.57 -19.32
CA TYR B 70 -14.47 6.41 -19.31
C TYR B 70 -15.37 6.36 -20.56
N GLU B 71 -15.43 5.21 -21.21
CA GLU B 71 -16.39 4.95 -22.28
C GLU B 71 -17.31 3.79 -21.93
N LYS B 72 -18.62 4.06 -21.91
CA LYS B 72 -19.62 3.05 -21.59
C LYS B 72 -19.56 1.90 -22.58
N ASP B 73 -19.69 0.68 -22.05
CA ASP B 73 -19.76 -0.54 -22.83
C ASP B 73 -20.97 -1.35 -22.32
N ASP B 74 -20.83 -1.90 -21.12
CA ASP B 74 -21.92 -2.54 -20.35
C ASP B 74 -22.34 -3.96 -20.74
N THR B 75 -21.59 -4.59 -21.64
CA THR B 75 -21.75 -6.01 -21.87
C THR B 75 -21.61 -6.74 -20.53
N PRO B 76 -22.63 -7.55 -20.18
CA PRO B 76 -22.54 -8.31 -18.92
C PRO B 76 -21.57 -9.51 -18.99
N VAL B 77 -21.04 -9.92 -17.83
CA VAL B 77 -20.25 -11.16 -17.73
C VAL B 77 -20.51 -11.90 -16.42
N LYS B 78 -20.65 -13.21 -16.50
CA LYS B 78 -20.86 -14.04 -15.32
C LYS B 78 -20.02 -15.31 -15.43
N LEU B 79 -18.74 -15.19 -15.06
CA LEU B 79 -17.84 -16.34 -14.94
C LEU B 79 -18.19 -17.15 -13.69
N THR B 80 -18.44 -18.44 -13.84
CA THR B 80 -18.77 -19.27 -12.65
C THR B 80 -18.11 -20.66 -12.62
N SER B 81 -17.32 -20.90 -11.58
CA SER B 81 -16.76 -22.22 -11.28
C SER B 81 -17.38 -22.82 -10.01
N LYS B 82 -16.86 -23.95 -9.53
CA LYS B 82 -17.23 -24.47 -8.20
C LYS B 82 -16.62 -23.57 -7.14
N ALA B 83 -15.42 -23.05 -7.45
CA ALA B 83 -14.60 -22.26 -6.54
C ALA B 83 -15.24 -20.94 -6.14
N GLY B 84 -15.92 -20.31 -7.08
CA GLY B 84 -16.66 -19.12 -6.76
C GLY B 84 -17.37 -18.62 -7.99
N THR B 85 -18.18 -17.59 -7.79
CA THR B 85 -18.87 -16.94 -8.88
C THR B 85 -18.52 -15.45 -8.88
N ILE B 86 -18.47 -14.87 -10.07
CA ILE B 86 -18.11 -13.49 -10.22
C ILE B 86 -18.85 -12.92 -11.42
N SER B 87 -19.42 -11.73 -11.24
CA SER B 87 -20.21 -11.09 -12.30
C SER B 87 -20.02 -9.58 -12.32
N GLY B 88 -20.00 -9.03 -13.53
CA GLY B 88 -19.89 -7.60 -13.70
C GLY B 88 -20.14 -7.18 -15.13
N ILE B 89 -19.60 -6.02 -15.49
CA ILE B 89 -19.80 -5.44 -16.81
C ILE B 89 -18.48 -4.94 -17.42
N PHE B 90 -18.46 -4.80 -18.74
CA PHE B 90 -17.32 -4.24 -19.45
C PHE B 90 -17.30 -2.71 -19.44
N SER B 91 -16.10 -2.15 -19.38
CA SER B 91 -15.89 -0.71 -19.48
C SER B 91 -14.65 -0.46 -20.28
N LYS B 92 -14.61 0.66 -21.00
CA LYS B 92 -13.39 1.08 -21.67
C LYS B 92 -12.82 2.28 -20.95
N ASP B 93 -11.55 2.20 -20.59
CA ASP B 93 -10.82 3.33 -20.02
C ASP B 93 -9.31 3.18 -20.18
N LEU B 94 -8.58 4.22 -19.75
CA LEU B 94 -7.14 4.20 -19.73
C LEU B 94 -6.63 3.11 -18.78
N VAL B 95 -5.73 2.26 -19.27
CA VAL B 95 -5.05 1.29 -18.43
C VAL B 95 -3.54 1.51 -18.54
N THR B 96 -2.89 1.71 -17.40
CA THR B 96 -1.55 2.31 -17.38
C THR B 96 -0.54 1.51 -16.57
N ILE B 97 0.59 1.17 -17.21
CA ILE B 97 1.73 0.56 -16.53
C ILE B 97 2.97 1.37 -16.82
N GLY B 98 3.44 2.11 -15.82
CA GLY B 98 4.58 3.01 -16.00
C GLY B 98 4.22 4.11 -16.98
N LYS B 99 5.06 4.30 -17.99
CA LYS B 99 4.84 5.30 -19.04
C LYS B 99 3.82 4.87 -20.11
N LEU B 100 3.24 3.69 -19.96
CA LEU B 100 2.40 3.13 -21.01
C LEU B 100 0.90 3.23 -20.71
N SER B 101 0.17 3.84 -21.64
CA SER B 101 -1.25 4.15 -21.49
C SER B 101 -2.01 3.95 -22.78
N VAL B 102 -3.07 3.14 -22.72
CA VAL B 102 -3.98 3.01 -23.85
C VAL B 102 -5.39 2.66 -23.37
N PRO B 103 -6.43 3.24 -24.02
CA PRO B 103 -7.79 2.77 -23.79
C PRO B 103 -7.91 1.25 -23.96
N TYR B 104 -8.39 0.58 -22.91
CA TYR B 104 -8.55 -0.85 -22.94
C TYR B 104 -9.91 -1.24 -22.36
N LYS B 105 -10.46 -2.36 -22.82
CA LYS B 105 -11.70 -2.85 -22.26
C LYS B 105 -11.39 -3.78 -21.10
N PHE B 106 -12.00 -3.55 -19.95
CA PHE B 106 -11.81 -4.42 -18.78
C PHE B 106 -13.14 -4.76 -18.13
N ILE B 107 -13.12 -5.62 -17.12
CA ILE B 107 -14.35 -6.01 -16.44
C ILE B 107 -14.48 -5.38 -15.06
N GLU B 108 -15.45 -4.48 -14.91
CA GLU B 108 -15.87 -3.98 -13.61
C GLU B 108 -16.64 -5.06 -12.87
N MET B 109 -16.13 -5.53 -11.74
CA MET B 109 -16.82 -6.56 -10.98
C MET B 109 -17.92 -6.00 -10.08
N THR B 110 -19.14 -6.47 -10.34
CA THR B 110 -20.34 -6.05 -9.62
C THR B 110 -20.60 -6.92 -8.38
N GLU B 111 -20.32 -8.21 -8.51
CA GLU B 111 -20.63 -9.20 -7.49
C GLU B 111 -19.54 -10.29 -7.51
N ILE B 112 -19.02 -10.63 -6.35
CA ILE B 112 -18.02 -11.69 -6.24
C ILE B 112 -18.21 -12.52 -4.97
N VAL B 113 -18.36 -13.82 -5.16
CA VAL B 113 -18.62 -14.74 -4.07
C VAL B 113 -17.61 -15.87 -4.18
N GLY B 114 -17.01 -16.25 -3.05
CA GLY B 114 -16.09 -17.39 -3.04
C GLY B 114 -14.63 -17.00 -3.24
N PHE B 115 -13.84 -17.96 -3.72
CA PHE B 115 -12.40 -17.80 -3.91
C PHE B 115 -11.68 -17.51 -2.59
N GLU B 116 -12.17 -18.16 -1.53
CA GLU B 116 -11.65 -17.97 -0.18
C GLU B 116 -10.65 -19.07 0.20
N PRO B 117 -9.70 -18.76 1.10
CA PRO B 117 -9.44 -17.42 1.63
C PRO B 117 -8.48 -16.59 0.77
N PHE B 118 -7.91 -17.19 -0.28
CA PHE B 118 -6.96 -16.48 -1.16
C PHE B 118 -7.29 -15.00 -1.23
N TYR B 119 -8.48 -14.69 -1.75
CA TYR B 119 -8.87 -13.33 -2.16
C TYR B 119 -8.93 -12.30 -1.05
N SER B 120 -9.87 -12.46 -0.14
CA SER B 120 -10.12 -11.45 0.89
C SER B 120 -8.94 -11.27 1.86
N GLU B 121 -8.10 -12.30 1.99
CA GLU B 121 -7.02 -12.26 2.97
C GLU B 121 -5.74 -11.58 2.44
N SER B 122 -5.35 -11.85 1.20
CA SER B 122 -4.28 -11.07 0.57
C SER B 122 -4.78 -9.68 0.22
N ASP B 123 -3.94 -8.85 -0.41
CA ASP B 123 -4.37 -7.48 -0.73
C ASP B 123 -4.50 -7.21 -2.23
N VAL B 124 -4.41 -8.27 -3.04
CA VAL B 124 -4.71 -8.21 -4.47
C VAL B 124 -6.17 -7.74 -4.70
N ASP B 125 -6.37 -6.84 -5.67
CA ASP B 125 -7.70 -6.35 -6.00
C ASP B 125 -8.36 -7.17 -7.10
N GLY B 126 -7.60 -7.44 -8.17
CA GLY B 126 -8.07 -8.24 -9.30
C GLY B 126 -6.93 -8.81 -10.10
N VAL B 127 -7.25 -9.47 -11.21
CA VAL B 127 -6.24 -10.05 -12.06
C VAL B 127 -6.11 -9.33 -13.41
N PHE B 128 -4.86 -9.26 -13.86
CA PHE B 128 -4.49 -8.65 -15.12
C PHE B 128 -3.92 -9.76 -15.99
N GLY B 129 -4.75 -10.29 -16.90
CA GLY B 129 -4.34 -11.35 -17.83
C GLY B 129 -3.31 -10.87 -18.81
N LEU B 130 -2.42 -11.76 -19.23
CA LEU B 130 -1.47 -11.42 -20.29
C LEU B 130 -1.35 -12.59 -21.27
N GLY B 131 -2.47 -13.25 -21.53
CA GLY B 131 -2.52 -14.37 -22.47
C GLY B 131 -3.05 -13.94 -23.81
N TRP B 132 -3.44 -14.92 -24.64
CA TRP B 132 -3.77 -14.69 -26.05
C TRP B 132 -5.24 -14.37 -26.28
N LYS B 133 -5.52 -13.62 -27.34
CA LYS B 133 -6.86 -13.15 -27.69
C LYS B 133 -7.93 -14.24 -27.58
N ASP B 134 -7.67 -15.39 -28.20
CA ASP B 134 -8.64 -16.50 -28.23
C ASP B 134 -8.99 -17.11 -26.86
N LEU B 135 -8.30 -16.66 -25.82
CA LEU B 135 -8.58 -17.17 -24.49
C LEU B 135 -9.40 -16.18 -23.67
N SER B 136 -9.71 -15.02 -24.24
CA SER B 136 -10.39 -13.95 -23.52
C SER B 136 -11.92 -14.03 -23.60
N ILE B 137 -12.60 -13.42 -22.63
CA ILE B 137 -14.03 -13.15 -22.76
C ILE B 137 -14.19 -11.87 -23.58
N GLY B 138 -15.02 -11.92 -24.62
CA GLY B 138 -15.23 -10.77 -25.49
C GLY B 138 -14.34 -10.74 -26.73
N SER B 139 -13.36 -11.65 -26.80
CA SER B 139 -12.42 -11.74 -27.93
C SER B 139 -11.75 -10.38 -28.16
N ILE B 140 -10.89 -10.02 -27.21
CA ILE B 140 -10.32 -8.69 -27.10
C ILE B 140 -8.81 -8.82 -27.23
N ASP B 141 -8.23 -8.11 -28.19
CA ASP B 141 -6.77 -8.09 -28.34
C ASP B 141 -6.07 -7.87 -26.99
N PRO B 142 -5.00 -8.64 -26.69
CA PRO B 142 -4.26 -8.50 -25.44
C PRO B 142 -3.69 -7.11 -25.26
N TYR B 143 -3.60 -6.65 -24.03
CA TYR B 143 -3.12 -5.30 -23.68
C TYR B 143 -1.83 -4.88 -24.39
N ILE B 144 -0.79 -5.70 -24.25
CA ILE B 144 0.50 -5.45 -24.91
C ILE B 144 0.37 -5.36 -26.43
N VAL B 145 -0.46 -6.23 -27.01
CA VAL B 145 -0.78 -6.17 -28.44
C VAL B 145 -1.45 -4.84 -28.79
N GLU B 146 -2.30 -4.35 -27.89
CA GLU B 146 -2.99 -3.08 -28.11
C GLU B 146 -2.03 -1.91 -27.98
N LEU B 147 -1.10 -2.03 -27.04
CA LEU B 147 -0.04 -1.05 -26.86
C LEU B 147 0.77 -0.85 -28.14
N LYS B 148 1.00 -1.93 -28.88
CA LYS B 148 1.76 -1.93 -30.14
C LYS B 148 0.97 -1.26 -31.27
N THR B 149 -0.27 -1.70 -31.45
CA THR B 149 -1.20 -1.12 -32.41
C THR B 149 -1.29 0.40 -32.26
N GLN B 150 -1.13 0.88 -31.03
CA GLN B 150 -1.22 2.32 -30.76
C GLN B 150 0.12 3.05 -30.82
N ASN B 151 1.13 2.38 -31.38
CA ASN B 151 2.48 2.94 -31.55
C ASN B 151 3.12 3.44 -30.25
N LYS B 152 2.76 2.79 -29.14
CA LYS B 152 3.30 3.13 -27.84
C LYS B 152 4.55 2.30 -27.47
N ILE B 153 4.64 1.09 -28.03
CA ILE B 153 5.84 0.25 -27.92
C ILE B 153 6.23 -0.36 -29.29
N GLU B 154 7.51 -0.69 -29.46
CA GLU B 154 8.00 -1.19 -30.75
C GLU B 154 7.71 -2.68 -31.01
N GLN B 155 7.86 -3.54 -30.01
CA GLN B 155 7.47 -4.94 -30.16
C GLN B 155 6.50 -5.37 -29.11
N ALA B 156 5.47 -6.08 -29.53
CA ALA B 156 4.56 -6.74 -28.60
C ALA B 156 5.31 -7.91 -28.00
N VAL B 157 6.09 -7.60 -26.96
CA VAL B 157 6.88 -8.57 -26.24
C VAL B 157 6.97 -8.17 -24.75
N TYR B 158 7.05 -9.16 -23.87
CA TYR B 158 7.27 -8.92 -22.47
C TYR B 158 8.04 -10.03 -21.78
N SER B 159 8.66 -9.70 -20.65
CA SER B 159 9.47 -10.67 -19.96
C SER B 159 9.20 -10.66 -18.48
N ILE B 160 9.36 -11.83 -17.86
CA ILE B 160 9.21 -11.97 -16.42
C ILE B 160 10.54 -12.42 -15.82
N TYR B 161 11.05 -11.64 -14.88
CA TYR B 161 12.23 -12.00 -14.15
C TYR B 161 11.86 -12.30 -12.72
N LEU B 162 12.34 -13.43 -12.20
CA LEU B 162 12.16 -13.76 -10.80
C LEU B 162 13.50 -14.08 -10.17
N PRO B 163 13.80 -13.48 -9.02
CA PRO B 163 15.14 -13.63 -8.45
C PRO B 163 15.48 -15.05 -8.04
N PRO B 164 16.59 -15.62 -8.57
CA PRO B 164 17.12 -16.89 -8.05
C PRO B 164 17.12 -16.96 -6.52
N GLU B 165 17.47 -15.87 -5.84
CA GLU B 165 17.43 -15.84 -4.36
C GLU B 165 16.15 -15.22 -3.75
N ASN B 166 15.01 -15.81 -4.10
CA ASN B 166 13.75 -15.65 -3.37
C ASN B 166 13.38 -14.27 -2.79
N LYS B 167 13.96 -13.94 -1.61
CA LYS B 167 13.63 -12.73 -0.83
C LYS B 167 13.33 -11.45 -1.64
N ASN B 168 14.06 -11.28 -2.75
CA ASN B 168 14.06 -10.06 -3.56
C ASN B 168 12.73 -9.83 -4.33
N LYS B 169 12.67 -8.73 -5.09
CA LYS B 169 11.51 -8.39 -5.92
C LYS B 169 11.70 -8.88 -7.34
N GLY B 170 10.61 -9.08 -8.07
CA GLY B 170 10.69 -9.50 -9.45
C GLY B 170 10.29 -8.38 -10.40
N TYR B 171 10.36 -8.65 -11.71
CA TYR B 171 10.02 -7.62 -12.70
C TYR B 171 9.25 -8.15 -13.87
N LEU B 172 8.24 -7.40 -14.27
CA LEU B 172 7.57 -7.58 -15.54
C LEU B 172 8.00 -6.43 -16.45
N THR B 173 8.60 -6.75 -17.60
CA THR B 173 9.11 -5.73 -18.52
C THR B 173 8.34 -5.75 -19.83
N ILE B 174 8.03 -4.58 -20.39
CA ILE B 174 7.18 -4.51 -21.58
C ILE B 174 7.84 -3.78 -22.76
N GLY B 175 7.94 -4.46 -23.91
CA GLY B 175 8.38 -3.82 -25.15
C GLY B 175 9.82 -4.06 -25.56
N GLY B 176 10.54 -4.86 -24.78
CA GLY B 176 11.93 -5.12 -25.12
C GLY B 176 12.56 -6.10 -24.17
N ILE B 177 13.71 -6.62 -24.59
CA ILE B 177 14.46 -7.57 -23.80
C ILE B 177 15.60 -6.85 -23.10
N GLU B 178 15.61 -6.94 -21.78
CA GLU B 178 16.54 -6.20 -20.96
C GLU B 178 17.66 -7.15 -20.59
N GLU B 179 18.83 -6.89 -21.17
CA GLU B 179 19.96 -7.80 -21.11
C GLU B 179 20.49 -8.17 -19.71
N ARG B 180 20.23 -7.30 -18.74
CA ARG B 180 20.78 -7.41 -17.38
C ARG B 180 20.21 -8.59 -16.60
N PHE B 181 19.04 -9.06 -17.00
CA PHE B 181 18.29 -10.05 -16.24
C PHE B 181 18.84 -11.47 -16.37
N PHE B 182 19.58 -11.75 -17.45
CA PHE B 182 19.97 -13.12 -17.75
C PHE B 182 21.40 -13.30 -18.22
N ASP B 183 21.85 -14.55 -18.18
CA ASP B 183 23.14 -14.99 -18.68
C ASP B 183 23.01 -15.87 -19.91
N GLY B 184 24.02 -15.84 -20.76
CA GLY B 184 24.09 -16.74 -21.89
C GLY B 184 23.05 -16.43 -22.95
N PRO B 185 22.78 -17.40 -23.85
CA PRO B 185 21.95 -17.18 -25.02
C PRO B 185 20.49 -17.34 -24.66
N LEU B 186 19.61 -16.73 -25.43
CA LEU B 186 18.18 -16.74 -25.13
C LEU B 186 17.52 -17.65 -26.15
N ASN B 187 17.04 -18.81 -25.70
CA ASN B 187 16.44 -19.80 -26.60
C ASN B 187 14.95 -19.65 -26.78
N TYR B 188 14.48 -19.78 -28.02
CA TYR B 188 13.04 -19.68 -28.32
C TYR B 188 12.35 -21.01 -28.59
N GLU B 189 11.09 -21.11 -28.20
CA GLU B 189 10.28 -22.26 -28.51
C GLU B 189 8.96 -21.83 -29.10
N LYS B 190 8.48 -22.59 -30.08
CA LYS B 190 7.23 -22.32 -30.77
C LYS B 190 6.06 -22.71 -29.87
N LEU B 191 5.06 -21.83 -29.77
CA LEU B 191 3.81 -22.16 -29.12
C LEU B 191 3.06 -23.22 -29.92
N ASN B 192 2.51 -24.21 -29.23
CA ASN B 192 1.69 -25.20 -29.89
C ASN B 192 0.25 -24.73 -30.16
N HIS B 193 -0.17 -23.68 -29.46
CA HIS B 193 -1.47 -23.04 -29.63
C HIS B 193 -1.31 -21.59 -29.22
N ASP B 194 -2.10 -20.69 -29.82
CA ASP B 194 -2.16 -19.31 -29.31
C ASP B 194 -3.30 -19.13 -28.33
N LEU B 195 -3.17 -19.79 -27.18
CA LEU B 195 -4.13 -19.69 -26.08
C LEU B 195 -3.44 -19.15 -24.83
N MET B 196 -2.98 -20.07 -23.99
CA MET B 196 -2.01 -19.73 -22.97
C MET B 196 -0.62 -19.74 -23.59
N TRP B 197 0.39 -19.41 -22.81
CA TRP B 197 1.76 -19.54 -23.31
C TRP B 197 2.24 -20.98 -23.13
N GLN B 198 2.03 -21.79 -24.17
CA GLN B 198 2.19 -23.22 -24.05
C GLN B 198 3.02 -23.81 -25.18
N VAL B 199 3.85 -24.80 -24.82
CA VAL B 199 4.89 -25.28 -25.70
C VAL B 199 4.98 -26.82 -25.68
N ASP B 200 5.33 -27.42 -26.81
CA ASP B 200 5.59 -28.86 -26.87
C ASP B 200 7.02 -29.19 -26.41
N LEU B 201 7.12 -30.07 -25.42
CA LEU B 201 8.40 -30.58 -24.93
C LEU B 201 8.30 -32.06 -24.59
N ASP B 202 9.46 -32.71 -24.54
CA ASP B 202 9.58 -34.07 -24.00
C ASP B 202 10.09 -33.91 -22.56
N VAL B 203 9.39 -34.53 -21.61
CA VAL B 203 9.75 -34.36 -20.21
C VAL B 203 10.15 -35.69 -19.58
N HIS B 204 11.40 -35.74 -19.09
CA HIS B 204 11.93 -36.90 -18.36
C HIS B 204 12.14 -36.54 -16.89
N PHE B 205 11.56 -37.33 -15.99
CA PHE B 205 11.88 -37.19 -14.56
C PHE B 205 12.86 -38.29 -14.14
N GLY B 206 12.36 -39.39 -13.59
CA GLY B 206 13.23 -40.52 -13.32
C GLY B 206 13.53 -41.22 -14.63
N ASN B 207 13.20 -42.51 -14.67
CA ASN B 207 13.06 -43.24 -15.92
C ASN B 207 11.66 -43.02 -16.46
N VAL B 208 10.80 -42.47 -15.60
CA VAL B 208 9.48 -42.00 -15.98
C VAL B 208 9.60 -40.77 -16.88
N SER B 209 8.98 -40.84 -18.06
CA SER B 209 9.00 -39.75 -19.04
C SER B 209 7.71 -39.65 -19.86
N SER B 210 7.48 -38.49 -20.46
CA SER B 210 6.33 -38.25 -21.32
C SER B 210 6.75 -37.42 -22.54
N LYS B 211 6.58 -37.99 -23.74
CA LYS B 211 6.95 -37.30 -24.98
C LYS B 211 5.82 -36.48 -25.59
N LYS B 212 6.20 -35.34 -26.18
CA LYS B 212 5.26 -34.33 -26.73
C LYS B 212 4.21 -33.88 -25.72
N ALA B 213 4.71 -33.48 -24.55
CA ALA B 213 3.86 -32.99 -23.49
C ALA B 213 3.54 -31.56 -23.81
N ASN B 214 2.31 -31.16 -23.47
CA ASN B 214 1.87 -29.79 -23.53
C ASN B 214 2.28 -29.13 -22.24
N VAL B 215 3.30 -28.27 -22.28
CA VAL B 215 3.76 -27.61 -21.07
C VAL B 215 3.47 -26.11 -21.04
N ILE B 216 2.84 -25.67 -19.94
CA ILE B 216 2.27 -24.33 -19.82
C ILE B 216 3.03 -23.46 -18.83
N LEU B 217 3.43 -22.27 -19.26
CA LEU B 217 4.00 -21.28 -18.36
C LEU B 217 2.89 -20.48 -17.66
N ASP B 218 2.96 -20.54 -16.32
CA ASP B 218 1.96 -19.90 -15.46
C ASP B 218 2.64 -19.28 -14.23
N SER B 219 2.64 -17.95 -14.19
CA SER B 219 3.18 -17.17 -13.07
C SER B 219 2.37 -17.28 -11.74
N ALA B 220 1.07 -17.54 -11.86
CA ALA B 220 0.17 -17.62 -10.71
C ALA B 220 0.36 -18.92 -9.91
N THR B 221 1.22 -19.78 -10.41
CA THR B 221 1.46 -21.07 -9.80
C THR B 221 2.78 -21.05 -9.03
N SER B 222 2.75 -21.50 -7.78
CA SER B 222 3.94 -21.50 -6.92
C SER B 222 4.70 -22.81 -6.98
N VAL B 223 4.38 -23.65 -7.96
CA VAL B 223 4.65 -25.06 -7.85
C VAL B 223 4.94 -25.64 -9.24
N ILE B 224 5.38 -26.90 -9.32
CA ILE B 224 5.53 -27.59 -10.61
C ILE B 224 4.43 -28.63 -10.75
N THR B 225 3.69 -28.60 -11.86
CA THR B 225 2.55 -29.49 -12.05
C THR B 225 2.85 -30.67 -12.95
N VAL B 226 2.27 -31.82 -12.65
CA VAL B 226 2.59 -33.04 -13.35
C VAL B 226 1.37 -33.97 -13.33
N PRO B 227 1.02 -34.56 -14.49
CA PRO B 227 -0.13 -35.48 -14.55
C PRO B 227 -0.09 -36.55 -13.44
N THR B 228 -1.25 -36.91 -12.91
CA THR B 228 -1.37 -37.85 -11.78
C THR B 228 -0.58 -39.15 -12.00
N GLU B 229 -0.88 -39.85 -13.10
CA GLU B 229 -0.16 -41.07 -13.46
C GLU B 229 1.36 -40.86 -13.43
N PHE B 230 1.82 -39.75 -14.01
CA PHE B 230 3.24 -39.38 -14.07
C PHE B 230 3.84 -39.15 -12.68
N PHE B 231 3.07 -38.51 -11.81
CA PHE B 231 3.53 -38.18 -10.47
C PHE B 231 3.69 -39.41 -9.61
N ASN B 232 2.75 -40.33 -9.72
CA ASN B 232 2.79 -41.55 -8.94
C ASN B 232 4.01 -42.38 -9.28
N GLN B 233 4.32 -42.47 -10.57
CA GLN B 233 5.49 -43.22 -11.03
C GLN B 233 6.76 -42.61 -10.47
N PHE B 234 6.83 -41.29 -10.55
CA PHE B 234 7.96 -40.53 -10.04
C PHE B 234 8.23 -40.79 -8.55
N VAL B 235 7.20 -40.69 -7.72
CA VAL B 235 7.35 -40.80 -6.26
C VAL B 235 7.62 -42.23 -5.81
N GLU B 236 6.82 -43.18 -6.33
CA GLU B 236 7.07 -44.60 -6.11
C GLU B 236 8.54 -44.89 -6.37
N SER B 237 9.22 -45.43 -5.37
CA SER B 237 10.65 -45.73 -5.42
C SER B 237 11.51 -44.50 -5.80
N ALA B 238 11.19 -43.35 -5.19
CA ALA B 238 12.06 -42.17 -5.22
C ALA B 238 12.31 -41.71 -3.78
N SER B 239 11.89 -42.56 -2.84
CA SER B 239 12.02 -42.32 -1.40
C SER B 239 11.48 -40.95 -0.96
N VAL B 240 10.32 -40.58 -1.52
CA VAL B 240 9.54 -39.40 -1.11
C VAL B 240 8.32 -39.86 -0.34
N PHE B 241 7.98 -39.17 0.73
CA PHE B 241 6.97 -39.69 1.65
C PHE B 241 5.73 -38.81 1.85
N LYS B 242 4.57 -39.43 1.63
CA LYS B 242 3.26 -38.85 1.89
C LYS B 242 2.92 -39.06 3.37
N VAL B 243 2.30 -38.06 3.99
CA VAL B 243 2.13 -38.06 5.45
C VAL B 243 0.83 -37.42 5.98
N PRO B 244 0.35 -36.38 5.27
CA PRO B 244 -0.16 -35.17 5.88
C PRO B 244 -1.58 -35.13 6.42
N PHE B 245 -1.86 -33.97 7.02
CA PHE B 245 -3.16 -33.32 6.98
C PHE B 245 -3.45 -33.01 5.51
N LEU B 246 -2.52 -32.29 4.86
CA LEU B 246 -2.76 -31.72 3.53
C LEU B 246 -1.61 -31.78 2.52
N SER B 247 -1.31 -32.98 2.00
CA SER B 247 -0.44 -33.18 0.79
C SER B 247 1.11 -33.18 0.95
N LEU B 248 1.74 -32.05 0.59
CA LEU B 248 3.20 -31.79 0.67
C LEU B 248 4.06 -32.06 -0.60
N TYR B 249 4.93 -33.09 -0.69
CA TYR B 249 5.19 -34.18 0.24
C TYR B 249 6.54 -33.88 0.91
N VAL B 250 7.15 -34.86 1.59
CA VAL B 250 8.40 -34.61 2.30
C VAL B 250 9.53 -35.58 2.00
N THR B 251 10.75 -35.05 2.01
CA THR B 251 11.99 -35.82 1.79
C THR B 251 13.19 -35.16 2.46
N THR B 252 14.33 -35.84 2.43
CA THR B 252 15.59 -35.28 2.91
C THR B 252 16.08 -34.21 1.93
N CYS B 253 16.66 -33.13 2.44
CA CYS B 253 17.15 -32.06 1.56
C CYS B 253 18.34 -32.52 0.76
N GLY B 254 19.23 -33.29 1.40
CA GLY B 254 20.42 -33.81 0.74
C GLY B 254 20.22 -35.18 0.13
N ASN B 255 18.99 -35.48 -0.28
CA ASN B 255 18.64 -36.78 -0.83
C ASN B 255 19.25 -37.02 -2.20
N THR B 256 20.30 -37.84 -2.24
CA THR B 256 20.94 -38.19 -3.51
C THR B 256 20.28 -39.41 -4.12
N LYS B 257 18.97 -39.32 -4.30
CA LYS B 257 18.22 -40.31 -5.06
C LYS B 257 17.41 -39.55 -6.08
N LEU B 258 16.77 -38.48 -5.62
CA LEU B 258 15.96 -37.59 -6.44
C LEU B 258 16.66 -37.14 -7.73
N PRO B 259 15.94 -37.23 -8.87
CA PRO B 259 16.50 -36.96 -10.18
C PRO B 259 16.41 -35.50 -10.59
N THR B 260 17.11 -35.15 -11.67
CA THR B 260 16.97 -33.84 -12.32
C THR B 260 15.79 -33.89 -13.27
N LEU B 261 15.06 -32.78 -13.32
CA LEU B 261 13.89 -32.67 -14.17
C LEU B 261 14.36 -32.13 -15.50
N GLU B 262 14.05 -32.86 -16.57
CA GLU B 262 14.48 -32.49 -17.91
C GLU B 262 13.28 -32.13 -18.76
N TYR B 263 13.31 -30.94 -19.34
CA TYR B 263 12.33 -30.56 -20.34
C TYR B 263 13.11 -30.32 -21.63
N ARG B 264 12.99 -31.25 -22.57
CA ARG B 264 13.74 -31.15 -23.83
C ARG B 264 12.90 -30.72 -25.03
N SER B 265 13.48 -29.78 -25.78
CA SER B 265 12.94 -29.32 -27.04
C SER B 265 13.94 -29.81 -28.06
N PRO B 266 13.63 -29.70 -29.36
CA PRO B 266 14.59 -30.19 -30.37
C PRO B 266 15.96 -29.49 -30.31
N ASN B 267 16.07 -28.36 -29.60
CA ASN B 267 17.34 -27.62 -29.52
C ASN B 267 18.03 -27.71 -28.16
N LYS B 268 17.28 -27.39 -27.11
CA LYS B 268 17.83 -27.16 -25.80
C LYS B 268 17.10 -28.05 -24.80
N VAL B 269 17.82 -28.52 -23.79
CA VAL B 269 17.20 -29.18 -22.64
C VAL B 269 17.14 -28.24 -21.43
N TYR B 270 15.96 -28.11 -20.82
CA TYR B 270 15.75 -27.25 -19.64
C TYR B 270 15.71 -28.09 -18.37
N THR B 271 16.60 -27.79 -17.42
CA THR B 271 16.75 -28.63 -16.23
C THR B 271 16.40 -27.92 -14.94
N LEU B 272 15.90 -28.72 -13.99
CA LEU B 272 15.60 -28.31 -12.62
C LEU B 272 16.24 -29.28 -11.63
N GLU B 273 17.22 -28.81 -10.87
CA GLU B 273 17.92 -29.62 -9.87
C GLU B 273 17.09 -29.76 -8.60
N PRO B 274 17.29 -30.86 -7.84
CA PRO B 274 16.63 -30.98 -6.56
C PRO B 274 16.68 -29.69 -5.76
N LYS B 275 17.85 -29.04 -5.76
CA LYS B 275 18.00 -27.78 -5.03
C LYS B 275 16.92 -26.75 -5.36
N GLN B 276 16.42 -26.78 -6.60
CA GLN B 276 15.47 -25.75 -7.06
C GLN B 276 14.01 -26.14 -6.94
N TYR B 277 13.74 -27.42 -6.69
CA TYR B 277 12.34 -27.85 -6.53
C TYR B 277 12.03 -28.41 -5.12
N LEU B 278 12.96 -28.18 -4.20
CA LEU B 278 12.79 -28.56 -2.81
C LEU B 278 12.78 -27.31 -1.96
N GLU B 279 12.00 -27.33 -0.88
CA GLU B 279 11.86 -26.17 0.01
C GLU B 279 12.13 -26.53 1.48
N PRO B 280 13.07 -25.79 2.11
CA PRO B 280 13.40 -26.01 3.51
C PRO B 280 12.18 -25.88 4.41
N LEU B 281 11.93 -26.88 5.24
CA LEU B 281 10.86 -26.83 6.21
C LEU B 281 11.35 -26.29 7.53
N GLU B 282 12.61 -26.54 7.85
CA GLU B 282 13.12 -26.27 9.20
C GLU B 282 13.94 -25.01 9.28
N ASN B 283 14.08 -24.51 10.50
CA ASN B 283 15.08 -23.51 10.82
C ASN B 283 16.12 -24.06 11.81
N ILE B 284 15.65 -24.76 12.84
CA ILE B 284 16.50 -25.66 13.65
C ILE B 284 16.54 -27.01 12.97
N PHE B 285 17.73 -27.58 12.81
CA PHE B 285 18.06 -28.66 11.83
C PHE B 285 18.98 -28.08 10.73
N SER B 286 18.69 -28.13 9.41
CA SER B 286 17.52 -28.69 8.78
C SER B 286 17.95 -29.65 7.69
N ALA B 287 17.63 -30.92 7.85
CA ALA B 287 17.86 -31.91 6.82
C ALA B 287 16.60 -32.10 5.98
N LEU B 288 15.53 -31.42 6.38
CA LEU B 288 14.18 -31.77 5.93
C LEU B 288 13.51 -30.81 4.98
N CYS B 289 12.96 -31.36 3.90
CA CYS B 289 12.52 -30.59 2.75
C CYS B 289 11.16 -30.95 2.21
N MET B 290 10.52 -29.94 1.61
CA MET B 290 9.20 -30.05 1.04
C MET B 290 9.32 -30.08 -0.46
N LEU B 291 8.69 -31.08 -1.09
CA LEU B 291 8.73 -31.26 -2.54
C LEU B 291 7.74 -30.32 -3.23
N ASN B 292 8.25 -29.46 -4.12
CA ASN B 292 7.42 -28.47 -4.82
C ASN B 292 6.78 -28.96 -6.12
N ILE B 293 6.48 -30.24 -6.19
CA ILE B 293 5.89 -30.85 -7.37
C ILE B 293 4.56 -31.43 -6.93
N VAL B 294 3.50 -31.17 -7.66
CA VAL B 294 2.19 -31.58 -7.24
C VAL B 294 1.45 -32.36 -8.36
N PRO B 295 0.70 -33.40 -8.00
CA PRO B 295 -0.13 -34.09 -9.00
C PRO B 295 -1.40 -33.31 -9.32
N ILE B 296 -1.50 -32.86 -10.56
CA ILE B 296 -2.69 -32.14 -11.04
C ILE B 296 -2.98 -32.50 -12.50
N ASP B 297 -4.23 -32.93 -12.74
CA ASP B 297 -4.69 -33.26 -14.08
C ASP B 297 -5.51 -32.12 -14.66
N LEU B 298 -4.89 -31.37 -15.58
CA LEU B 298 -5.60 -30.30 -16.26
C LEU B 298 -6.24 -30.84 -17.54
N GLU B 299 -5.39 -31.31 -18.44
CA GLU B 299 -5.78 -31.71 -19.77
C GLU B 299 -4.84 -32.83 -20.17
N LYS B 300 -5.34 -33.79 -20.94
CA LYS B 300 -4.51 -34.87 -21.48
C LYS B 300 -3.07 -34.37 -21.70
N ASN B 301 -2.15 -34.97 -20.93
CA ASN B 301 -0.70 -34.71 -21.02
C ASN B 301 -0.21 -33.30 -20.73
N THR B 302 -0.73 -32.66 -19.69
CA THR B 302 -0.38 -31.27 -19.43
C THR B 302 0.43 -31.00 -18.15
N PHE B 303 1.59 -30.38 -18.34
CA PHE B 303 2.47 -29.95 -17.26
C PHE B 303 2.42 -28.43 -17.08
N VAL B 304 2.45 -27.98 -15.83
CA VAL B 304 2.57 -26.55 -15.55
C VAL B 304 3.94 -26.22 -14.95
N LEU B 305 4.66 -25.29 -15.58
CA LEU B 305 5.86 -24.69 -15.01
C LEU B 305 5.54 -23.39 -14.26
N GLY B 306 5.66 -23.40 -12.94
CA GLY B 306 5.42 -22.20 -12.14
C GLY B 306 6.71 -21.58 -11.64
N ASP B 307 6.62 -20.79 -10.56
CA ASP B 307 7.77 -20.10 -9.98
C ASP B 307 9.08 -20.92 -9.87
N PRO B 308 9.04 -22.11 -9.24
CA PRO B 308 10.31 -22.85 -9.12
C PRO B 308 11.15 -22.89 -10.40
N PHE B 309 10.49 -23.06 -11.55
CA PHE B 309 11.15 -23.06 -12.86
C PHE B 309 11.51 -21.63 -13.30
N MET B 310 10.56 -20.72 -13.18
CA MET B 310 10.76 -19.36 -13.60
C MET B 310 11.80 -18.62 -12.76
N ARG B 311 12.23 -19.24 -11.68
CA ARG B 311 13.21 -18.62 -10.79
C ARG B 311 14.62 -18.97 -11.26
N LYS B 312 14.72 -20.02 -12.08
CA LYS B 312 15.97 -20.37 -12.69
C LYS B 312 16.07 -19.71 -14.05
N TYR B 313 14.96 -19.79 -14.79
CA TYR B 313 14.90 -19.31 -16.16
C TYR B 313 14.14 -18.00 -16.29
N PHE B 314 14.82 -17.00 -16.84
CA PHE B 314 14.21 -15.76 -17.25
C PHE B 314 13.40 -16.11 -18.49
N THR B 315 12.17 -15.61 -18.58
CA THR B 315 11.26 -16.00 -19.68
C THR B 315 10.71 -14.82 -20.45
N VAL B 316 10.77 -14.94 -21.78
CA VAL B 316 10.33 -13.88 -22.69
C VAL B 316 9.08 -14.31 -23.45
N TYR B 317 8.07 -13.46 -23.44
CA TYR B 317 6.79 -13.81 -24.06
C TYR B 317 6.57 -12.93 -25.28
N ASP B 318 6.67 -13.54 -26.46
CA ASP B 318 6.72 -12.79 -27.73
C ASP B 318 5.46 -12.98 -28.57
N TYR B 319 4.59 -11.97 -28.52
CA TYR B 319 3.36 -11.97 -29.30
C TYR B 319 3.58 -11.91 -30.82
N ASP B 320 4.63 -11.22 -31.24
CA ASP B 320 4.94 -11.07 -32.66
C ASP B 320 5.35 -12.36 -33.36
N ASN B 321 6.18 -13.15 -32.70
CA ASN B 321 6.70 -14.37 -33.32
C ASN B 321 6.03 -15.65 -32.85
N HIS B 322 5.09 -15.51 -31.91
CA HIS B 322 4.40 -16.66 -31.30
C HIS B 322 5.42 -17.64 -30.73
N THR B 323 6.29 -17.14 -29.85
CA THR B 323 7.31 -17.95 -29.21
C THR B 323 7.49 -17.58 -27.74
N VAL B 324 8.13 -18.47 -26.99
CA VAL B 324 8.53 -18.19 -25.62
C VAL B 324 10.05 -18.28 -25.55
N GLY B 325 10.68 -17.31 -24.89
CA GLY B 325 12.12 -17.27 -24.74
C GLY B 325 12.54 -17.74 -23.36
N PHE B 326 13.68 -18.43 -23.29
CA PHE B 326 14.23 -18.94 -22.04
C PHE B 326 15.71 -18.60 -21.89
N ALA B 327 16.11 -18.12 -20.71
CA ALA B 327 17.53 -17.92 -20.38
C ALA B 327 17.81 -18.10 -18.88
N LEU B 328 19.01 -18.52 -18.52
CA LEU B 328 19.40 -18.62 -17.11
C LEU B 328 19.41 -17.23 -16.48
N ALA B 329 18.63 -17.05 -15.41
CA ALA B 329 18.51 -15.77 -14.71
C ALA B 329 19.76 -15.38 -13.94
N LYS B 330 20.14 -14.10 -14.06
CA LYS B 330 21.27 -13.47 -13.37
C LYS B 330 20.95 -13.13 -11.90
N ASN B 331 21.83 -12.34 -11.27
CA ASN B 331 21.70 -11.93 -9.86
C ASN B 331 21.61 -13.09 -8.89
N GLU C 6 -18.08 46.98 -23.58
CA GLU C 6 -16.79 47.03 -22.85
C GLU C 6 -15.75 46.04 -23.38
N PHE C 7 -14.76 45.71 -22.55
CA PHE C 7 -13.71 44.78 -22.93
C PHE C 7 -13.87 43.44 -22.21
N ASP C 8 -13.15 42.42 -22.68
CA ASP C 8 -13.22 41.06 -22.12
C ASP C 8 -12.47 40.88 -20.81
N ASN C 9 -13.17 40.34 -19.81
CA ASN C 9 -12.63 40.10 -18.48
C ASN C 9 -12.56 38.61 -18.16
N VAL C 10 -11.42 38.17 -17.64
CA VAL C 10 -11.29 36.84 -17.05
C VAL C 10 -11.10 36.97 -15.53
N GLU C 11 -11.99 36.33 -14.79
CA GLU C 11 -11.98 36.35 -13.34
C GLU C 11 -10.75 35.63 -12.82
N LEU C 12 -10.07 36.22 -11.86
CA LEU C 12 -8.92 35.60 -11.23
C LEU C 12 -9.27 34.99 -9.88
N LYS C 13 -8.99 33.69 -9.76
CA LYS C 13 -9.15 32.96 -8.51
C LYS C 13 -7.87 33.09 -7.71
N ASP C 14 -8.00 32.92 -6.39
CA ASP C 14 -6.87 32.95 -5.47
C ASP C 14 -6.47 31.52 -5.08
N LEU C 15 -5.17 31.24 -5.10
CA LEU C 15 -4.68 29.93 -4.66
C LEU C 15 -3.78 29.99 -3.42
N ALA C 16 -2.47 29.97 -3.62
CA ALA C 16 -1.52 30.02 -2.50
C ALA C 16 -1.21 31.48 -2.11
N ASN C 17 -2.29 32.22 -1.84
CA ASN C 17 -2.23 33.66 -1.62
C ASN C 17 -1.61 34.48 -2.75
N VAL C 18 -1.54 33.87 -3.92
CA VAL C 18 -1.20 34.57 -5.15
C VAL C 18 -2.46 34.56 -6.02
N LEU C 19 -2.91 35.74 -6.43
CA LEU C 19 -4.23 35.90 -7.04
C LEU C 19 -4.13 36.21 -8.52
N SER C 20 -3.72 35.21 -9.32
CA SER C 20 -3.76 35.34 -10.78
C SER C 20 -3.97 33.99 -11.52
N PHE C 21 -4.93 33.22 -11.01
CA PHE C 21 -5.33 31.97 -11.64
C PHE C 21 -6.71 32.11 -12.27
N GLY C 22 -6.83 31.74 -13.54
CA GLY C 22 -8.09 31.86 -14.24
C GLY C 22 -8.27 30.80 -15.30
N GLU C 23 -9.48 30.74 -15.86
CA GLU C 23 -9.80 29.77 -16.90
C GLU C 23 -9.48 30.31 -18.30
N ALA C 24 -9.11 29.41 -19.21
CA ALA C 24 -8.97 29.70 -20.63
C ALA C 24 -9.15 28.41 -21.41
N LYS C 25 -9.57 28.51 -22.67
CA LYS C 25 -9.92 27.32 -23.47
C LYS C 25 -8.99 27.06 -24.66
N LEU C 26 -8.77 25.78 -24.95
CA LEU C 26 -7.95 25.35 -26.08
C LEU C 26 -8.76 24.49 -27.04
N GLY C 27 -8.59 24.74 -28.34
CA GLY C 27 -9.22 23.97 -29.41
C GLY C 27 -10.57 24.52 -29.84
N ASP C 28 -11.15 23.91 -30.86
CA ASP C 28 -12.48 24.32 -31.35
C ASP C 28 -13.60 23.68 -30.52
N ASN C 29 -13.21 22.79 -29.61
CA ASN C 29 -14.12 22.07 -28.73
C ASN C 29 -14.14 22.62 -27.29
N GLY C 30 -13.37 23.68 -27.07
CA GLY C 30 -13.34 24.38 -25.78
C GLY C 30 -12.96 23.55 -24.56
N GLN C 31 -11.77 22.96 -24.59
CA GLN C 31 -11.25 22.23 -23.43
C GLN C 31 -10.82 23.23 -22.37
N LYS C 32 -11.38 23.10 -21.17
CA LYS C 32 -11.13 24.04 -20.06
C LYS C 32 -9.79 23.78 -19.36
N PHE C 33 -9.09 24.86 -19.03
CA PHE C 33 -7.80 24.78 -18.34
C PHE C 33 -7.69 25.88 -17.28
N ASN C 34 -7.13 25.53 -16.13
CA ASN C 34 -6.83 26.51 -15.09
C ASN C 34 -5.39 26.97 -15.26
N PHE C 35 -5.20 28.26 -15.51
CA PHE C 35 -3.88 28.80 -15.82
C PHE C 35 -3.38 29.72 -14.72
N LEU C 36 -2.06 29.80 -14.58
CA LEU C 36 -1.44 30.92 -13.89
C LEU C 36 -1.02 31.94 -14.94
N PHE C 37 -1.71 33.07 -14.97
CA PHE C 37 -1.33 34.18 -15.84
C PHE C 37 -0.09 34.89 -15.27
N HIS C 38 0.98 34.89 -16.05
CA HIS C 38 2.29 35.29 -15.58
C HIS C 38 2.80 36.45 -16.43
N THR C 39 3.07 37.57 -15.79
CA THR C 39 3.58 38.73 -16.49
C THR C 39 5.09 38.63 -16.67
N ALA C 40 5.71 37.64 -16.03
CA ALA C 40 7.15 37.46 -16.08
C ALA C 40 7.60 36.19 -16.81
N SER C 41 6.78 35.72 -17.74
CA SER C 41 7.17 34.64 -18.67
C SER C 41 6.32 34.73 -19.93
N SER C 42 6.82 34.22 -21.04
CA SER C 42 6.15 34.45 -22.31
C SER C 42 5.79 33.19 -23.10
N ASN C 43 5.43 32.13 -22.40
CA ASN C 43 4.92 30.94 -23.06
C ASN C 43 3.71 30.36 -22.35
N VAL C 44 2.78 29.85 -23.14
CA VAL C 44 1.63 29.14 -22.60
C VAL C 44 1.91 27.62 -22.57
N TRP C 45 1.69 27.02 -21.40
CA TRP C 45 1.98 25.61 -21.18
C TRP C 45 0.72 24.88 -20.76
N VAL C 46 0.62 23.60 -21.14
CA VAL C 46 -0.56 22.81 -20.87
C VAL C 46 -0.17 21.33 -20.77
N PRO C 47 -0.80 20.58 -19.85
CA PRO C 47 -0.51 19.14 -19.77
C PRO C 47 -1.09 18.38 -20.96
N SER C 48 -0.23 17.70 -21.70
CA SER C 48 -0.64 16.87 -22.82
C SER C 48 -1.37 15.62 -22.36
N ILE C 49 -2.15 15.01 -23.25
CA ILE C 49 -2.77 13.72 -22.97
C ILE C 49 -1.71 12.62 -22.99
N LYS C 50 -0.57 12.92 -23.62
CA LYS C 50 0.57 12.01 -23.69
C LYS C 50 1.42 12.04 -22.41
N CYS C 51 1.05 12.90 -21.45
CA CYS C 51 1.82 13.02 -20.21
C CYS C 51 1.68 11.79 -19.33
N THR C 52 2.81 11.12 -19.10
CA THR C 52 2.83 9.90 -18.28
C THR C 52 3.47 10.13 -16.91
N SER C 53 3.72 11.39 -16.58
CA SER C 53 4.25 11.76 -15.27
C SER C 53 3.17 11.79 -14.20
N GLU C 54 3.56 11.48 -12.97
CA GLU C 54 2.66 11.37 -11.83
C GLU C 54 2.01 12.69 -11.45
N SER C 55 2.67 13.80 -11.76
CA SER C 55 2.17 15.13 -11.42
C SER C 55 0.98 15.58 -12.29
N CYS C 56 0.88 15.02 -13.50
CA CYS C 56 -0.22 15.32 -14.43
C CYS C 56 -1.54 14.67 -14.04
N GLU C 57 -1.47 13.67 -13.16
CA GLU C 57 -2.56 12.71 -12.95
C GLU C 57 -3.96 13.31 -12.87
N SER C 58 -4.16 14.25 -11.95
CA SER C 58 -5.49 14.84 -11.78
C SER C 58 -5.59 16.25 -12.35
N LYS C 59 -4.96 16.46 -13.50
CA LYS C 59 -4.99 17.75 -14.18
C LYS C 59 -5.77 17.64 -15.49
N ASN C 60 -6.13 18.78 -16.06
CA ASN C 60 -6.82 18.81 -17.35
C ASN C 60 -5.85 18.56 -18.49
N HIS C 61 -6.24 17.69 -19.42
CA HIS C 61 -5.35 17.28 -20.49
C HIS C 61 -5.74 17.86 -21.84
N TYR C 62 -4.73 18.08 -22.68
CA TYR C 62 -4.99 18.52 -24.03
C TYR C 62 -4.77 17.39 -25.02
N ASP C 63 -5.85 17.02 -25.70
CA ASP C 63 -5.81 15.96 -26.70
C ASP C 63 -5.88 16.57 -28.09
N SER C 64 -4.73 16.58 -28.76
CA SER C 64 -4.58 17.19 -30.09
C SER C 64 -5.42 16.53 -31.18
N SER C 65 -5.97 15.36 -30.89
CA SER C 65 -6.75 14.59 -31.86
C SER C 65 -8.25 14.96 -31.89
N LYS C 66 -8.76 15.54 -30.79
CA LYS C 66 -10.18 15.89 -30.71
C LYS C 66 -10.45 17.35 -31.05
N SER C 67 -9.53 17.97 -31.80
CA SER C 67 -9.69 19.34 -32.27
C SER C 67 -9.41 19.47 -33.77
N LYS C 68 -10.40 19.96 -34.51
CA LYS C 68 -10.29 20.15 -35.97
C LYS C 68 -9.32 21.26 -36.39
N THR C 69 -9.09 22.23 -35.49
CA THR C 69 -8.19 23.36 -35.79
C THR C 69 -6.79 23.17 -35.18
N TYR C 70 -6.43 21.91 -34.89
CA TYR C 70 -5.09 21.58 -34.45
C TYR C 70 -4.11 21.59 -35.62
N GLU C 71 -2.93 22.16 -35.40
CA GLU C 71 -1.86 22.17 -36.39
C GLU C 71 -0.57 21.63 -35.80
N LYS C 72 0.03 20.66 -36.49
CA LYS C 72 1.28 20.05 -36.03
C LYS C 72 2.45 21.04 -36.07
N ASP C 73 3.31 20.95 -35.06
CA ASP C 73 4.56 21.70 -35.01
C ASP C 73 5.68 20.77 -34.53
N ASP C 74 5.53 20.26 -33.31
CA ASP C 74 6.39 19.19 -32.73
C ASP C 74 7.84 19.56 -32.36
N THR C 75 8.16 20.85 -32.33
CA THR C 75 9.49 21.31 -31.89
C THR C 75 9.67 20.98 -30.39
N PRO C 76 10.66 20.12 -30.07
CA PRO C 76 10.80 19.66 -28.70
C PRO C 76 11.41 20.72 -27.79
N VAL C 77 10.81 20.89 -26.61
CA VAL C 77 11.33 21.80 -25.59
C VAL C 77 11.60 21.07 -24.27
N LYS C 78 12.65 21.48 -23.57
CA LYS C 78 12.98 20.93 -22.27
C LYS C 78 13.64 21.98 -21.39
N LEU C 79 12.84 22.52 -20.48
CA LEU C 79 13.27 23.52 -19.51
C LEU C 79 13.71 22.85 -18.21
N THR C 80 14.99 23.01 -17.84
CA THR C 80 15.46 22.54 -16.54
C THR C 80 15.88 23.69 -15.64
N SER C 81 15.50 23.57 -14.36
CA SER C 81 16.01 24.41 -13.28
C SER C 81 16.29 23.47 -12.08
N LYS C 82 16.70 24.04 -10.94
CA LYS C 82 16.89 23.24 -9.73
C LYS C 82 15.53 22.81 -9.18
N ALA C 83 14.57 23.75 -9.20
CA ALA C 83 13.20 23.51 -8.74
C ALA C 83 12.59 22.23 -9.32
N GLY C 84 12.68 22.10 -10.64
CA GLY C 84 12.20 20.90 -11.35
C GLY C 84 12.53 20.91 -12.83
N THR C 85 12.18 19.82 -13.51
CA THR C 85 12.33 19.72 -14.96
C THR C 85 10.98 19.58 -15.66
N ILE C 86 10.91 20.09 -16.89
CA ILE C 86 9.68 20.08 -17.68
C ILE C 86 9.99 19.96 -19.17
N SER C 87 9.53 18.89 -19.80
CA SER C 87 9.77 18.68 -21.23
C SER C 87 8.49 18.38 -22.00
N GLY C 88 8.40 18.92 -23.20
CA GLY C 88 7.22 18.77 -24.05
C GLY C 88 7.48 19.15 -25.50
N ILE C 89 6.42 19.29 -26.27
CA ILE C 89 6.49 19.62 -27.71
C ILE C 89 5.54 20.76 -28.08
N PHE C 90 5.93 21.57 -29.06
CA PHE C 90 5.09 22.67 -29.54
C PHE C 90 3.85 22.19 -30.32
N SER C 91 2.77 22.95 -30.19
CA SER C 91 1.51 22.67 -30.90
C SER C 91 0.72 23.95 -31.11
N LYS C 92 0.15 24.09 -32.31
CA LYS C 92 -0.61 25.28 -32.67
C LYS C 92 -2.11 24.98 -32.71
N ASP C 93 -2.89 25.78 -31.98
CA ASP C 93 -4.35 25.61 -31.92
C ASP C 93 -5.05 26.92 -31.53
N LEU C 94 -6.37 26.88 -31.44
CA LEU C 94 -7.21 28.02 -31.09
C LEU C 94 -7.18 28.23 -29.59
N VAL C 95 -6.79 29.44 -29.15
CA VAL C 95 -6.69 29.77 -27.72
C VAL C 95 -7.73 30.84 -27.37
N THR C 96 -8.57 30.53 -26.39
CA THR C 96 -9.80 31.31 -26.13
C THR C 96 -9.88 31.92 -24.72
N ILE C 97 -10.14 33.22 -24.69
CA ILE C 97 -10.48 33.94 -23.46
C ILE C 97 -11.68 34.83 -23.75
N GLY C 98 -12.84 34.46 -23.19
CA GLY C 98 -14.09 35.17 -23.46
C GLY C 98 -14.46 35.12 -24.94
N LYS C 99 -14.72 36.28 -25.51
CA LYS C 99 -15.04 36.40 -26.95
C LYS C 99 -13.84 36.20 -27.87
N LEU C 100 -12.63 36.20 -27.30
CA LEU C 100 -11.38 36.24 -28.09
C LEU C 100 -10.75 34.87 -28.37
N SER C 101 -10.54 34.59 -29.66
CA SER C 101 -9.94 33.33 -30.14
C SER C 101 -9.01 33.55 -31.32
N VAL C 102 -7.83 32.95 -31.24
CA VAL C 102 -6.82 33.06 -32.30
C VAL C 102 -5.90 31.84 -32.31
N PRO C 103 -5.50 31.37 -33.52
CA PRO C 103 -4.44 30.37 -33.58
C PRO C 103 -3.18 30.82 -32.85
N TYR C 104 -2.59 29.93 -32.08
CA TYR C 104 -1.43 30.26 -31.26
C TYR C 104 -0.54 29.06 -31.03
N LYS C 105 0.75 29.31 -30.88
CA LYS C 105 1.73 28.28 -30.57
C LYS C 105 1.87 28.16 -29.05
N PHE C 106 1.77 26.93 -28.54
CA PHE C 106 1.93 26.69 -27.10
C PHE C 106 2.71 25.40 -26.84
N ILE C 107 2.86 25.01 -25.59
CA ILE C 107 3.61 23.80 -25.26
C ILE C 107 2.75 22.73 -24.58
N GLU C 108 2.59 21.60 -25.27
CA GLU C 108 2.03 20.38 -24.69
C GLU C 108 3.10 19.77 -23.82
N MET C 109 2.77 19.45 -22.58
CA MET C 109 3.76 18.98 -21.63
C MET C 109 3.83 17.45 -21.61
N THR C 110 4.96 16.91 -22.04
CA THR C 110 5.16 15.46 -22.08
C THR C 110 5.45 14.92 -20.68
N GLU C 111 6.36 15.57 -19.98
CA GLU C 111 6.90 15.05 -18.73
C GLU C 111 7.15 16.21 -17.78
N ILE C 112 6.65 16.07 -16.56
CA ILE C 112 6.79 17.11 -15.55
C ILE C 112 7.15 16.53 -14.19
N VAL C 113 8.39 16.79 -13.79
CA VAL C 113 8.97 16.29 -12.55
C VAL C 113 9.43 17.46 -11.68
N GLY C 114 8.97 17.52 -10.44
CA GLY C 114 9.36 18.58 -9.50
C GLY C 114 8.29 19.62 -9.25
N PHE C 115 8.73 20.82 -8.90
CA PHE C 115 7.86 21.97 -8.61
C PHE C 115 6.81 21.68 -7.54
N GLU C 116 7.24 21.02 -6.47
CA GLU C 116 6.35 20.56 -5.43
C GLU C 116 6.52 21.39 -4.16
N PRO C 117 5.52 21.38 -3.24
CA PRO C 117 4.18 20.81 -3.36
C PRO C 117 3.19 21.78 -4.03
N PHE C 118 3.72 22.83 -4.64
CA PHE C 118 2.91 23.81 -5.35
C PHE C 118 1.98 23.13 -6.36
N TYR C 119 2.56 22.48 -7.36
CA TYR C 119 1.83 21.99 -8.53
C TYR C 119 0.77 20.94 -8.21
N SER C 120 1.18 19.82 -7.61
CA SER C 120 0.25 18.73 -7.30
C SER C 120 -0.98 19.17 -6.50
N GLU C 121 -0.73 19.89 -5.40
CA GLU C 121 -1.78 20.19 -4.42
C GLU C 121 -2.64 21.40 -4.76
N SER C 122 -2.23 22.16 -5.77
CA SER C 122 -3.08 23.19 -6.39
C SER C 122 -3.99 22.52 -7.43
N ASP C 123 -4.86 23.30 -8.07
CA ASP C 123 -5.65 22.79 -9.20
C ASP C 123 -5.37 23.56 -10.49
N VAL C 124 -4.27 24.31 -10.50
CA VAL C 124 -3.77 24.94 -11.72
C VAL C 124 -3.21 23.85 -12.64
N ASP C 125 -3.33 24.06 -13.95
CA ASP C 125 -2.90 23.08 -14.94
C ASP C 125 -1.59 23.50 -15.62
N GLY C 126 -1.46 24.78 -15.95
CA GLY C 126 -0.25 25.28 -16.61
C GLY C 126 -0.15 26.78 -16.44
N VAL C 127 0.88 27.39 -17.02
CA VAL C 127 1.03 28.83 -16.94
C VAL C 127 0.83 29.51 -18.29
N PHE C 128 0.15 30.67 -18.25
CA PHE C 128 -0.16 31.43 -19.44
C PHE C 128 0.69 32.68 -19.39
N GLY C 129 1.73 32.71 -20.20
CA GLY C 129 2.65 33.86 -20.26
C GLY C 129 2.01 35.11 -20.81
N LEU C 130 2.42 36.26 -20.29
CA LEU C 130 1.92 37.56 -20.76
C LEU C 130 3.07 38.56 -20.88
N GLY C 131 4.29 38.03 -21.01
CA GLY C 131 5.49 38.84 -21.16
C GLY C 131 5.79 39.18 -22.61
N TRP C 132 7.06 39.49 -22.88
CA TRP C 132 7.47 39.97 -24.20
C TRP C 132 8.06 38.89 -25.12
N LYS C 133 8.10 39.21 -26.41
CA LYS C 133 8.59 38.30 -27.45
C LYS C 133 9.97 37.69 -27.16
N ASP C 134 10.90 38.51 -26.66
CA ASP C 134 12.28 38.07 -26.49
C ASP C 134 12.52 37.18 -25.27
N LEU C 135 11.53 37.10 -24.36
CA LEU C 135 11.67 36.24 -23.18
C LEU C 135 11.06 34.86 -23.40
N SER C 136 10.34 34.69 -24.53
CA SER C 136 9.69 33.43 -24.86
C SER C 136 10.68 32.40 -25.38
N ILE C 137 10.32 31.12 -25.32
CA ILE C 137 11.06 30.08 -26.01
C ILE C 137 10.50 30.01 -27.43
N GLY C 138 11.40 30.02 -28.42
CA GLY C 138 11.00 30.00 -29.83
C GLY C 138 10.59 31.35 -30.40
N SER C 139 10.99 32.43 -29.71
CA SER C 139 10.79 33.81 -30.19
C SER C 139 9.38 34.09 -30.76
N ILE C 140 8.36 33.72 -30.00
CA ILE C 140 6.94 33.86 -30.41
C ILE C 140 6.32 35.17 -29.89
N ASP C 141 5.58 35.85 -30.76
CA ASP C 141 4.84 37.06 -30.39
C ASP C 141 3.80 36.78 -29.32
N PRO C 142 3.72 37.65 -28.28
CA PRO C 142 2.77 37.50 -27.18
C PRO C 142 1.32 37.38 -27.66
N TYR C 143 0.50 36.64 -26.91
CA TYR C 143 -0.91 36.40 -27.23
C TYR C 143 -1.70 37.68 -27.55
N ILE C 144 -1.49 38.73 -26.75
CA ILE C 144 -2.16 40.02 -26.95
C ILE C 144 -1.69 40.77 -28.21
N VAL C 145 -0.38 40.71 -28.50
CA VAL C 145 0.19 41.26 -29.73
C VAL C 145 -0.39 40.53 -30.95
N GLU C 146 -0.60 39.22 -30.79
CA GLU C 146 -1.25 38.41 -31.82
C GLU C 146 -2.68 38.86 -32.06
N LEU C 147 -3.47 38.96 -30.99
CA LEU C 147 -4.87 39.38 -31.09
C LEU C 147 -5.04 40.68 -31.88
N LYS C 148 -4.10 41.61 -31.70
CA LYS C 148 -4.09 42.90 -32.41
C LYS C 148 -3.69 42.70 -33.88
N THR C 149 -2.70 41.83 -34.11
CA THR C 149 -2.26 41.49 -35.45
C THR C 149 -3.41 40.88 -36.26
N GLN C 150 -4.14 39.96 -35.64
CA GLN C 150 -5.32 39.35 -36.25
C GLN C 150 -6.61 40.17 -36.06
N ASN C 151 -6.44 41.46 -35.76
CA ASN C 151 -7.54 42.44 -35.68
C ASN C 151 -8.73 42.06 -34.79
N LYS C 152 -8.46 41.38 -33.68
CA LYS C 152 -9.51 41.04 -32.72
C LYS C 152 -9.67 42.04 -31.57
N ILE C 153 -8.65 42.87 -31.35
CA ILE C 153 -8.78 44.04 -30.46
C ILE C 153 -8.00 45.25 -30.95
N GLU C 154 -8.49 46.44 -30.60
CA GLU C 154 -7.96 47.72 -31.07
C GLU C 154 -6.50 47.97 -30.69
N GLN C 155 -6.19 47.85 -29.39
CA GLN C 155 -4.82 48.06 -28.90
C GLN C 155 -4.27 46.83 -28.21
N ALA C 156 -2.97 46.59 -28.41
CA ALA C 156 -2.26 45.54 -27.70
C ALA C 156 -1.99 46.03 -26.28
N VAL C 157 -3.02 45.92 -25.44
CA VAL C 157 -2.97 46.38 -24.06
C VAL C 157 -3.76 45.41 -23.17
N TYR C 158 -3.32 45.28 -21.92
CA TYR C 158 -4.07 44.55 -20.92
C TYR C 158 -3.81 45.10 -19.52
N SER C 159 -4.72 44.82 -18.60
CA SER C 159 -4.64 45.33 -17.23
C SER C 159 -4.89 44.24 -16.21
N ILE C 160 -4.44 44.49 -14.97
CA ILE C 160 -4.70 43.56 -13.87
C ILE C 160 -5.23 44.32 -12.66
N TYR C 161 -6.45 43.98 -12.26
CA TYR C 161 -7.04 44.55 -11.06
C TYR C 161 -7.09 43.53 -9.94
N LEU C 162 -6.55 43.91 -8.79
CA LEU C 162 -6.63 43.11 -7.60
C LEU C 162 -7.35 43.90 -6.52
N PRO C 163 -8.37 43.31 -5.88
CA PRO C 163 -9.15 44.04 -4.88
C PRO C 163 -8.35 44.35 -3.62
N PRO C 164 -8.24 45.64 -3.26
CA PRO C 164 -7.65 46.04 -1.98
C PRO C 164 -8.23 45.22 -0.84
N GLU C 165 -9.52 44.86 -0.95
CA GLU C 165 -10.20 44.04 0.06
C GLU C 165 -10.17 42.53 -0.18
N ASN C 166 -9.00 42.02 -0.61
CA ASN C 166 -8.63 40.59 -0.62
C ASN C 166 -9.68 39.48 -0.89
N LYS C 167 -10.83 39.55 -0.21
CA LYS C 167 -11.85 38.48 -0.17
C LYS C 167 -12.57 38.19 -1.50
N ASN C 168 -12.64 39.19 -2.37
CA ASN C 168 -13.27 39.02 -3.68
C ASN C 168 -12.36 38.33 -4.70
N LYS C 169 -12.64 38.55 -5.97
CA LYS C 169 -11.82 38.04 -7.06
C LYS C 169 -11.30 39.21 -7.88
N GLY C 170 -10.11 39.05 -8.45
CA GLY C 170 -9.52 40.06 -9.32
C GLY C 170 -9.96 39.86 -10.76
N TYR C 171 -9.41 40.70 -11.66
CA TYR C 171 -9.76 40.65 -13.08
C TYR C 171 -8.59 40.95 -14.01
N LEU C 172 -8.46 40.14 -15.05
CA LEU C 172 -7.55 40.44 -16.15
C LEU C 172 -8.37 40.95 -17.34
N THR C 173 -8.13 42.19 -17.74
CA THR C 173 -8.88 42.83 -18.82
C THR C 173 -7.99 42.96 -20.05
N ILE C 174 -8.56 42.72 -21.23
CA ILE C 174 -7.83 42.74 -22.49
C ILE C 174 -8.51 43.65 -23.52
N GLY C 175 -7.73 44.54 -24.13
CA GLY C 175 -8.23 45.36 -25.23
C GLY C 175 -8.55 46.79 -24.85
N GLY C 176 -8.44 47.11 -23.55
CA GLY C 176 -8.73 48.45 -23.11
C GLY C 176 -8.67 48.66 -21.60
N ILE C 177 -8.78 49.92 -21.20
CA ILE C 177 -8.64 50.32 -19.81
C ILE C 177 -9.99 50.71 -19.23
N GLU C 178 -10.59 49.77 -18.51
CA GLU C 178 -11.87 49.96 -17.83
C GLU C 178 -11.72 50.98 -16.72
N GLU C 179 -12.52 52.04 -16.80
CA GLU C 179 -12.48 53.14 -15.83
C GLU C 179 -12.91 52.71 -14.43
N ARG C 180 -13.72 51.66 -14.38
CA ARG C 180 -14.38 51.17 -13.16
C ARG C 180 -13.41 50.71 -12.06
N PHE C 181 -12.13 50.54 -12.40
CA PHE C 181 -11.14 49.92 -11.51
C PHE C 181 -10.29 50.87 -10.65
N PHE C 182 -10.19 52.15 -11.04
CA PHE C 182 -9.22 53.05 -10.39
C PHE C 182 -9.69 54.47 -10.05
N ASP C 183 -8.89 55.15 -9.23
CA ASP C 183 -9.09 56.54 -8.82
C ASP C 183 -7.92 57.42 -9.24
N GLY C 184 -8.24 58.63 -9.69
CA GLY C 184 -7.23 59.63 -10.04
C GLY C 184 -6.49 59.34 -11.34
N PRO C 185 -5.37 60.07 -11.58
CA PRO C 185 -4.61 59.96 -12.82
C PRO C 185 -3.89 58.61 -12.98
N LEU C 186 -3.82 58.14 -14.21
CA LEU C 186 -3.14 56.90 -14.53
C LEU C 186 -1.73 57.20 -15.04
N ASN C 187 -0.77 57.16 -14.12
CA ASN C 187 0.61 57.50 -14.46
C ASN C 187 1.31 56.41 -15.27
N TYR C 188 2.08 56.84 -16.26
CA TYR C 188 2.78 55.91 -17.15
C TYR C 188 4.29 55.98 -17.00
N GLU C 189 4.93 54.80 -17.05
CA GLU C 189 6.37 54.68 -16.86
C GLU C 189 6.99 53.90 -18.00
N LYS C 190 8.15 54.36 -18.44
CA LYS C 190 8.89 53.75 -19.54
C LYS C 190 9.56 52.46 -19.11
N LEU C 191 9.32 51.38 -19.86
CA LEU C 191 10.02 50.11 -19.66
C LEU C 191 11.51 50.29 -19.92
N ASN C 192 12.35 49.63 -19.11
CA ASN C 192 13.79 49.67 -19.32
C ASN C 192 14.30 48.59 -20.30
N HIS C 193 13.46 47.58 -20.53
CA HIS C 193 13.72 46.52 -21.52
C HIS C 193 12.38 45.97 -22.03
N ASP C 194 12.36 45.48 -23.25
CA ASP C 194 11.16 44.84 -23.80
C ASP C 194 11.30 43.33 -23.61
N LEU C 195 11.24 42.92 -22.34
CA LEU C 195 11.63 41.59 -21.92
C LEU C 195 10.64 41.05 -20.87
N MET C 196 10.82 41.45 -19.62
CA MET C 196 9.78 41.36 -18.60
C MET C 196 9.14 42.75 -18.54
N TRP C 197 8.14 42.92 -17.68
CA TRP C 197 7.57 44.25 -17.48
C TRP C 197 8.37 44.96 -16.38
N GLN C 198 9.51 45.48 -16.77
CA GLN C 198 10.49 46.05 -15.85
C GLN C 198 10.76 47.53 -16.13
N VAL C 199 11.05 48.28 -15.08
CA VAL C 199 11.12 49.73 -15.15
C VAL C 199 12.10 50.32 -14.12
N ASP C 200 12.87 51.33 -14.53
CA ASP C 200 13.82 52.04 -13.67
C ASP C 200 13.12 52.81 -12.56
N LEU C 201 13.51 52.56 -11.31
CA LEU C 201 12.96 53.29 -10.16
C LEU C 201 13.98 53.44 -9.03
N ASP C 202 14.02 54.65 -8.45
CA ASP C 202 14.75 54.88 -7.21
C ASP C 202 13.92 54.33 -6.07
N VAL C 203 14.54 53.55 -5.21
CA VAL C 203 13.80 52.84 -4.15
C VAL C 203 14.40 53.09 -2.75
N HIS C 204 13.56 53.59 -1.85
CA HIS C 204 13.94 53.93 -0.49
C HIS C 204 13.07 53.19 0.50
N PHE C 205 13.68 52.57 1.49
CA PHE C 205 12.92 52.00 2.59
C PHE C 205 13.12 52.86 3.82
N GLY C 206 14.20 52.62 4.56
CA GLY C 206 14.56 53.50 5.66
C GLY C 206 15.42 54.63 5.13
N ASN C 207 16.57 54.82 5.76
CA ASN C 207 17.64 55.61 5.16
C ASN C 207 18.32 54.77 4.10
N VAL C 208 18.06 53.46 4.13
CA VAL C 208 18.53 52.53 3.10
C VAL C 208 17.80 52.75 1.77
N SER C 209 18.58 53.06 0.74
CA SER C 209 18.05 53.39 -0.58
C SER C 209 18.91 52.86 -1.72
N SER C 210 18.28 52.66 -2.87
CA SER C 210 18.94 52.15 -4.06
C SER C 210 18.50 52.93 -5.29
N LYS C 211 19.44 53.58 -5.97
CA LYS C 211 19.12 54.44 -7.12
C LYS C 211 19.20 53.68 -8.45
N LYS C 212 18.32 54.06 -9.38
CA LYS C 212 18.19 53.42 -10.70
C LYS C 212 18.09 51.88 -10.66
N ALA C 213 17.13 51.39 -9.88
CA ALA C 213 16.95 49.96 -9.69
C ALA C 213 16.04 49.35 -10.75
N ASN C 214 16.33 48.11 -11.11
CA ASN C 214 15.51 47.35 -12.03
C ASN C 214 14.38 46.65 -11.26
N VAL C 215 13.17 47.20 -11.35
CA VAL C 215 12.04 46.58 -10.67
C VAL C 215 11.07 45.93 -11.66
N ILE C 216 10.77 44.66 -11.40
CA ILE C 216 9.93 43.85 -12.27
C ILE C 216 8.55 43.70 -11.67
N LEU C 217 7.52 43.74 -12.50
CA LEU C 217 6.17 43.44 -12.04
C LEU C 217 5.86 41.98 -12.28
N ASP C 218 5.49 41.27 -11.23
CA ASP C 218 5.31 39.82 -11.31
C ASP C 218 4.02 39.40 -10.62
N SER C 219 3.09 38.87 -11.41
CA SER C 219 1.79 38.48 -10.90
C SER C 219 1.82 37.17 -10.10
N ALA C 220 2.88 36.38 -10.29
CA ALA C 220 2.98 35.06 -9.64
C ALA C 220 3.67 35.09 -8.26
N THR C 221 3.97 36.30 -7.80
CA THR C 221 4.63 36.49 -6.50
C THR C 221 3.65 37.06 -5.50
N SER C 222 3.61 36.47 -4.32
CA SER C 222 2.73 36.92 -3.25
C SER C 222 3.40 37.94 -2.34
N VAL C 223 4.60 38.37 -2.73
CA VAL C 223 5.54 39.01 -1.81
C VAL C 223 6.26 40.18 -2.47
N ILE C 224 6.88 41.04 -1.68
CA ILE C 224 7.78 42.08 -2.21
C ILE C 224 9.22 41.58 -2.12
N THR C 225 10.03 41.86 -3.14
CA THR C 225 11.40 41.37 -3.18
C THR C 225 12.43 42.49 -3.14
N VAL C 226 13.51 42.19 -2.44
CA VAL C 226 14.57 43.12 -2.16
C VAL C 226 15.89 42.33 -2.19
N PRO C 227 16.98 42.93 -2.71
CA PRO C 227 18.29 42.27 -2.62
C PRO C 227 18.70 42.01 -1.17
N THR C 228 19.45 40.93 -0.94
CA THR C 228 19.83 40.50 0.41
C THR C 228 20.52 41.61 1.21
N GLU C 229 21.41 42.36 0.55
CA GLU C 229 22.08 43.48 1.19
C GLU C 229 21.06 44.52 1.64
N PHE C 230 20.17 44.91 0.73
CA PHE C 230 19.11 45.87 1.01
C PHE C 230 18.20 45.39 2.14
N PHE C 231 18.04 44.07 2.24
CA PHE C 231 17.17 43.48 3.25
C PHE C 231 17.80 43.47 4.64
N ASN C 232 19.07 43.08 4.72
CA ASN C 232 19.78 43.01 6.00
C ASN C 232 19.93 44.37 6.64
N GLN C 233 20.03 45.41 5.80
CA GLN C 233 20.09 46.79 6.28
C GLN C 233 18.73 47.24 6.77
N PHE C 234 17.69 46.77 6.11
CA PHE C 234 16.30 47.06 6.48
C PHE C 234 15.94 46.38 7.81
N VAL C 235 16.06 45.06 7.85
CA VAL C 235 15.72 44.25 9.03
C VAL C 235 16.54 44.66 10.25
N GLU C 236 17.80 45.00 10.01
CA GLU C 236 18.64 45.63 11.03
C GLU C 236 18.05 46.97 11.44
N SER C 237 17.92 47.17 12.75
CA SER C 237 17.43 48.42 13.34
C SER C 237 16.05 48.83 12.79
N ALA C 238 15.17 47.84 12.67
CA ALA C 238 13.75 48.07 12.40
C ALA C 238 12.93 47.22 13.37
N SER C 239 13.65 46.51 14.24
CA SER C 239 13.08 45.59 15.23
C SER C 239 12.06 44.59 14.64
N VAL C 240 12.31 44.14 13.41
CA VAL C 240 11.66 42.94 12.88
C VAL C 240 12.32 41.76 13.57
N PHE C 241 11.55 40.70 13.77
CA PHE C 241 12.06 39.54 14.46
C PHE C 241 12.16 38.31 13.55
N LYS C 242 13.39 37.91 13.28
CA LYS C 242 13.70 36.61 12.72
C LYS C 242 13.57 35.60 13.88
N VAL C 243 12.89 34.48 13.61
CA VAL C 243 12.56 33.49 14.64
C VAL C 243 12.44 32.04 14.09
N PRO C 244 12.17 31.91 12.78
CA PRO C 244 11.47 30.79 12.13
C PRO C 244 11.96 29.35 12.29
N PHE C 245 11.01 28.44 12.07
CA PHE C 245 11.22 27.12 11.47
C PHE C 245 11.54 27.35 9.99
N LEU C 246 10.90 28.37 9.40
CA LEU C 246 10.98 28.68 7.96
C LEU C 246 10.72 30.15 7.61
N SER C 247 11.78 30.95 7.57
CA SER C 247 11.72 32.35 7.05
C SER C 247 10.85 33.37 7.81
N LEU C 248 9.68 33.69 7.23
CA LEU C 248 8.65 34.58 7.79
C LEU C 248 8.59 36.07 7.30
N TYR C 249 8.95 37.12 8.06
CA TYR C 249 9.37 37.14 9.46
C TYR C 249 8.18 37.71 10.25
N VAL C 250 8.39 38.05 11.52
CA VAL C 250 7.27 38.48 12.37
C VAL C 250 7.46 39.86 13.01
N THR C 251 6.34 40.57 13.25
CA THR C 251 6.37 41.87 13.92
C THR C 251 5.01 42.27 14.51
N THR C 252 4.94 43.50 15.05
CA THR C 252 3.72 44.12 15.52
C THR C 252 2.91 44.71 14.36
N CYS C 253 1.58 44.68 14.44
CA CYS C 253 0.72 45.19 13.36
C CYS C 253 0.61 46.71 13.36
N GLY C 254 0.37 47.27 14.54
CA GLY C 254 0.46 48.71 14.74
C GLY C 254 1.88 49.09 15.16
N ASN C 255 2.86 48.57 14.43
CA ASN C 255 4.27 48.88 14.67
C ASN C 255 4.67 50.22 14.04
N THR C 256 4.88 51.20 14.91
CA THR C 256 5.26 52.55 14.50
C THR C 256 6.78 52.70 14.56
N LYS C 257 7.46 51.90 13.75
CA LYS C 257 8.89 52.00 13.53
C LYS C 257 9.20 51.55 12.12
N LEU C 258 8.23 50.90 11.49
CA LEU C 258 8.38 50.42 10.11
C LEU C 258 8.20 51.54 9.10
N PRO C 259 9.06 51.59 8.07
CA PRO C 259 9.00 52.66 7.09
C PRO C 259 7.99 52.45 5.96
N THR C 260 7.60 53.55 5.32
CA THR C 260 6.86 53.49 4.08
C THR C 260 7.82 53.15 2.96
N LEU C 261 7.41 52.23 2.10
CA LEU C 261 8.18 51.86 0.93
C LEU C 261 7.96 52.89 -0.17
N GLU C 262 9.05 53.41 -0.72
CA GLU C 262 8.96 54.39 -1.82
C GLU C 262 9.66 53.89 -3.07
N TYR C 263 8.91 53.75 -4.16
CA TYR C 263 9.47 53.54 -5.49
C TYR C 263 9.20 54.82 -6.28
N ARG C 264 10.24 55.63 -6.45
CA ARG C 264 10.09 56.92 -7.12
C ARG C 264 10.64 56.97 -8.53
N SER C 265 9.76 57.38 -9.46
CA SER C 265 10.14 57.73 -10.82
C SER C 265 10.29 59.25 -10.90
N PRO C 266 10.75 59.77 -12.05
CA PRO C 266 10.81 61.23 -12.22
C PRO C 266 9.47 61.99 -12.07
N ASN C 267 8.33 61.31 -12.21
CA ASN C 267 7.01 61.96 -12.16
C ASN C 267 6.17 61.68 -10.91
N LYS C 268 6.02 60.40 -10.58
CA LYS C 268 5.20 59.98 -9.45
C LYS C 268 6.07 59.16 -8.51
N VAL C 269 5.67 59.12 -7.24
CA VAL C 269 6.24 58.16 -6.29
C VAL C 269 5.15 57.16 -5.86
N TYR C 270 5.48 55.86 -5.98
CA TYR C 270 4.57 54.78 -5.63
C TYR C 270 4.97 54.25 -4.26
N THR C 271 4.03 54.33 -3.32
CA THR C 271 4.34 54.04 -1.91
C THR C 271 3.59 52.83 -1.34
N LEU C 272 4.26 52.11 -0.44
CA LEU C 272 3.65 51.02 0.30
C LEU C 272 3.73 51.28 1.80
N GLU C 273 2.56 51.45 2.41
CA GLU C 273 2.45 51.61 3.85
C GLU C 273 2.58 50.28 4.59
N PRO C 274 3.14 50.29 5.82
CA PRO C 274 3.25 49.07 6.62
C PRO C 274 2.00 48.21 6.56
N LYS C 275 0.83 48.82 6.63
CA LYS C 275 -0.45 48.12 6.60
C LYS C 275 -0.68 47.30 5.31
N GLN C 276 0.10 47.55 4.27
CA GLN C 276 -0.04 46.86 2.99
C GLN C 276 0.99 45.78 2.73
N TYR C 277 2.12 45.84 3.45
CA TYR C 277 3.12 44.77 3.37
C TYR C 277 3.19 43.90 4.63
N LEU C 278 2.14 43.98 5.45
CA LEU C 278 1.99 43.15 6.64
C LEU C 278 0.74 42.31 6.55
N GLU C 279 0.80 41.10 7.11
CA GLU C 279 -0.33 40.17 7.06
C GLU C 279 -0.59 39.59 8.45
N PRO C 280 -1.83 39.77 8.96
CA PRO C 280 -2.20 39.31 10.30
C PRO C 280 -2.06 37.79 10.44
N LEU C 281 -1.64 37.33 11.61
CA LEU C 281 -1.35 35.90 11.81
C LEU C 281 -2.35 35.08 12.65
N GLU C 282 -3.19 35.72 13.44
CA GLU C 282 -4.11 34.95 14.29
C GLU C 282 -5.57 35.12 13.92
N ASN C 283 -6.44 34.66 14.82
CA ASN C 283 -7.85 35.05 14.92
C ASN C 283 -8.21 35.39 16.38
N ILE C 284 -7.30 35.05 17.30
CA ILE C 284 -7.31 35.53 18.69
C ILE C 284 -6.12 36.44 18.90
N PHE C 285 -6.35 37.65 19.43
CA PHE C 285 -5.37 38.75 19.36
C PHE C 285 -5.83 39.70 18.22
N SER C 286 -4.98 40.61 17.70
CA SER C 286 -3.60 40.84 18.12
C SER C 286 -3.05 42.09 17.49
N ALA C 287 -1.73 42.18 17.63
CA ALA C 287 -0.88 43.03 16.85
C ALA C 287 0.29 42.21 16.25
N LEU C 288 0.12 40.89 16.12
CA LEU C 288 1.14 40.05 15.49
C LEU C 288 0.89 39.79 14.00
N CYS C 289 1.92 40.04 13.22
CA CYS C 289 1.80 40.18 11.77
C CYS C 289 3.00 39.54 11.06
N MET C 290 2.78 39.13 9.82
CA MET C 290 3.79 38.48 8.99
C MET C 290 4.31 39.43 7.92
N LEU C 291 5.62 39.53 7.81
CA LEU C 291 6.25 40.50 6.92
C LEU C 291 6.33 40.00 5.48
N ASN C 292 5.57 40.65 4.58
CA ASN C 292 5.55 40.29 3.16
C ASN C 292 6.72 40.81 2.36
N ILE C 293 7.92 40.79 2.93
CA ILE C 293 9.11 41.16 2.20
C ILE C 293 10.13 40.04 2.33
N VAL C 294 10.62 39.58 1.19
CA VAL C 294 11.56 38.47 1.18
C VAL C 294 12.89 38.88 0.52
N PRO C 295 14.03 38.44 1.11
CA PRO C 295 15.30 38.69 0.47
C PRO C 295 15.55 37.70 -0.67
N ILE C 296 15.78 38.24 -1.86
CA ILE C 296 16.12 37.46 -3.06
C ILE C 296 17.02 38.31 -3.95
N ASP C 297 18.10 37.69 -4.45
CA ASP C 297 18.93 38.30 -5.50
C ASP C 297 18.73 37.50 -6.79
N LEU C 298 17.97 38.05 -7.73
CA LEU C 298 17.85 37.43 -9.04
C LEU C 298 19.03 37.90 -9.87
N GLU C 299 18.95 39.16 -10.29
CA GLU C 299 19.94 39.78 -11.14
C GLU C 299 20.44 41.04 -10.44
N LYS C 300 21.72 41.38 -10.65
CA LYS C 300 22.31 42.60 -10.10
C LYS C 300 21.27 43.73 -10.01
N ASN C 301 20.94 44.09 -8.76
CA ASN C 301 20.13 45.27 -8.43
C ASN C 301 18.67 45.20 -8.88
N THR C 302 17.99 44.11 -8.50
CA THR C 302 16.62 43.84 -8.98
C THR C 302 15.61 43.70 -7.85
N PHE C 303 14.48 44.36 -8.02
CA PHE C 303 13.37 44.31 -7.07
C PHE C 303 12.14 43.69 -7.74
N VAL C 304 11.34 42.97 -6.98
CA VAL C 304 10.09 42.42 -7.54
C VAL C 304 8.86 42.99 -6.83
N LEU C 305 7.93 43.49 -7.63
CA LEU C 305 6.63 43.92 -7.12
C LEU C 305 5.60 42.84 -7.39
N GLY C 306 5.16 42.19 -6.31
CA GLY C 306 4.14 41.15 -6.38
C GLY C 306 2.80 41.70 -5.94
N ASP C 307 1.92 40.81 -5.50
CA ASP C 307 0.54 41.16 -5.14
C ASP C 307 0.37 42.29 -4.11
N PRO C 308 1.17 42.30 -3.02
CA PRO C 308 1.06 43.42 -2.06
C PRO C 308 1.04 44.80 -2.73
N PHE C 309 1.85 44.98 -3.76
CA PHE C 309 1.89 46.22 -4.53
C PHE C 309 0.71 46.33 -5.50
N MET C 310 0.40 45.25 -6.20
CA MET C 310 -0.68 45.23 -7.16
C MET C 310 -2.07 45.36 -6.52
N ARG C 311 -2.15 45.13 -5.22
CA ARG C 311 -3.41 45.19 -4.51
C ARG C 311 -3.76 46.65 -4.20
N LYS C 312 -2.72 47.49 -4.17
CA LYS C 312 -2.90 48.92 -3.98
C LYS C 312 -3.04 49.63 -5.33
N TYR C 313 -2.29 49.13 -6.32
CA TYR C 313 -2.29 49.77 -7.64
C TYR C 313 -2.89 48.89 -8.74
N PHE C 314 -3.87 49.48 -9.42
CA PHE C 314 -4.30 49.00 -10.72
C PHE C 314 -3.11 49.16 -11.66
N THR C 315 -2.90 48.17 -12.52
CA THR C 315 -1.72 48.15 -13.37
C THR C 315 -2.10 47.92 -14.82
N VAL C 316 -1.53 48.73 -15.71
CA VAL C 316 -1.79 48.65 -17.15
C VAL C 316 -0.52 48.27 -17.89
N TYR C 317 -0.63 47.29 -18.79
CA TYR C 317 0.52 46.79 -19.53
C TYR C 317 0.35 47.08 -21.02
N ASP C 318 1.08 48.09 -21.50
CA ASP C 318 0.89 48.65 -22.84
C ASP C 318 2.01 48.20 -23.79
N TYR C 319 1.68 47.25 -24.67
CA TYR C 319 2.63 46.75 -25.65
C TYR C 319 2.97 47.81 -26.70
N ASP C 320 1.95 48.54 -27.15
CA ASP C 320 2.09 49.51 -28.25
C ASP C 320 3.03 50.67 -27.92
N ASN C 321 2.90 51.22 -26.73
CA ASN C 321 3.71 52.38 -26.31
C ASN C 321 4.88 52.05 -25.39
N HIS C 322 5.09 50.75 -25.14
CA HIS C 322 6.19 50.25 -24.30
C HIS C 322 6.20 50.91 -22.92
N THR C 323 5.07 50.83 -22.24
CA THR C 323 4.89 51.45 -20.92
C THR C 323 4.13 50.57 -19.94
N VAL C 324 4.23 50.90 -18.66
CA VAL C 324 3.42 50.31 -17.60
C VAL C 324 2.65 51.44 -16.90
N GLY C 325 1.33 51.28 -16.80
CA GLY C 325 0.48 52.28 -16.15
C GLY C 325 0.14 51.96 -14.71
N PHE C 326 0.05 53.00 -13.88
CA PHE C 326 -0.28 52.86 -12.46
C PHE C 326 -1.34 53.87 -12.00
N ALA C 327 -2.26 53.40 -11.15
CA ALA C 327 -3.26 54.23 -10.48
C ALA C 327 -3.74 53.53 -9.22
N LEU C 328 -4.26 54.29 -8.25
CA LEU C 328 -4.83 53.71 -7.02
C LEU C 328 -6.10 52.92 -7.34
N ALA C 329 -6.24 51.72 -6.78
CA ALA C 329 -7.38 50.84 -7.08
C ALA C 329 -8.67 51.24 -6.36
N LYS C 330 -9.81 50.92 -6.98
CA LYS C 330 -11.14 51.17 -6.42
C LYS C 330 -11.63 49.98 -5.62
N ASN C 331 -12.77 50.16 -4.94
CA ASN C 331 -13.35 49.13 -4.06
C ASN C 331 -12.45 48.79 -2.88
N GLU D 6 33.04 2.27 25.88
CA GLU D 6 31.62 2.44 25.48
C GLU D 6 31.36 2.12 23.99
N PHE D 7 30.27 2.65 23.45
CA PHE D 7 29.92 2.43 22.05
C PHE D 7 30.15 3.68 21.21
N ASP D 8 30.12 3.54 19.89
CA ASP D 8 30.42 4.64 18.98
C ASP D 8 29.26 5.58 18.76
N ASN D 9 29.53 6.87 18.94
CA ASN D 9 28.53 7.92 18.80
C ASN D 9 28.82 8.82 17.59
N VAL D 10 27.79 9.10 16.79
CA VAL D 10 27.88 10.17 15.79
C VAL D 10 26.98 11.33 16.20
N GLU D 11 27.56 12.53 16.26
CA GLU D 11 26.84 13.73 16.68
C GLU D 11 25.85 14.11 15.61
N LEU D 12 24.63 14.46 16.02
CA LEU D 12 23.62 14.91 15.08
C LEU D 12 23.47 16.43 15.11
N LYS D 13 23.64 17.04 13.94
CA LYS D 13 23.43 18.46 13.74
C LYS D 13 21.97 18.70 13.38
N ASP D 14 21.50 19.92 13.66
CA ASP D 14 20.14 20.32 13.32
C ASP D 14 20.12 21.16 12.03
N LEU D 15 19.16 20.90 11.16
CA LEU D 15 19.01 21.73 9.94
C LEU D 15 17.67 22.50 9.85
N ALA D 16 16.70 21.97 9.10
CA ALA D 16 15.37 22.58 8.98
C ALA D 16 14.46 22.11 10.13
N ASN D 17 14.94 22.32 11.35
CA ASN D 17 14.30 21.80 12.56
C ASN D 17 14.07 20.29 12.63
N VAL D 18 14.77 19.56 11.78
CA VAL D 18 14.86 18.11 11.88
C VAL D 18 16.29 17.76 12.28
N LEU D 19 16.42 17.02 13.38
CA LEU D 19 17.70 16.85 14.03
C LEU D 19 18.25 15.43 13.85
N SER D 20 18.63 15.08 12.63
CA SER D 20 19.34 13.81 12.39
C SER D 20 20.31 13.87 11.21
N PHE D 21 21.11 14.94 11.18
CA PHE D 21 22.17 15.11 10.20
C PHE D 21 23.54 14.93 10.85
N GLY D 22 24.37 14.08 10.25
CA GLY D 22 25.70 13.80 10.81
C GLY D 22 26.71 13.43 9.75
N GLU D 23 27.97 13.36 10.17
CA GLU D 23 29.08 13.04 9.28
C GLU D 23 29.27 11.52 9.20
N ALA D 24 29.73 11.06 8.03
CA ALA D 24 30.21 9.69 7.84
C ALA D 24 31.18 9.69 6.66
N LYS D 25 32.07 8.70 6.61
CA LYS D 25 33.14 8.68 5.61
C LYS D 25 33.05 7.52 4.63
N LEU D 26 33.46 7.78 3.39
CA LEU D 26 33.51 6.77 2.32
C LEU D 26 34.93 6.59 1.77
N GLY D 27 35.31 5.33 1.57
CA GLY D 27 36.62 5.00 0.98
C GLY D 27 37.72 4.79 2.02
N ASP D 28 38.91 4.36 1.55
CA ASP D 28 40.06 4.18 2.43
C ASP D 28 40.78 5.51 2.70
N ASN D 29 40.32 6.56 2.01
CA ASN D 29 40.89 7.90 2.11
C ASN D 29 40.03 8.87 2.93
N GLY D 30 38.93 8.35 3.47
CA GLY D 30 38.05 9.09 4.37
C GLY D 30 37.43 10.37 3.81
N GLN D 31 36.69 10.24 2.71
CA GLN D 31 35.97 11.38 2.12
C GLN D 31 34.76 11.70 2.99
N LYS D 32 34.69 12.94 3.47
CA LYS D 32 33.64 13.37 4.40
C LYS D 32 32.31 13.66 3.68
N PHE D 33 31.21 13.23 4.30
CA PHE D 33 29.87 13.47 3.76
C PHE D 33 28.90 13.82 4.87
N ASN D 34 28.03 14.79 4.61
CA ASN D 34 26.94 15.12 5.53
C ASN D 34 25.70 14.33 5.15
N PHE D 35 25.25 13.47 6.05
CA PHE D 35 24.12 12.57 5.78
C PHE D 35 22.87 12.90 6.58
N LEU D 36 21.71 12.62 6.01
CA LEU D 36 20.49 12.50 6.80
C LEU D 36 20.30 11.03 7.17
N PHE D 37 20.44 10.71 8.45
CA PHE D 37 20.21 9.35 8.91
C PHE D 37 18.71 9.10 9.03
N HIS D 38 18.23 8.14 8.24
CA HIS D 38 16.80 7.97 8.02
C HIS D 38 16.37 6.59 8.46
N THR D 39 15.45 6.54 9.43
CA THR D 39 14.99 5.27 9.97
C THR D 39 13.88 4.68 9.11
N ALA D 40 13.47 5.42 8.08
CA ALA D 40 12.37 5.01 7.26
C ALA D 40 12.81 4.87 5.81
N SER D 41 14.08 4.58 5.62
CA SER D 41 14.59 4.18 4.30
C SER D 41 15.85 3.34 4.48
N SER D 42 16.15 2.49 3.51
CA SER D 42 17.22 1.52 3.71
C SER D 42 18.30 1.53 2.63
N ASN D 43 18.60 2.71 2.11
CA ASN D 43 19.73 2.85 1.21
C ASN D 43 20.58 4.07 1.55
N VAL D 44 21.89 3.93 1.37
CA VAL D 44 22.80 5.06 1.50
C VAL D 44 23.08 5.67 0.11
N TRP D 45 22.89 6.99 0.02
CA TRP D 45 23.03 7.73 -1.22
C TRP D 45 24.13 8.78 -1.07
N VAL D 46 24.84 9.04 -2.16
CA VAL D 46 25.94 10.00 -2.15
C VAL D 46 26.09 10.62 -3.53
N PRO D 47 26.38 11.93 -3.61
CA PRO D 47 26.61 12.56 -4.91
C PRO D 47 27.91 12.10 -5.57
N SER D 48 27.81 11.53 -6.76
CA SER D 48 28.97 11.09 -7.53
C SER D 48 29.78 12.26 -8.07
N ILE D 49 31.04 12.00 -8.40
CA ILE D 49 31.86 13.01 -9.06
C ILE D 49 31.40 13.17 -10.51
N LYS D 50 30.68 12.15 -11.00
CA LYS D 50 30.08 12.15 -12.34
C LYS D 50 28.77 12.94 -12.42
N CYS D 51 28.32 13.50 -11.29
CA CYS D 51 27.08 14.26 -11.26
C CYS D 51 27.20 15.58 -11.98
N THR D 52 26.42 15.73 -13.04
CA THR D 52 26.44 16.94 -13.85
C THR D 52 25.18 17.79 -13.62
N SER D 53 24.41 17.44 -12.60
CA SER D 53 23.21 18.20 -12.23
C SER D 53 23.55 19.42 -11.38
N GLU D 54 22.72 20.46 -11.53
CA GLU D 54 22.95 21.75 -10.90
C GLU D 54 22.85 21.68 -9.38
N SER D 55 22.08 20.73 -8.87
CA SER D 55 21.87 20.57 -7.43
C SER D 55 23.11 20.01 -6.69
N CYS D 56 23.94 19.26 -7.40
CA CYS D 56 25.17 18.66 -6.85
C CYS D 56 26.30 19.67 -6.64
N GLU D 57 26.16 20.84 -7.29
CA GLU D 57 27.25 21.78 -7.47
C GLU D 57 28.12 22.02 -6.23
N SER D 58 27.51 22.45 -5.13
CA SER D 58 28.26 22.74 -3.91
C SER D 58 28.13 21.65 -2.84
N LYS D 59 28.12 20.38 -3.29
CA LYS D 59 28.03 19.25 -2.37
C LYS D 59 29.34 18.45 -2.41
N ASN D 60 29.52 17.57 -1.42
CA ASN D 60 30.67 16.68 -1.38
C ASN D 60 30.52 15.53 -2.34
N HIS D 61 31.57 15.27 -3.12
CA HIS D 61 31.48 14.29 -4.18
C HIS D 61 32.24 13.03 -3.85
N TYR D 62 31.77 11.90 -4.38
CA TYR D 62 32.48 10.64 -4.27
C TYR D 62 33.18 10.23 -5.57
N ASP D 63 34.51 10.19 -5.50
CA ASP D 63 35.33 9.80 -6.63
C ASP D 63 35.82 8.36 -6.44
N SER D 64 35.20 7.45 -7.16
CA SER D 64 35.51 6.02 -7.09
C SER D 64 36.95 5.67 -7.47
N SER D 65 37.66 6.60 -8.09
CA SER D 65 39.02 6.36 -8.58
C SER D 65 40.12 6.64 -7.55
N LYS D 66 39.81 7.45 -6.53
CA LYS D 66 40.81 7.80 -5.52
C LYS D 66 40.71 6.93 -4.26
N SER D 67 40.10 5.76 -4.40
CA SER D 67 40.00 4.80 -3.31
C SER D 67 40.43 3.40 -3.76
N LYS D 68 41.41 2.86 -3.04
CA LYS D 68 41.94 1.52 -3.30
C LYS D 68 40.97 0.38 -3.00
N THR D 69 40.01 0.61 -2.09
CA THR D 69 39.05 -0.43 -1.69
C THR D 69 37.70 -0.28 -2.40
N TYR D 70 37.68 0.45 -3.51
CA TYR D 70 36.48 0.55 -4.34
C TYR D 70 36.26 -0.72 -5.14
N GLU D 71 35.00 -1.16 -5.20
CA GLU D 71 34.63 -2.33 -5.99
C GLU D 71 33.50 -1.98 -6.95
N LYS D 72 33.69 -2.31 -8.22
CA LYS D 72 32.67 -2.03 -9.24
C LYS D 72 31.41 -2.86 -9.03
N ASP D 73 30.25 -2.22 -9.26
CA ASP D 73 28.96 -2.91 -9.28
C ASP D 73 28.15 -2.42 -10.48
N ASP D 74 27.86 -1.12 -10.51
CA ASP D 74 27.28 -0.42 -11.67
C ASP D 74 25.80 -0.71 -12.01
N THR D 75 25.10 -1.39 -11.11
CA THR D 75 23.65 -1.63 -11.30
C THR D 75 22.91 -0.28 -11.26
N PRO D 76 22.25 0.09 -12.38
CA PRO D 76 21.62 1.40 -12.47
C PRO D 76 20.31 1.51 -11.70
N VAL D 77 20.17 2.59 -10.93
CA VAL D 77 18.94 2.90 -10.19
C VAL D 77 18.36 4.23 -10.60
N LYS D 78 17.04 4.31 -10.63
CA LYS D 78 16.36 5.56 -10.91
C LYS D 78 15.05 5.62 -10.14
N LEU D 79 15.07 6.41 -9.08
CA LEU D 79 13.90 6.62 -8.23
C LEU D 79 13.16 7.87 -8.65
N THR D 80 11.89 7.72 -9.06
CA THR D 80 11.04 8.87 -9.37
C THR D 80 9.88 8.99 -8.40
N SER D 81 9.60 10.24 -8.01
CA SER D 81 8.37 10.60 -7.29
C SER D 81 7.88 11.92 -7.89
N LYS D 82 6.83 12.52 -7.32
CA LYS D 82 6.35 13.83 -7.77
C LYS D 82 7.34 14.90 -7.32
N ALA D 83 7.78 14.77 -6.07
CA ALA D 83 8.78 15.67 -5.47
C ALA D 83 9.97 15.95 -6.40
N GLY D 84 10.60 14.88 -6.88
CA GLY D 84 11.72 14.99 -7.81
C GLY D 84 12.19 13.63 -8.34
N THR D 85 13.19 13.66 -9.21
CA THR D 85 13.80 12.43 -9.72
C THR D 85 15.26 12.33 -9.31
N ILE D 86 15.73 11.10 -9.16
CA ILE D 86 17.11 10.84 -8.77
C ILE D 86 17.59 9.53 -9.39
N SER D 87 18.65 9.60 -10.18
CA SER D 87 19.21 8.42 -10.84
C SER D 87 20.70 8.29 -10.61
N GLY D 88 21.16 7.04 -10.42
CA GLY D 88 22.56 6.75 -10.15
C GLY D 88 22.93 5.29 -10.37
N ILE D 89 24.14 4.92 -9.97
CA ILE D 89 24.64 3.56 -10.10
C ILE D 89 25.17 3.03 -8.76
N PHE D 90 25.03 1.72 -8.53
CA PHE D 90 25.57 1.09 -7.32
C PHE D 90 27.09 1.04 -7.29
N SER D 91 27.64 1.14 -6.09
CA SER D 91 29.08 1.04 -5.87
C SER D 91 29.38 0.52 -4.47
N LYS D 92 30.36 -0.36 -4.37
CA LYS D 92 30.75 -0.98 -3.10
C LYS D 92 32.08 -0.43 -2.59
N ASP D 93 32.07 0.10 -1.37
CA ASP D 93 33.27 0.65 -0.75
C ASP D 93 33.21 0.60 0.78
N LEU D 94 34.26 1.07 1.43
CA LEU D 94 34.36 1.12 2.88
C LEU D 94 33.54 2.29 3.41
N VAL D 95 32.60 2.00 4.32
CA VAL D 95 31.73 3.01 4.92
C VAL D 95 32.03 3.14 6.42
N THR D 96 32.37 4.36 6.85
CA THR D 96 32.96 4.59 8.17
C THR D 96 32.13 5.51 9.08
N ILE D 97 31.88 5.02 10.29
CA ILE D 97 31.31 5.84 11.37
C ILE D 97 32.11 5.60 12.66
N GLY D 98 32.90 6.59 13.06
CA GLY D 98 33.81 6.46 14.19
C GLY D 98 34.82 5.35 13.93
N LYS D 99 34.91 4.43 14.89
CA LYS D 99 35.79 3.26 14.79
C LYS D 99 35.33 2.22 13.77
N LEU D 100 34.10 2.33 13.30
CA LEU D 100 33.46 1.26 12.52
C LEU D 100 33.55 1.44 11.01
N SER D 101 34.11 0.41 10.35
CA SER D 101 34.29 0.37 8.89
C SER D 101 34.02 -1.01 8.29
N VAL D 102 33.26 -1.04 7.20
CA VAL D 102 32.91 -2.28 6.51
C VAL D 102 32.59 -2.03 5.03
N PRO D 103 33.01 -2.94 4.12
CA PRO D 103 32.54 -2.85 2.75
C PRO D 103 31.02 -2.85 2.70
N TYR D 104 30.47 -1.98 1.87
CA TYR D 104 29.02 -1.81 1.78
C TYR D 104 28.62 -1.33 0.40
N LYS D 105 27.42 -1.72 -0.02
CA LYS D 105 26.84 -1.29 -1.29
C LYS D 105 26.04 0.00 -1.06
N PHE D 106 26.31 1.02 -1.88
CA PHE D 106 25.57 2.28 -1.80
C PHE D 106 25.29 2.83 -3.19
N ILE D 107 24.70 4.02 -3.26
CA ILE D 107 24.33 4.62 -4.55
C ILE D 107 25.09 5.91 -4.85
N GLU D 108 25.94 5.88 -5.88
CA GLU D 108 26.53 7.09 -6.45
C GLU D 108 25.43 7.78 -7.23
N MET D 109 25.24 9.08 -7.02
CA MET D 109 24.16 9.81 -7.68
C MET D 109 24.63 10.48 -8.97
N THR D 110 24.11 10.02 -10.10
CA THR D 110 24.46 10.56 -11.42
C THR D 110 23.74 11.88 -11.66
N GLU D 111 22.44 11.89 -11.39
CA GLU D 111 21.58 13.00 -11.76
C GLU D 111 20.52 13.23 -10.68
N ILE D 112 20.39 14.48 -10.24
CA ILE D 112 19.43 14.79 -9.20
C ILE D 112 18.68 16.08 -9.48
N VAL D 113 17.39 15.92 -9.81
CA VAL D 113 16.51 17.02 -10.20
C VAL D 113 15.32 17.07 -9.23
N GLY D 114 15.04 18.25 -8.70
CA GLY D 114 13.93 18.45 -7.75
C GLY D 114 14.32 18.50 -6.28
N PHE D 115 13.38 18.09 -5.43
CA PHE D 115 13.54 18.09 -3.96
C PHE D 115 13.97 19.44 -3.38
N GLU D 116 13.36 20.51 -3.90
CA GLU D 116 13.72 21.86 -3.56
C GLU D 116 12.68 22.51 -2.63
N PRO D 117 13.05 23.56 -1.87
CA PRO D 117 14.38 24.14 -1.71
C PRO D 117 15.17 23.46 -0.60
N PHE D 118 14.67 22.32 -0.11
CA PHE D 118 15.35 21.54 0.92
C PHE D 118 16.82 21.29 0.57
N TYR D 119 17.05 20.52 -0.51
CA TYR D 119 18.38 20.01 -0.84
C TYR D 119 19.43 21.08 -1.08
N SER D 120 19.20 21.95 -2.07
CA SER D 120 20.15 22.99 -2.45
C SER D 120 20.63 23.82 -1.26
N GLU D 121 19.66 24.36 -0.52
CA GLU D 121 19.93 25.37 0.51
C GLU D 121 20.37 24.78 1.85
N SER D 122 20.25 23.47 2.00
CA SER D 122 20.88 22.77 3.12
C SER D 122 22.34 22.47 2.76
N ASP D 123 23.07 21.84 3.68
CA ASP D 123 24.43 21.39 3.39
C ASP D 123 24.57 19.86 3.54
N VAL D 124 23.43 19.18 3.59
CA VAL D 124 23.37 17.72 3.56
C VAL D 124 23.75 17.25 2.16
N ASP D 125 24.42 16.10 2.07
CA ASP D 125 24.89 15.55 0.81
C ASP D 125 24.03 14.39 0.31
N GLY D 126 23.65 13.51 1.21
CA GLY D 126 22.82 12.35 0.86
C GLY D 126 22.12 11.81 2.10
N VAL D 127 21.34 10.75 1.94
CA VAL D 127 20.69 10.13 3.08
C VAL D 127 21.25 8.75 3.35
N PHE D 128 21.37 8.43 4.63
CA PHE D 128 21.94 7.18 5.11
C PHE D 128 20.81 6.41 5.75
N GLY D 129 20.32 5.39 5.05
CA GLY D 129 19.18 4.62 5.51
C GLY D 129 19.54 3.77 6.70
N LEU D 130 18.57 3.56 7.58
CA LEU D 130 18.76 2.72 8.77
C LEU D 130 17.54 1.84 9.02
N GLY D 131 16.79 1.59 7.95
CA GLY D 131 15.62 0.72 8.01
C GLY D 131 15.98 -0.72 7.68
N TRP D 132 14.98 -1.48 7.25
CA TRP D 132 15.09 -2.95 7.08
C TRP D 132 15.42 -3.45 5.66
N LYS D 133 15.89 -4.69 5.59
CA LYS D 133 16.31 -5.30 4.33
C LYS D 133 15.28 -5.19 3.20
N ASP D 134 14.02 -5.40 3.52
CA ASP D 134 12.97 -5.49 2.51
C ASP D 134 12.49 -4.15 1.96
N LEU D 135 12.89 -3.05 2.61
CA LEU D 135 12.54 -1.71 2.12
C LEU D 135 13.64 -1.08 1.25
N SER D 136 14.80 -1.73 1.19
CA SER D 136 15.92 -1.24 0.39
C SER D 136 15.74 -1.55 -1.09
N ILE D 137 16.41 -0.79 -1.94
CA ILE D 137 16.52 -1.13 -3.34
C ILE D 137 17.66 -2.14 -3.46
N GLY D 138 17.40 -3.23 -4.19
CA GLY D 138 18.38 -4.30 -4.38
C GLY D 138 18.54 -5.22 -3.18
N SER D 139 17.52 -5.27 -2.33
CA SER D 139 17.42 -6.21 -1.21
C SER D 139 18.72 -6.38 -0.39
N ILE D 140 19.31 -5.26 0.02
CA ILE D 140 20.61 -5.24 0.72
C ILE D 140 20.43 -5.21 2.24
N ASP D 141 21.21 -6.03 2.94
CA ASP D 141 21.23 -6.04 4.42
C ASP D 141 21.66 -4.71 4.99
N PRO D 142 20.92 -4.21 6.01
CA PRO D 142 21.22 -2.94 6.67
C PRO D 142 22.66 -2.86 7.18
N TYR D 143 23.21 -1.65 7.16
CA TYR D 143 24.58 -1.37 7.58
C TYR D 143 24.93 -1.96 8.94
N ILE D 144 24.03 -1.78 9.92
CA ILE D 144 24.20 -2.33 11.26
C ILE D 144 24.15 -3.87 11.29
N VAL D 145 23.25 -4.46 10.51
CA VAL D 145 23.18 -5.93 10.36
C VAL D 145 24.48 -6.44 9.75
N GLU D 146 25.04 -5.65 8.83
CA GLU D 146 26.32 -5.96 8.23
C GLU D 146 27.44 -5.93 9.27
N LEU D 147 27.49 -4.84 10.03
CA LEU D 147 28.53 -4.67 11.05
C LEU D 147 28.61 -5.87 11.99
N LYS D 148 27.44 -6.42 12.31
CA LYS D 148 27.34 -7.59 13.18
C LYS D 148 27.81 -8.86 12.47
N THR D 149 27.44 -8.96 11.19
CA THR D 149 27.84 -10.09 10.36
C THR D 149 29.37 -10.16 10.24
N GLN D 150 30.01 -9.00 10.02
CA GLN D 150 31.47 -8.93 9.92
C GLN D 150 32.15 -8.75 11.28
N ASN D 151 31.41 -9.08 12.34
CA ASN D 151 31.92 -9.12 13.72
C ASN D 151 32.58 -7.84 14.24
N LYS D 152 32.02 -6.69 13.86
CA LYS D 152 32.54 -5.41 14.35
C LYS D 152 31.79 -4.86 15.57
N ILE D 153 30.58 -5.37 15.80
CA ILE D 153 29.84 -5.11 17.04
C ILE D 153 29.06 -6.33 17.52
N GLU D 154 28.84 -6.38 18.83
CA GLU D 154 28.17 -7.50 19.49
C GLU D 154 26.72 -7.72 19.06
N GLN D 155 25.89 -6.68 19.15
CA GLN D 155 24.48 -6.77 18.75
C GLN D 155 24.11 -5.80 17.63
N ALA D 156 23.24 -6.27 16.72
CA ALA D 156 22.69 -5.43 15.67
C ALA D 156 21.64 -4.54 16.33
N VAL D 157 22.13 -3.49 16.98
CA VAL D 157 21.27 -2.55 17.70
C VAL D 157 21.81 -1.11 17.54
N TYR D 158 20.91 -0.13 17.50
CA TYR D 158 21.31 1.27 17.54
C TYR D 158 20.24 2.11 18.25
N SER D 159 20.62 3.31 18.68
CA SER D 159 19.69 4.19 19.38
C SER D 159 19.77 5.62 18.87
N ILE D 160 18.72 6.40 19.12
CA ILE D 160 18.74 7.82 18.80
C ILE D 160 18.33 8.63 20.02
N TYR D 161 19.23 9.52 20.45
CA TYR D 161 18.94 10.44 21.53
C TYR D 161 18.81 11.86 20.99
N LEU D 162 17.70 12.50 21.33
CA LEU D 162 17.50 13.90 21.00
C LEU D 162 17.25 14.65 22.29
N PRO D 163 17.97 15.76 22.50
CA PRO D 163 17.85 16.51 23.74
C PRO D 163 16.47 17.17 23.92
N PRO D 164 15.76 16.84 25.02
CA PRO D 164 14.54 17.57 25.39
C PRO D 164 14.75 19.09 25.26
N GLU D 165 15.94 19.57 25.64
CA GLU D 165 16.31 20.99 25.56
C GLU D 165 16.91 21.46 24.23
N ASN D 166 16.36 20.97 23.11
CA ASN D 166 16.55 21.49 21.73
C ASN D 166 17.90 22.11 21.26
N LYS D 167 18.46 23.03 22.06
CA LYS D 167 19.66 23.82 21.70
C LYS D 167 20.98 23.05 21.51
N ASN D 168 21.11 21.88 22.14
CA ASN D 168 22.32 21.06 22.00
C ASN D 168 22.29 20.23 20.71
N LYS D 169 23.07 19.15 20.69
CA LYS D 169 23.11 18.22 19.57
C LYS D 169 22.66 16.85 20.06
N GLY D 170 22.06 16.07 19.18
CA GLY D 170 21.67 14.70 19.51
C GLY D 170 22.78 13.71 19.24
N TYR D 171 22.48 12.42 19.40
CA TYR D 171 23.46 11.36 19.16
C TYR D 171 22.83 10.10 18.60
N LEU D 172 23.52 9.50 17.63
CA LEU D 172 23.19 8.18 17.13
C LEU D 172 24.24 7.22 17.65
N THR D 173 23.80 6.22 18.42
CA THR D 173 24.71 5.28 19.05
C THR D 173 24.52 3.92 18.41
N ILE D 174 25.64 3.24 18.17
CA ILE D 174 25.66 1.93 17.51
C ILE D 174 26.39 0.89 18.33
N GLY D 175 25.73 -0.26 18.53
CA GLY D 175 26.36 -1.41 19.18
C GLY D 175 26.00 -1.65 20.63
N GLY D 176 25.17 -0.77 21.18
CA GLY D 176 24.76 -0.90 22.58
C GLY D 176 23.91 0.22 23.11
N ILE D 177 23.39 0.01 24.31
CA ILE D 177 22.45 0.93 24.94
C ILE D 177 23.12 1.69 26.09
N GLU D 178 23.58 2.90 25.76
CA GLU D 178 24.22 3.80 26.72
C GLU D 178 23.20 4.26 27.75
N GLU D 179 23.48 3.97 29.01
CA GLU D 179 22.60 4.29 30.12
C GLU D 179 22.41 5.80 30.32
N ARG D 180 23.43 6.55 29.91
CA ARG D 180 23.56 7.98 30.17
C ARG D 180 22.43 8.83 29.59
N PHE D 181 21.58 8.22 28.76
CA PHE D 181 20.60 8.95 27.96
C PHE D 181 19.15 8.96 28.46
N PHE D 182 18.80 8.03 29.35
CA PHE D 182 17.40 7.88 29.78
C PHE D 182 17.13 7.67 31.29
N ASP D 183 15.86 7.84 31.67
CA ASP D 183 15.36 7.60 33.03
C ASP D 183 14.29 6.50 33.06
N GLY D 184 14.36 5.66 34.10
CA GLY D 184 13.38 4.60 34.30
C GLY D 184 13.53 3.38 33.41
N PRO D 185 12.47 2.55 33.33
CA PRO D 185 12.50 1.31 32.55
C PRO D 185 12.43 1.56 31.05
N LEU D 186 13.11 0.71 30.30
CA LEU D 186 13.17 0.81 28.85
C LEU D 186 12.17 -0.18 28.23
N ASN D 187 10.98 0.30 27.93
CA ASN D 187 9.90 -0.55 27.43
C ASN D 187 10.11 -0.95 25.98
N TYR D 188 9.82 -2.22 25.68
CA TYR D 188 10.01 -2.78 24.35
C TYR D 188 8.71 -3.15 23.68
N GLU D 189 8.60 -2.82 22.40
CA GLU D 189 7.38 -3.06 21.64
C GLU D 189 7.70 -3.86 20.39
N LYS D 190 6.82 -4.80 20.06
CA LYS D 190 6.98 -5.67 18.89
C LYS D 190 6.68 -4.95 17.58
N LEU D 191 7.59 -5.07 16.63
CA LEU D 191 7.37 -4.54 15.28
C LEU D 191 6.22 -5.27 14.59
N ASN D 192 5.40 -4.55 13.84
CA ASN D 192 4.31 -5.18 13.09
C ASN D 192 4.74 -5.68 11.70
N HIS D 193 5.88 -5.17 11.23
CA HIS D 193 6.51 -5.60 9.99
C HIS D 193 8.02 -5.35 10.07
N ASP D 194 8.81 -6.16 9.36
CA ASP D 194 10.24 -5.95 9.29
C ASP D 194 10.57 -5.14 8.03
N LEU D 195 10.18 -3.87 8.06
CA LEU D 195 10.09 -3.02 6.89
C LEU D 195 10.58 -1.61 7.25
N MET D 196 9.69 -0.80 7.79
CA MET D 196 10.08 0.42 8.48
C MET D 196 10.11 0.05 9.96
N TRP D 197 10.43 0.99 10.83
CA TRP D 197 10.33 0.72 12.26
C TRP D 197 8.95 1.08 12.73
N GLN D 198 8.02 0.16 12.51
CA GLN D 198 6.59 0.37 12.69
C GLN D 198 5.99 -0.61 13.69
N VAL D 199 4.98 -0.16 14.43
CA VAL D 199 4.46 -0.89 15.58
C VAL D 199 2.97 -0.58 15.84
N ASP D 200 2.20 -1.61 16.21
CA ASP D 200 0.76 -1.48 16.51
C ASP D 200 0.52 -0.71 17.80
N LEU D 201 -0.27 0.35 17.73
CA LEU D 201 -0.64 1.15 18.91
C LEU D 201 -2.04 1.70 18.80
N ASP D 202 -2.78 1.68 19.90
CA ASP D 202 -4.05 2.39 20.00
C ASP D 202 -3.73 3.84 20.27
N VAL D 203 -4.36 4.73 19.52
CA VAL D 203 -4.04 6.14 19.62
C VAL D 203 -5.30 6.98 19.88
N HIS D 204 -5.23 7.79 20.94
CA HIS D 204 -6.31 8.68 21.35
C HIS D 204 -5.81 10.11 21.42
N PHE D 205 -6.57 11.05 20.87
CA PHE D 205 -6.28 12.46 21.07
C PHE D 205 -7.35 13.06 21.99
N GLY D 206 -8.48 13.44 21.44
CA GLY D 206 -9.59 13.83 22.28
C GLY D 206 -10.41 12.61 22.62
N ASN D 207 -11.71 12.70 22.38
CA ASN D 207 -12.56 11.53 22.31
C ASN D 207 -12.32 10.82 21.00
N VAL D 208 -11.66 11.52 20.07
CA VAL D 208 -11.23 10.92 18.81
C VAL D 208 -10.08 9.92 19.03
N SER D 209 -10.34 8.67 18.65
CA SER D 209 -9.37 7.59 18.82
C SER D 209 -9.36 6.60 17.65
N SER D 210 -8.25 5.91 17.51
CA SER D 210 -8.05 4.94 16.45
C SER D 210 -7.35 3.70 17.01
N LYS D 211 -8.01 2.55 16.88
CA LYS D 211 -7.47 1.30 17.45
C LYS D 211 -6.63 0.51 16.45
N LYS D 212 -5.61 -0.19 16.96
CA LYS D 212 -4.65 -0.97 16.17
C LYS D 212 -4.07 -0.22 14.97
N ALA D 213 -3.51 0.96 15.25
CA ALA D 213 -2.93 1.80 14.21
C ALA D 213 -1.47 1.48 13.92
N ASN D 214 -1.11 1.61 12.63
CA ASN D 214 0.28 1.46 12.20
C ASN D 214 1.07 2.76 12.40
N VAL D 215 1.87 2.82 13.46
CA VAL D 215 2.66 4.02 13.69
C VAL D 215 4.14 3.80 13.39
N ILE D 216 4.71 4.68 12.58
CA ILE D 216 6.06 4.52 12.08
C ILE D 216 6.96 5.52 12.77
N LEU D 217 8.18 5.11 13.11
CA LEU D 217 9.16 6.06 13.65
C LEU D 217 10.01 6.64 12.52
N ASP D 218 10.04 7.96 12.40
CA ASP D 218 10.72 8.59 11.27
C ASP D 218 11.56 9.74 11.77
N SER D 219 12.87 9.59 11.64
CA SER D 219 13.81 10.60 12.09
C SER D 219 13.86 11.82 11.17
N ALA D 220 13.36 11.70 9.95
CA ALA D 220 13.42 12.79 8.98
C ALA D 220 12.23 13.73 9.00
N THR D 221 11.34 13.50 9.96
CA THR D 221 10.14 14.33 10.09
C THR D 221 10.24 15.23 11.31
N SER D 222 9.88 16.50 11.14
CA SER D 222 9.93 17.46 12.24
C SER D 222 8.58 17.52 12.97
N VAL D 223 7.67 16.65 12.58
CA VAL D 223 6.27 16.81 12.88
C VAL D 223 5.61 15.49 13.36
N ILE D 224 4.43 15.59 13.97
CA ILE D 224 3.61 14.40 14.27
C ILE D 224 2.57 14.29 13.16
N THR D 225 2.29 13.07 12.75
CA THR D 225 1.39 12.83 11.63
C THR D 225 0.16 12.05 12.04
N VAL D 226 -0.95 12.40 11.42
CA VAL D 226 -2.27 11.89 11.73
C VAL D 226 -3.05 11.86 10.41
N PRO D 227 -3.88 10.81 10.20
CA PRO D 227 -4.75 10.80 9.01
C PRO D 227 -5.70 11.99 8.97
N THR D 228 -6.06 12.42 7.75
CA THR D 228 -6.86 13.64 7.54
C THR D 228 -8.17 13.60 8.31
N GLU D 229 -8.81 12.44 8.34
CA GLU D 229 -10.06 12.28 9.09
C GLU D 229 -9.80 12.51 10.59
N PHE D 230 -8.79 11.84 11.11
CA PHE D 230 -8.41 11.98 12.51
C PHE D 230 -8.05 13.43 12.86
N PHE D 231 -7.51 14.15 11.88
CA PHE D 231 -7.09 15.54 12.07
C PHE D 231 -8.28 16.52 12.11
N ASN D 232 -9.20 16.38 11.16
CA ASN D 232 -10.38 17.26 11.08
C ASN D 232 -11.27 17.14 12.30
N GLN D 233 -11.32 15.93 12.87
CA GLN D 233 -12.07 15.69 14.11
C GLN D 233 -11.37 16.32 15.31
N PHE D 234 -10.04 16.32 15.25
CA PHE D 234 -9.21 16.92 16.29
C PHE D 234 -9.34 18.45 16.27
N VAL D 235 -8.97 19.04 15.13
CA VAL D 235 -8.97 20.50 14.94
C VAL D 235 -10.35 21.09 15.18
N GLU D 236 -11.38 20.37 14.74
CA GLU D 236 -12.75 20.70 15.06
C GLU D 236 -12.95 20.61 16.57
N SER D 237 -13.56 21.65 17.14
CA SER D 237 -13.84 21.72 18.57
C SER D 237 -12.60 21.47 19.47
N ALA D 238 -11.47 22.04 19.07
CA ALA D 238 -10.26 22.17 19.92
C ALA D 238 -9.79 23.64 19.90
N SER D 239 -10.55 24.47 19.19
CA SER D 239 -10.22 25.89 18.97
C SER D 239 -8.75 26.14 18.58
N VAL D 240 -8.21 25.26 17.75
CA VAL D 240 -7.05 25.58 16.94
C VAL D 240 -7.53 26.51 15.81
N PHE D 241 -6.65 27.40 15.36
CA PHE D 241 -7.01 28.35 14.31
C PHE D 241 -6.24 28.17 13.00
N LYS D 242 -6.95 27.70 11.99
CA LYS D 242 -6.48 27.69 10.61
C LYS D 242 -6.55 29.14 10.14
N VAL D 243 -5.49 29.60 9.49
CA VAL D 243 -5.38 31.00 9.11
C VAL D 243 -4.57 31.23 7.81
N PRO D 244 -3.65 30.30 7.49
CA PRO D 244 -2.40 30.48 6.75
C PRO D 244 -2.37 31.11 5.35
N PHE D 245 -1.16 31.58 5.03
CA PHE D 245 -0.58 31.61 3.70
C PHE D 245 -0.22 30.15 3.37
N LEU D 246 0.23 29.40 4.39
CA LEU D 246 0.77 28.04 4.24
C LEU D 246 0.61 27.16 5.50
N SER D 247 -0.52 26.44 5.61
CA SER D 247 -0.71 25.39 6.65
C SER D 247 -0.72 25.83 8.15
N LEU D 248 0.40 25.61 8.83
CA LEU D 248 0.63 26.01 10.24
C LEU D 248 0.40 24.92 11.36
N TYR D 249 -0.63 24.98 12.23
CA TYR D 249 -1.67 26.01 12.41
C TYR D 249 -1.27 26.77 13.67
N VAL D 250 -2.15 27.60 14.22
CA VAL D 250 -1.77 28.47 15.34
C VAL D 250 -2.70 28.35 16.56
N THR D 251 -2.12 28.49 17.75
CA THR D 251 -2.89 28.45 19.02
C THR D 251 -2.16 29.12 20.19
N THR D 252 -2.84 29.16 21.34
CA THR D 252 -2.31 29.67 22.60
C THR D 252 -1.29 28.66 23.16
N CYS D 253 -0.25 29.15 23.84
CA CYS D 253 0.78 28.26 24.43
C CYS D 253 0.34 27.60 25.73
N GLY D 254 -0.17 28.40 26.66
CA GLY D 254 -0.85 27.85 27.82
C GLY D 254 -2.32 27.60 27.51
N ASN D 255 -2.57 26.84 26.44
CA ASN D 255 -3.93 26.48 26.02
C ASN D 255 -4.45 25.25 26.78
N THR D 256 -5.40 25.52 27.67
CA THR D 256 -6.00 24.49 28.51
C THR D 256 -7.31 24.02 27.89
N LYS D 257 -7.18 23.40 26.71
CA LYS D 257 -8.29 22.79 25.99
C LYS D 257 -7.68 21.72 25.10
N LEU D 258 -6.37 21.79 24.94
CA LEU D 258 -5.67 20.88 24.06
C LEU D 258 -5.43 19.57 24.80
N PRO D 259 -5.64 18.44 24.13
CA PRO D 259 -5.53 17.16 24.82
C PRO D 259 -4.10 16.67 24.85
N THR D 260 -3.83 15.73 25.76
CA THR D 260 -2.61 14.95 25.73
C THR D 260 -2.75 13.89 24.65
N LEU D 261 -1.69 13.67 23.89
CA LEU D 261 -1.61 12.58 22.92
C LEU D 261 -1.23 11.24 23.59
N GLU D 262 -2.06 10.22 23.37
CA GLU D 262 -1.77 8.88 23.92
C GLU D 262 -1.60 7.84 22.81
N TYR D 263 -0.42 7.26 22.75
CA TYR D 263 -0.19 6.04 21.96
C TYR D 263 -0.04 4.89 22.96
N ARG D 264 -1.09 4.07 23.10
CA ARG D 264 -1.07 2.98 24.08
C ARG D 264 -0.84 1.60 23.49
N SER D 265 0.17 0.92 24.04
CA SER D 265 0.42 -0.51 23.80
C SER D 265 -0.21 -1.31 24.92
N PRO D 266 -0.20 -2.65 24.81
CA PRO D 266 -0.66 -3.47 25.93
C PRO D 266 0.09 -3.28 27.28
N ASN D 267 1.32 -2.76 27.27
CA ASN D 267 2.11 -2.57 28.51
C ASN D 267 2.32 -1.14 28.99
N LYS D 268 2.72 -0.25 28.08
CA LYS D 268 2.99 1.16 28.39
C LYS D 268 2.13 2.04 27.52
N VAL D 269 1.83 3.24 28.02
CA VAL D 269 1.25 4.27 27.19
C VAL D 269 2.27 5.40 27.05
N TYR D 270 2.54 5.78 25.81
CA TYR D 270 3.47 6.86 25.47
C TYR D 270 2.66 8.09 25.19
N THR D 271 2.92 9.16 25.96
CA THR D 271 2.09 10.35 25.91
C THR D 271 2.82 11.60 25.41
N LEU D 272 2.08 12.48 24.71
CA LEU D 272 2.58 13.79 24.29
C LEU D 272 1.74 14.96 24.80
N GLU D 273 2.31 15.70 25.75
CA GLU D 273 1.66 16.88 26.35
C GLU D 273 1.69 18.04 25.37
N PRO D 274 0.67 18.92 25.41
CA PRO D 274 0.62 20.09 24.54
C PRO D 274 1.97 20.78 24.45
N LYS D 275 2.68 20.88 25.57
CA LYS D 275 3.94 21.60 25.63
C LYS D 275 5.00 21.01 24.72
N GLN D 276 4.77 19.80 24.23
CA GLN D 276 5.75 19.06 23.44
C GLN D 276 5.43 19.01 21.96
N TYR D 277 4.16 19.24 21.62
CA TYR D 277 3.76 19.33 20.21
C TYR D 277 3.39 20.75 19.78
N LEU D 278 3.81 21.73 20.56
CA LEU D 278 3.64 23.13 20.25
C LEU D 278 5.01 23.77 20.12
N GLU D 279 5.11 24.79 19.26
CA GLU D 279 6.34 25.53 19.05
C GLU D 279 6.13 27.04 19.09
N PRO D 280 6.84 27.76 20.00
CA PRO D 280 6.63 29.20 20.18
C PRO D 280 6.97 29.97 18.91
N LEU D 281 6.21 31.02 18.59
CA LEU D 281 6.38 31.81 17.34
C LEU D 281 7.09 33.19 17.39
N GLU D 282 7.18 33.82 18.54
CA GLU D 282 7.74 35.18 18.63
C GLU D 282 9.04 35.22 19.42
N ASN D 283 9.43 36.45 19.73
CA ASN D 283 10.37 36.78 20.78
C ASN D 283 9.84 37.94 21.62
N ILE D 284 8.82 38.64 21.12
CA ILE D 284 8.01 39.59 21.89
C ILE D 284 6.63 38.97 22.09
N PHE D 285 6.14 38.95 23.34
CA PHE D 285 5.01 38.09 23.73
C PHE D 285 5.62 36.81 24.39
N SER D 286 4.91 35.69 24.55
CA SER D 286 3.50 35.49 24.18
C SER D 286 2.90 34.24 24.79
N ALA D 287 1.71 33.95 24.27
CA ALA D 287 1.10 32.64 24.36
C ALA D 287 0.77 32.11 22.96
N LEU D 288 1.39 32.68 21.92
CA LEU D 288 1.14 32.22 20.53
C LEU D 288 2.14 31.17 20.07
N CYS D 289 1.60 30.07 19.56
CA CYS D 289 2.37 28.85 19.34
C CYS D 289 1.96 28.18 18.02
N MET D 290 2.87 27.38 17.48
CA MET D 290 2.66 26.67 16.21
C MET D 290 2.42 25.20 16.45
N LEU D 291 1.37 24.66 15.84
CA LEU D 291 0.95 23.28 16.08
C LEU D 291 1.73 22.28 15.24
N ASN D 292 2.60 21.49 15.88
CA ASN D 292 3.43 20.49 15.19
C ASN D 292 2.68 19.23 14.78
N ILE D 293 1.42 19.36 14.42
CA ILE D 293 0.66 18.20 13.95
C ILE D 293 0.19 18.45 12.54
N VAL D 294 0.52 17.55 11.64
CA VAL D 294 0.18 17.74 10.25
C VAL D 294 -0.73 16.61 9.77
N PRO D 295 -1.78 16.93 8.99
CA PRO D 295 -2.59 15.89 8.38
C PRO D 295 -1.92 15.32 7.13
N ILE D 296 -1.75 14.00 7.12
CA ILE D 296 -1.18 13.24 6.01
C ILE D 296 -1.78 11.83 6.03
N ASP D 297 -2.20 11.35 4.86
CA ASP D 297 -2.56 9.95 4.68
C ASP D 297 -1.52 9.28 3.79
N LEU D 298 -0.63 8.51 4.40
CA LEU D 298 0.33 7.71 3.62
C LEU D 298 -0.40 6.45 3.18
N GLU D 299 -0.56 5.55 4.14
CA GLU D 299 -1.15 4.26 3.91
C GLU D 299 -2.31 4.13 4.87
N LYS D 300 -3.35 3.40 4.46
CA LYS D 300 -4.52 3.14 5.32
C LYS D 300 -4.13 3.02 6.80
N ASN D 301 -4.60 3.98 7.60
CA ASN D 301 -4.49 3.98 9.07
C ASN D 301 -3.07 4.10 9.64
N THR D 302 -2.32 5.12 9.20
CA THR D 302 -0.91 5.27 9.56
C THR D 302 -0.59 6.59 10.24
N PHE D 303 0.21 6.51 11.31
CA PHE D 303 0.66 7.65 12.08
C PHE D 303 2.18 7.74 12.03
N VAL D 304 2.73 8.94 12.02
CA VAL D 304 4.17 9.11 12.01
C VAL D 304 4.65 9.86 13.26
N LEU D 305 5.61 9.25 13.95
CA LEU D 305 6.23 9.88 15.08
C LEU D 305 7.58 10.44 14.67
N GLY D 306 7.66 11.76 14.58
CA GLY D 306 8.90 12.45 14.24
C GLY D 306 9.57 12.99 15.50
N ASP D 307 10.37 14.04 15.33
CA ASP D 307 11.16 14.59 16.43
C ASP D 307 10.37 14.97 17.69
N PRO D 308 9.25 15.70 17.56
CA PRO D 308 8.48 16.03 18.76
C PRO D 308 8.35 14.86 19.74
N PHE D 309 8.18 13.65 19.20
CA PHE D 309 8.08 12.43 19.99
C PHE D 309 9.44 11.93 20.45
N MET D 310 10.41 11.99 19.55
CA MET D 310 11.75 11.51 19.84
C MET D 310 12.48 12.42 20.81
N ARG D 311 12.00 13.64 20.93
CA ARG D 311 12.60 14.59 21.83
C ARG D 311 12.23 14.28 23.29
N LYS D 312 11.10 13.59 23.47
CA LYS D 312 10.66 13.16 24.79
C LYS D 312 11.19 11.77 25.10
N TYR D 313 11.22 10.90 24.09
CA TYR D 313 11.65 9.52 24.26
C TYR D 313 12.96 9.18 23.57
N PHE D 314 13.87 8.63 24.37
CA PHE D 314 15.03 7.90 23.87
C PHE D 314 14.45 6.68 23.17
N THR D 315 15.03 6.34 22.02
CA THR D 315 14.49 5.25 21.21
C THR D 315 15.57 4.24 20.86
N VAL D 316 15.24 2.96 21.00
CA VAL D 316 16.18 1.88 20.71
C VAL D 316 15.65 1.03 19.56
N TYR D 317 16.51 0.76 18.59
CA TYR D 317 16.11 0.02 17.40
C TYR D 317 16.86 -1.30 17.34
N ASP D 318 16.14 -2.38 17.68
CA ASP D 318 16.74 -3.69 17.89
C ASP D 318 16.47 -4.62 16.72
N TYR D 319 17.50 -4.82 15.88
CA TYR D 319 17.38 -5.71 14.73
C TYR D 319 17.24 -7.18 15.15
N ASP D 320 18.01 -7.57 16.17
CA ASP D 320 18.09 -8.95 16.61
C ASP D 320 16.79 -9.51 17.18
N ASN D 321 16.12 -8.72 18.01
CA ASN D 321 14.88 -9.14 18.66
C ASN D 321 13.60 -8.60 18.02
N HIS D 322 13.74 -7.85 16.92
CA HIS D 322 12.63 -7.27 16.16
C HIS D 322 11.74 -6.41 17.04
N THR D 323 12.36 -5.46 17.74
CA THR D 323 11.64 -4.57 18.68
C THR D 323 12.09 -3.12 18.58
N VAL D 324 11.31 -2.23 19.17
CA VAL D 324 11.67 -0.83 19.32
C VAL D 324 11.58 -0.53 20.81
N GLY D 325 12.63 0.07 21.37
CA GLY D 325 12.65 0.41 22.80
C GLY D 325 12.34 1.88 23.07
N PHE D 326 11.62 2.14 24.17
CA PHE D 326 11.29 3.51 24.57
C PHE D 326 11.57 3.76 26.06
N ALA D 327 12.06 4.96 26.37
CA ALA D 327 12.24 5.45 27.73
C ALA D 327 12.28 6.98 27.70
N LEU D 328 11.94 7.63 28.82
CA LEU D 328 12.04 9.08 28.96
C LEU D 328 13.50 9.55 28.86
N ALA D 329 13.76 10.61 28.12
CA ALA D 329 15.14 11.08 27.89
C ALA D 329 15.68 11.92 29.04
N LYS D 330 17.00 11.90 29.22
CA LYS D 330 17.69 12.66 30.26
C LYS D 330 18.13 14.01 29.74
N ASN D 331 18.65 14.84 30.63
CA ASN D 331 19.09 16.21 30.31
C ASN D 331 17.90 17.09 29.90
#